data_2NSA
# 
_entry.id   2NSA 
# 
_audit_conform.dict_name       mmcif_pdbx.dic 
_audit_conform.dict_version    5.399 
_audit_conform.dict_location   http://mmcif.pdb.org/dictionaries/ascii/mmcif_pdbx.dic 
# 
loop_
_database_2.database_id 
_database_2.database_code 
_database_2.pdbx_database_accession 
_database_2.pdbx_DOI 
PDB   2NSA         pdb_00002nsa 10.2210/pdb2nsa/pdb 
RCSB  RCSB040241   ?            ?                   
WWPDB D_1000040241 ?            ?                   
# 
loop_
_pdbx_audit_revision_history.ordinal 
_pdbx_audit_revision_history.data_content_type 
_pdbx_audit_revision_history.major_revision 
_pdbx_audit_revision_history.minor_revision 
_pdbx_audit_revision_history.revision_date 
1 'Structure model' 1 0 2007-03-27 
2 'Structure model' 1 1 2008-05-01 
3 'Structure model' 1 2 2011-07-13 
4 'Structure model' 1 3 2023-12-27 
5 'Structure model' 1 4 2024-11-20 
# 
_pdbx_audit_revision_details.ordinal             1 
_pdbx_audit_revision_details.revision_ordinal    1 
_pdbx_audit_revision_details.data_content_type   'Structure model' 
_pdbx_audit_revision_details.provider            repository 
_pdbx_audit_revision_details.type                'Initial release' 
_pdbx_audit_revision_details.description         ? 
_pdbx_audit_revision_details.details             ? 
# 
loop_
_pdbx_audit_revision_group.ordinal 
_pdbx_audit_revision_group.revision_ordinal 
_pdbx_audit_revision_group.data_content_type 
_pdbx_audit_revision_group.group 
1 2 'Structure model' 'Version format compliance' 
2 3 'Structure model' 'Derived calculations'      
3 3 'Structure model' 'Version format compliance' 
4 4 'Structure model' 'Data collection'           
5 4 'Structure model' 'Database references'       
6 4 'Structure model' 'Derived calculations'      
7 5 'Structure model' 'Structure summary'         
# 
loop_
_pdbx_audit_revision_category.ordinal 
_pdbx_audit_revision_category.revision_ordinal 
_pdbx_audit_revision_category.data_content_type 
_pdbx_audit_revision_category.category 
1 4 'Structure model' chem_comp_atom            
2 4 'Structure model' chem_comp_bond            
3 4 'Structure model' database_2                
4 4 'Structure model' struct_conn               
5 4 'Structure model' struct_ref_seq_dif        
6 4 'Structure model' struct_site               
7 5 'Structure model' pdbx_entry_details        
8 5 'Structure model' pdbx_modification_feature 
# 
loop_
_pdbx_audit_revision_item.ordinal 
_pdbx_audit_revision_item.revision_ordinal 
_pdbx_audit_revision_item.data_content_type 
_pdbx_audit_revision_item.item 
1 4 'Structure model' '_database_2.pdbx_DOI'                
2 4 'Structure model' '_database_2.pdbx_database_accession' 
3 4 'Structure model' '_struct_conn.pdbx_leaving_atom_flag' 
4 4 'Structure model' '_struct_ref_seq_dif.details'         
5 4 'Structure model' '_struct_site.pdbx_auth_asym_id'      
6 4 'Structure model' '_struct_site.pdbx_auth_comp_id'      
7 4 'Structure model' '_struct_site.pdbx_auth_seq_id'       
# 
_pdbx_database_status.entry_id                        2NSA 
_pdbx_database_status.deposit_site                    RCSB 
_pdbx_database_status.process_site                    RCSB 
_pdbx_database_status.recvd_initial_deposition_date   2006-11-03 
_pdbx_database_status.status_code                     REL 
_pdbx_database_status.status_code_sf                  REL 
_pdbx_database_status.status_code_mr                  ? 
_pdbx_database_status.SG_entry                        ? 
_pdbx_database_status.pdb_format_compatible           Y 
_pdbx_database_status.status_code_cs                  ? 
_pdbx_database_status.status_code_nmr_data            ? 
_pdbx_database_status.methods_development_category    ? 
# 
loop_
_audit_author.name 
_audit_author.pdbx_ordinal 
'Martinez-Hackert, E.' 1 
'Hendrickson, W.A.'    2 
# 
_citation.id                        primary 
_citation.title                     'Structures of and interactions between domains of trigger factor from Thermotoga maritima.' 
_citation.journal_abbrev            'Acta Crystallogr.,Sect.D' 
_citation.journal_volume            63 
_citation.page_first                536 
_citation.page_last                 547 
_citation.year                      2007 
_citation.journal_id_ASTM           ABCRE6 
_citation.country                   DK 
_citation.journal_id_ISSN           0907-4449 
_citation.journal_id_CSD            0766 
_citation.book_publisher            ? 
_citation.pdbx_database_id_PubMed   17372359 
_citation.pdbx_database_id_DOI      10.1107/S090744490700964X 
# 
loop_
_citation_author.citation_id 
_citation_author.name 
_citation_author.ordinal 
_citation_author.identifier_ORCID 
primary 'Martinez-Hackert, E.' 1 ? 
primary 'Hendrickson, W.A.'    2 ? 
# 
loop_
_entity.id 
_entity.type 
_entity.src_method 
_entity.pdbx_description 
_entity.formula_weight 
_entity.pdbx_number_of_molecules 
_entity.pdbx_ec 
_entity.pdbx_mutation 
_entity.pdbx_fragment 
_entity.details 
1 polymer     man 'Trigger factor' 20451.889 1   ? ? ? ? 
2 non-polymer syn 'SULFATE ION'    96.063    3   ? ? ? ? 
3 water       nat water            18.015    208 ? ? ? ? 
# 
_entity_name_com.entity_id   1 
_entity_name_com.name        TF 
# 
_entity_poly.entity_id                      1 
_entity_poly.type                           'polypeptide(L)' 
_entity_poly.nstd_linkage                   no 
_entity_poly.nstd_monomer                   yes 
_entity_poly.pdbx_seq_one_letter_code       
;GEFETLEQLKESLKKEGKEIYDVE(MSE)KES(MSE)REQLLEKLPEIVEIEISDRTLEILVNEAINRLKREGRYEQIVS
SYESEEKFREELKERILDDIKRDRVIEVLAQEKGISVNDEELEKEAEELAPFWGISPDRAKSLVKARQDLREELRWAILK
RKVLDLLLQEVEHHHHHH
;
_entity_poly.pdbx_seq_one_letter_code_can   
;GEFETLEQLKESLKKEGKEIYDVEMKESMREQLLEKLPEIVEIEISDRTLEILVNEAINRLKREGRYEQIVSSYESEEKF
REELKERILDDIKRDRVIEVLAQEKGISVNDEELEKEAEELAPFWGISPDRAKSLVKARQDLREELRWAILKRKVLDLLL
QEVEHHHHHH
;
_entity_poly.pdbx_strand_id                 A 
_entity_poly.pdbx_target_identifier         ? 
# 
loop_
_pdbx_entity_nonpoly.entity_id 
_pdbx_entity_nonpoly.name 
_pdbx_entity_nonpoly.comp_id 
2 'SULFATE ION' SO4 
3 water         HOH 
# 
loop_
_entity_poly_seq.entity_id 
_entity_poly_seq.num 
_entity_poly_seq.mon_id 
_entity_poly_seq.hetero 
1 1   GLY n 
1 2   GLU n 
1 3   PHE n 
1 4   GLU n 
1 5   THR n 
1 6   LEU n 
1 7   GLU n 
1 8   GLN n 
1 9   LEU n 
1 10  LYS n 
1 11  GLU n 
1 12  SER n 
1 13  LEU n 
1 14  LYS n 
1 15  LYS n 
1 16  GLU n 
1 17  GLY n 
1 18  LYS n 
1 19  GLU n 
1 20  ILE n 
1 21  TYR n 
1 22  ASP n 
1 23  VAL n 
1 24  GLU n 
1 25  MSE n 
1 26  LYS n 
1 27  GLU n 
1 28  SER n 
1 29  MSE n 
1 30  ARG n 
1 31  GLU n 
1 32  GLN n 
1 33  LEU n 
1 34  LEU n 
1 35  GLU n 
1 36  LYS n 
1 37  LEU n 
1 38  PRO n 
1 39  GLU n 
1 40  ILE n 
1 41  VAL n 
1 42  GLU n 
1 43  ILE n 
1 44  GLU n 
1 45  ILE n 
1 46  SER n 
1 47  ASP n 
1 48  ARG n 
1 49  THR n 
1 50  LEU n 
1 51  GLU n 
1 52  ILE n 
1 53  LEU n 
1 54  VAL n 
1 55  ASN n 
1 56  GLU n 
1 57  ALA n 
1 58  ILE n 
1 59  ASN n 
1 60  ARG n 
1 61  LEU n 
1 62  LYS n 
1 63  ARG n 
1 64  GLU n 
1 65  GLY n 
1 66  ARG n 
1 67  TYR n 
1 68  GLU n 
1 69  GLN n 
1 70  ILE n 
1 71  VAL n 
1 72  SER n 
1 73  SER n 
1 74  TYR n 
1 75  GLU n 
1 76  SER n 
1 77  GLU n 
1 78  GLU n 
1 79  LYS n 
1 80  PHE n 
1 81  ARG n 
1 82  GLU n 
1 83  GLU n 
1 84  LEU n 
1 85  LYS n 
1 86  GLU n 
1 87  ARG n 
1 88  ILE n 
1 89  LEU n 
1 90  ASP n 
1 91  ASP n 
1 92  ILE n 
1 93  LYS n 
1 94  ARG n 
1 95  ASP n 
1 96  ARG n 
1 97  VAL n 
1 98  ILE n 
1 99  GLU n 
1 100 VAL n 
1 101 LEU n 
1 102 ALA n 
1 103 GLN n 
1 104 GLU n 
1 105 LYS n 
1 106 GLY n 
1 107 ILE n 
1 108 SER n 
1 109 VAL n 
1 110 ASN n 
1 111 ASP n 
1 112 GLU n 
1 113 GLU n 
1 114 LEU n 
1 115 GLU n 
1 116 LYS n 
1 117 GLU n 
1 118 ALA n 
1 119 GLU n 
1 120 GLU n 
1 121 LEU n 
1 122 ALA n 
1 123 PRO n 
1 124 PHE n 
1 125 TRP n 
1 126 GLY n 
1 127 ILE n 
1 128 SER n 
1 129 PRO n 
1 130 ASP n 
1 131 ARG n 
1 132 ALA n 
1 133 LYS n 
1 134 SER n 
1 135 LEU n 
1 136 VAL n 
1 137 LYS n 
1 138 ALA n 
1 139 ARG n 
1 140 GLN n 
1 141 ASP n 
1 142 LEU n 
1 143 ARG n 
1 144 GLU n 
1 145 GLU n 
1 146 LEU n 
1 147 ARG n 
1 148 TRP n 
1 149 ALA n 
1 150 ILE n 
1 151 LEU n 
1 152 LYS n 
1 153 ARG n 
1 154 LYS n 
1 155 VAL n 
1 156 LEU n 
1 157 ASP n 
1 158 LEU n 
1 159 LEU n 
1 160 LEU n 
1 161 GLN n 
1 162 GLU n 
1 163 VAL n 
1 164 GLU n 
1 165 HIS n 
1 166 HIS n 
1 167 HIS n 
1 168 HIS n 
1 169 HIS n 
1 170 HIS n 
# 
_entity_src_gen.entity_id                          1 
_entity_src_gen.pdbx_src_id                        1 
_entity_src_gen.pdbx_alt_source_flag               sample 
_entity_src_gen.pdbx_seq_type                      ? 
_entity_src_gen.pdbx_beg_seq_num                   ? 
_entity_src_gen.pdbx_end_seq_num                   ? 
_entity_src_gen.gene_src_common_name               ? 
_entity_src_gen.gene_src_genus                     Thermotoga 
_entity_src_gen.pdbx_gene_src_gene                 tig 
_entity_src_gen.gene_src_species                   ? 
_entity_src_gen.gene_src_strain                    ? 
_entity_src_gen.gene_src_tissue                    ? 
_entity_src_gen.gene_src_tissue_fraction           ? 
_entity_src_gen.gene_src_details                   ? 
_entity_src_gen.pdbx_gene_src_fragment             ? 
_entity_src_gen.pdbx_gene_src_scientific_name      'Thermotoga maritima' 
_entity_src_gen.pdbx_gene_src_ncbi_taxonomy_id     2336 
_entity_src_gen.pdbx_gene_src_variant              ? 
_entity_src_gen.pdbx_gene_src_cell_line            ? 
_entity_src_gen.pdbx_gene_src_atcc                 ? 
_entity_src_gen.pdbx_gene_src_organ                ? 
_entity_src_gen.pdbx_gene_src_organelle            ? 
_entity_src_gen.pdbx_gene_src_cell                 ? 
_entity_src_gen.pdbx_gene_src_cellular_location    ? 
_entity_src_gen.host_org_common_name               ? 
_entity_src_gen.pdbx_host_org_scientific_name      'Escherichia coli' 
_entity_src_gen.pdbx_host_org_ncbi_taxonomy_id     562 
_entity_src_gen.host_org_genus                     Escherichia 
_entity_src_gen.pdbx_host_org_gene                 ? 
_entity_src_gen.pdbx_host_org_organ                ? 
_entity_src_gen.host_org_species                   ? 
_entity_src_gen.pdbx_host_org_tissue               ? 
_entity_src_gen.pdbx_host_org_tissue_fraction      ? 
_entity_src_gen.pdbx_host_org_strain               'RIL codon-plus' 
_entity_src_gen.pdbx_host_org_variant              ? 
_entity_src_gen.pdbx_host_org_cell_line            ? 
_entity_src_gen.pdbx_host_org_atcc                 ? 
_entity_src_gen.pdbx_host_org_culture_collection   ? 
_entity_src_gen.pdbx_host_org_cell                 ? 
_entity_src_gen.pdbx_host_org_organelle            ? 
_entity_src_gen.pdbx_host_org_cellular_location    ? 
_entity_src_gen.pdbx_host_org_vector_type          Plasmid 
_entity_src_gen.pdbx_host_org_vector               ? 
_entity_src_gen.host_org_details                   ? 
_entity_src_gen.expression_system_id               ? 
_entity_src_gen.plasmid_name                       pet24d 
_entity_src_gen.plasmid_details                    ? 
_entity_src_gen.pdbx_description                   ? 
# 
loop_
_chem_comp.id 
_chem_comp.type 
_chem_comp.mon_nstd_flag 
_chem_comp.name 
_chem_comp.pdbx_synonyms 
_chem_comp.formula 
_chem_comp.formula_weight 
ALA 'L-peptide linking' y ALANINE          ? 'C3 H7 N O2'     89.093  
ARG 'L-peptide linking' y ARGININE         ? 'C6 H15 N4 O2 1' 175.209 
ASN 'L-peptide linking' y ASPARAGINE       ? 'C4 H8 N2 O3'    132.118 
ASP 'L-peptide linking' y 'ASPARTIC ACID'  ? 'C4 H7 N O4'     133.103 
GLN 'L-peptide linking' y GLUTAMINE        ? 'C5 H10 N2 O3'   146.144 
GLU 'L-peptide linking' y 'GLUTAMIC ACID'  ? 'C5 H9 N O4'     147.129 
GLY 'peptide linking'   y GLYCINE          ? 'C2 H5 N O2'     75.067  
HIS 'L-peptide linking' y HISTIDINE        ? 'C6 H10 N3 O2 1' 156.162 
HOH non-polymer         . WATER            ? 'H2 O'           18.015  
ILE 'L-peptide linking' y ISOLEUCINE       ? 'C6 H13 N O2'    131.173 
LEU 'L-peptide linking' y LEUCINE          ? 'C6 H13 N O2'    131.173 
LYS 'L-peptide linking' y LYSINE           ? 'C6 H15 N2 O2 1' 147.195 
MET 'L-peptide linking' y METHIONINE       ? 'C5 H11 N O2 S'  149.211 
MSE 'L-peptide linking' n SELENOMETHIONINE ? 'C5 H11 N O2 Se' 196.106 
PHE 'L-peptide linking' y PHENYLALANINE    ? 'C9 H11 N O2'    165.189 
PRO 'L-peptide linking' y PROLINE          ? 'C5 H9 N O2'     115.130 
SER 'L-peptide linking' y SERINE           ? 'C3 H7 N O3'     105.093 
SO4 non-polymer         . 'SULFATE ION'    ? 'O4 S -2'        96.063  
THR 'L-peptide linking' y THREONINE        ? 'C4 H9 N O3'     119.119 
TRP 'L-peptide linking' y TRYPTOPHAN       ? 'C11 H12 N2 O2'  204.225 
TYR 'L-peptide linking' y TYROSINE         ? 'C9 H11 N O3'    181.189 
VAL 'L-peptide linking' y VALINE           ? 'C5 H11 N O2'    117.146 
# 
loop_
_pdbx_poly_seq_scheme.asym_id 
_pdbx_poly_seq_scheme.entity_id 
_pdbx_poly_seq_scheme.seq_id 
_pdbx_poly_seq_scheme.mon_id 
_pdbx_poly_seq_scheme.ndb_seq_num 
_pdbx_poly_seq_scheme.pdb_seq_num 
_pdbx_poly_seq_scheme.auth_seq_num 
_pdbx_poly_seq_scheme.pdb_mon_id 
_pdbx_poly_seq_scheme.auth_mon_id 
_pdbx_poly_seq_scheme.pdb_strand_id 
_pdbx_poly_seq_scheme.pdb_ins_code 
_pdbx_poly_seq_scheme.hetero 
A 1 1   GLY 1   243 ?   ?   ?   A . n 
A 1 2   GLU 2   244 244 GLU GLU A . n 
A 1 3   PHE 3   245 245 PHE PHE A . n 
A 1 4   GLU 4   246 246 GLU GLU A . n 
A 1 5   THR 5   247 247 THR THR A . n 
A 1 6   LEU 6   248 248 LEU LEU A . n 
A 1 7   GLU 7   249 249 GLU GLU A . n 
A 1 8   GLN 8   250 250 GLN GLN A . n 
A 1 9   LEU 9   251 251 LEU LEU A . n 
A 1 10  LYS 10  252 252 LYS LYS A . n 
A 1 11  GLU 11  253 253 GLU GLU A . n 
A 1 12  SER 12  254 254 SER SER A . n 
A 1 13  LEU 13  255 255 LEU LEU A . n 
A 1 14  LYS 14  256 256 LYS LYS A . n 
A 1 15  LYS 15  257 257 LYS LYS A . n 
A 1 16  GLU 16  258 258 GLU GLU A . n 
A 1 17  GLY 17  259 259 GLY GLY A . n 
A 1 18  LYS 18  260 260 LYS LYS A . n 
A 1 19  GLU 19  261 261 GLU GLU A . n 
A 1 20  ILE 20  262 262 ILE ILE A . n 
A 1 21  TYR 21  263 263 TYR TYR A . n 
A 1 22  ASP 22  264 264 ASP ASP A . n 
A 1 23  VAL 23  265 265 VAL VAL A . n 
A 1 24  GLU 24  266 266 GLU GLU A . n 
A 1 25  MSE 25  267 267 MSE MSE A . n 
A 1 26  LYS 26  268 268 LYS LYS A . n 
A 1 27  GLU 27  269 269 GLU GLU A . n 
A 1 28  SER 28  270 270 SER SER A . n 
A 1 29  MSE 29  271 271 MSE MSE A . n 
A 1 30  ARG 30  272 272 ARG ARG A . n 
A 1 31  GLU 31  273 273 GLU GLU A . n 
A 1 32  GLN 32  274 274 GLN GLN A . n 
A 1 33  LEU 33  275 275 LEU LEU A . n 
A 1 34  LEU 34  276 276 LEU LEU A . n 
A 1 35  GLU 35  277 277 GLU GLU A . n 
A 1 36  LYS 36  278 278 LYS LYS A . n 
A 1 37  LEU 37  279 279 LEU LEU A . n 
A 1 38  PRO 38  280 280 PRO PRO A . n 
A 1 39  GLU 39  281 281 GLU GLU A . n 
A 1 40  ILE 40  282 282 ILE ILE A . n 
A 1 41  VAL 41  283 283 VAL VAL A . n 
A 1 42  GLU 42  284 284 GLU GLU A . n 
A 1 43  ILE 43  285 285 ILE ILE A . n 
A 1 44  GLU 44  286 286 GLU GLU A . n 
A 1 45  ILE 45  287 287 ILE ILE A . n 
A 1 46  SER 46  288 288 SER SER A . n 
A 1 47  ASP 47  289 289 ASP ASP A . n 
A 1 48  ARG 48  290 290 ARG ARG A . n 
A 1 49  THR 49  291 291 THR THR A . n 
A 1 50  LEU 50  292 292 LEU LEU A . n 
A 1 51  GLU 51  293 293 GLU GLU A . n 
A 1 52  ILE 52  294 294 ILE ILE A . n 
A 1 53  LEU 53  295 295 LEU LEU A . n 
A 1 54  VAL 54  296 296 VAL VAL A . n 
A 1 55  ASN 55  297 297 ASN ASN A . n 
A 1 56  GLU 56  298 298 GLU GLU A . n 
A 1 57  ALA 57  299 299 ALA ALA A . n 
A 1 58  ILE 58  300 300 ILE ILE A . n 
A 1 59  ASN 59  301 301 ASN ASN A . n 
A 1 60  ARG 60  302 302 ARG ARG A . n 
A 1 61  LEU 61  303 303 LEU LEU A . n 
A 1 62  LYS 62  304 304 LYS LYS A . n 
A 1 63  ARG 63  305 305 ARG ARG A . n 
A 1 64  GLU 64  306 306 GLU GLU A . n 
A 1 65  GLY 65  307 307 GLY GLY A . n 
A 1 66  ARG 66  308 308 ARG ARG A . n 
A 1 67  TYR 67  309 309 TYR TYR A . n 
A 1 68  GLU 68  310 310 GLU GLU A . n 
A 1 69  GLN 69  311 311 GLN GLN A . n 
A 1 70  ILE 70  312 312 ILE ILE A . n 
A 1 71  VAL 71  313 313 VAL VAL A . n 
A 1 72  SER 72  314 314 SER SER A . n 
A 1 73  SER 73  315 315 SER SER A . n 
A 1 74  TYR 74  316 316 TYR TYR A . n 
A 1 75  GLU 75  317 317 GLU GLU A . n 
A 1 76  SER 76  318 318 SER SER A . n 
A 1 77  GLU 77  319 319 GLU GLU A . n 
A 1 78  GLU 78  320 320 GLU GLU A . n 
A 1 79  LYS 79  321 321 LYS LYS A . n 
A 1 80  PHE 80  322 322 PHE PHE A . n 
A 1 81  ARG 81  323 323 ARG ARG A . n 
A 1 82  GLU 82  324 324 GLU GLU A . n 
A 1 83  GLU 83  325 325 GLU GLU A . n 
A 1 84  LEU 84  326 326 LEU LEU A . n 
A 1 85  LYS 85  327 327 LYS LYS A . n 
A 1 86  GLU 86  328 328 GLU GLU A . n 
A 1 87  ARG 87  329 329 ARG ARG A . n 
A 1 88  ILE 88  330 330 ILE ILE A . n 
A 1 89  LEU 89  331 331 LEU LEU A . n 
A 1 90  ASP 90  332 332 ASP ASP A . n 
A 1 91  ASP 91  333 333 ASP ASP A . n 
A 1 92  ILE 92  334 334 ILE ILE A . n 
A 1 93  LYS 93  335 335 LYS LYS A . n 
A 1 94  ARG 94  336 336 ARG ARG A . n 
A 1 95  ASP 95  337 337 ASP ASP A . n 
A 1 96  ARG 96  338 338 ARG ARG A . n 
A 1 97  VAL 97  339 339 VAL VAL A . n 
A 1 98  ILE 98  340 340 ILE ILE A . n 
A 1 99  GLU 99  341 341 GLU GLU A . n 
A 1 100 VAL 100 342 342 VAL VAL A . n 
A 1 101 LEU 101 343 343 LEU LEU A . n 
A 1 102 ALA 102 344 344 ALA ALA A . n 
A 1 103 GLN 103 345 345 GLN GLN A . n 
A 1 104 GLU 104 346 346 GLU GLU A . n 
A 1 105 LYS 105 347 347 LYS LYS A . n 
A 1 106 GLY 106 348 348 GLY GLY A . n 
A 1 107 ILE 107 349 349 ILE ILE A . n 
A 1 108 SER 108 350 350 SER SER A . n 
A 1 109 VAL 109 351 351 VAL VAL A . n 
A 1 110 ASN 110 352 352 ASN ASN A . n 
A 1 111 ASP 111 353 353 ASP ASP A . n 
A 1 112 GLU 112 354 354 GLU GLU A . n 
A 1 113 GLU 113 355 355 GLU GLU A . n 
A 1 114 LEU 114 356 356 LEU LEU A . n 
A 1 115 GLU 115 357 357 GLU GLU A . n 
A 1 116 LYS 116 358 358 LYS LYS A . n 
A 1 117 GLU 117 359 359 GLU GLU A . n 
A 1 118 ALA 118 360 360 ALA ALA A . n 
A 1 119 GLU 119 361 361 GLU GLU A . n 
A 1 120 GLU 120 362 362 GLU GLU A . n 
A 1 121 LEU 121 363 363 LEU LEU A . n 
A 1 122 ALA 122 364 364 ALA ALA A . n 
A 1 123 PRO 123 365 365 PRO PRO A . n 
A 1 124 PHE 124 366 366 PHE PHE A . n 
A 1 125 TRP 125 367 367 TRP TRP A . n 
A 1 126 GLY 126 368 368 GLY GLY A . n 
A 1 127 ILE 127 369 369 ILE ILE A . n 
A 1 128 SER 128 370 370 SER SER A . n 
A 1 129 PRO 129 371 371 PRO PRO A . n 
A 1 130 ASP 130 372 372 ASP ASP A . n 
A 1 131 ARG 131 373 373 ARG ARG A . n 
A 1 132 ALA 132 374 374 ALA ALA A . n 
A 1 133 LYS 133 375 375 LYS LYS A . n 
A 1 134 SER 134 376 376 SER SER A . n 
A 1 135 LEU 135 377 377 LEU LEU A . n 
A 1 136 VAL 136 378 378 VAL VAL A . n 
A 1 137 LYS 137 379 379 LYS LYS A . n 
A 1 138 ALA 138 380 380 ALA ALA A . n 
A 1 139 ARG 139 381 381 ARG ARG A . n 
A 1 140 GLN 140 382 382 GLN GLN A . n 
A 1 141 ASP 141 383 383 ASP ASP A . n 
A 1 142 LEU 142 384 384 LEU LEU A . n 
A 1 143 ARG 143 385 385 ARG ARG A . n 
A 1 144 GLU 144 386 386 GLU GLU A . n 
A 1 145 GLU 145 387 387 GLU GLU A . n 
A 1 146 LEU 146 388 388 LEU LEU A . n 
A 1 147 ARG 147 389 389 ARG ARG A . n 
A 1 148 TRP 148 390 390 TRP TRP A . n 
A 1 149 ALA 149 391 391 ALA ALA A . n 
A 1 150 ILE 150 392 392 ILE ILE A . n 
A 1 151 LEU 151 393 393 LEU LEU A . n 
A 1 152 LYS 152 394 394 LYS LYS A . n 
A 1 153 ARG 153 395 395 ARG ARG A . n 
A 1 154 LYS 154 396 396 LYS LYS A . n 
A 1 155 VAL 155 397 397 VAL VAL A . n 
A 1 156 LEU 156 398 398 LEU LEU A . n 
A 1 157 ASP 157 399 399 ASP ASP A . n 
A 1 158 LEU 158 400 400 LEU LEU A . n 
A 1 159 LEU 159 401 401 LEU LEU A . n 
A 1 160 LEU 160 402 402 LEU LEU A . n 
A 1 161 GLN 161 403 403 GLN GLN A . n 
A 1 162 GLU 162 404 404 GLU GLU A . n 
A 1 163 VAL 163 405 405 VAL VAL A . n 
A 1 164 GLU 164 406 406 GLU GLU A . n 
A 1 165 HIS 165 407 407 HIS HIS A . n 
A 1 166 HIS 166 408 408 HIS HIS A . n 
A 1 167 HIS 167 409 409 HIS HIS A . n 
A 1 168 HIS 168 410 410 HIS HIS A . n 
A 1 169 HIS 169 411 ?   ?   ?   A . n 
A 1 170 HIS 170 412 ?   ?   ?   A . n 
# 
loop_
_pdbx_nonpoly_scheme.asym_id 
_pdbx_nonpoly_scheme.entity_id 
_pdbx_nonpoly_scheme.mon_id 
_pdbx_nonpoly_scheme.ndb_seq_num 
_pdbx_nonpoly_scheme.pdb_seq_num 
_pdbx_nonpoly_scheme.auth_seq_num 
_pdbx_nonpoly_scheme.pdb_mon_id 
_pdbx_nonpoly_scheme.auth_mon_id 
_pdbx_nonpoly_scheme.pdb_strand_id 
_pdbx_nonpoly_scheme.pdb_ins_code 
B 2 SO4 1   413 301 SO4 SO4 A . 
C 2 SO4 1   414 302 SO4 SO4 A . 
D 2 SO4 1   415 303 SO4 SO4 A . 
E 3 HOH 1   416 1   HOH HOH A . 
E 3 HOH 2   417 2   HOH HOH A . 
E 3 HOH 3   418 3   HOH HOH A . 
E 3 HOH 4   419 4   HOH HOH A . 
E 3 HOH 5   420 5   HOH HOH A . 
E 3 HOH 6   421 6   HOH HOH A . 
E 3 HOH 7   422 7   HOH HOH A . 
E 3 HOH 8   423 8   HOH HOH A . 
E 3 HOH 9   424 9   HOH HOH A . 
E 3 HOH 10  425 10  HOH HOH A . 
E 3 HOH 11  426 11  HOH HOH A . 
E 3 HOH 12  427 12  HOH HOH A . 
E 3 HOH 13  428 13  HOH HOH A . 
E 3 HOH 14  429 14  HOH HOH A . 
E 3 HOH 15  430 15  HOH HOH A . 
E 3 HOH 16  431 16  HOH HOH A . 
E 3 HOH 17  432 17  HOH HOH A . 
E 3 HOH 18  433 18  HOH HOH A . 
E 3 HOH 19  434 19  HOH HOH A . 
E 3 HOH 20  435 20  HOH HOH A . 
E 3 HOH 21  436 21  HOH HOH A . 
E 3 HOH 22  437 22  HOH HOH A . 
E 3 HOH 23  438 23  HOH HOH A . 
E 3 HOH 24  439 24  HOH HOH A . 
E 3 HOH 25  440 25  HOH HOH A . 
E 3 HOH 26  441 26  HOH HOH A . 
E 3 HOH 27  442 27  HOH HOH A . 
E 3 HOH 28  443 28  HOH HOH A . 
E 3 HOH 29  444 29  HOH HOH A . 
E 3 HOH 30  445 30  HOH HOH A . 
E 3 HOH 31  446 31  HOH HOH A . 
E 3 HOH 32  447 32  HOH HOH A . 
E 3 HOH 33  448 33  HOH HOH A . 
E 3 HOH 34  449 34  HOH HOH A . 
E 3 HOH 35  450 35  HOH HOH A . 
E 3 HOH 36  451 36  HOH HOH A . 
E 3 HOH 37  452 37  HOH HOH A . 
E 3 HOH 38  453 38  HOH HOH A . 
E 3 HOH 39  454 39  HOH HOH A . 
E 3 HOH 40  455 40  HOH HOH A . 
E 3 HOH 41  456 41  HOH HOH A . 
E 3 HOH 42  457 42  HOH HOH A . 
E 3 HOH 43  458 43  HOH HOH A . 
E 3 HOH 44  459 44  HOH HOH A . 
E 3 HOH 45  460 45  HOH HOH A . 
E 3 HOH 46  461 46  HOH HOH A . 
E 3 HOH 47  462 47  HOH HOH A . 
E 3 HOH 48  463 48  HOH HOH A . 
E 3 HOH 49  464 49  HOH HOH A . 
E 3 HOH 50  465 50  HOH HOH A . 
E 3 HOH 51  466 51  HOH HOH A . 
E 3 HOH 52  467 52  HOH HOH A . 
E 3 HOH 53  468 53  HOH HOH A . 
E 3 HOH 54  469 54  HOH HOH A . 
E 3 HOH 55  470 55  HOH HOH A . 
E 3 HOH 56  471 56  HOH HOH A . 
E 3 HOH 57  472 57  HOH HOH A . 
E 3 HOH 58  473 58  HOH HOH A . 
E 3 HOH 59  474 59  HOH HOH A . 
E 3 HOH 60  475 60  HOH HOH A . 
E 3 HOH 61  476 61  HOH HOH A . 
E 3 HOH 62  477 62  HOH HOH A . 
E 3 HOH 63  478 63  HOH HOH A . 
E 3 HOH 64  479 65  HOH HOH A . 
E 3 HOH 65  480 66  HOH HOH A . 
E 3 HOH 66  481 67  HOH HOH A . 
E 3 HOH 67  482 68  HOH HOH A . 
E 3 HOH 68  483 69  HOH HOH A . 
E 3 HOH 69  484 70  HOH HOH A . 
E 3 HOH 70  485 71  HOH HOH A . 
E 3 HOH 71  486 72  HOH HOH A . 
E 3 HOH 72  487 73  HOH HOH A . 
E 3 HOH 73  488 74  HOH HOH A . 
E 3 HOH 74  489 75  HOH HOH A . 
E 3 HOH 75  490 76  HOH HOH A . 
E 3 HOH 76  491 77  HOH HOH A . 
E 3 HOH 77  492 78  HOH HOH A . 
E 3 HOH 78  493 80  HOH HOH A . 
E 3 HOH 79  494 81  HOH HOH A . 
E 3 HOH 80  495 82  HOH HOH A . 
E 3 HOH 81  496 83  HOH HOH A . 
E 3 HOH 82  497 85  HOH HOH A . 
E 3 HOH 83  498 86  HOH HOH A . 
E 3 HOH 84  499 87  HOH HOH A . 
E 3 HOH 85  500 88  HOH HOH A . 
E 3 HOH 86  501 89  HOH HOH A . 
E 3 HOH 87  502 90  HOH HOH A . 
E 3 HOH 88  503 91  HOH HOH A . 
E 3 HOH 89  504 92  HOH HOH A . 
E 3 HOH 90  505 93  HOH HOH A . 
E 3 HOH 91  506 98  HOH HOH A . 
E 3 HOH 92  507 99  HOH HOH A . 
E 3 HOH 93  508 100 HOH HOH A . 
E 3 HOH 94  509 101 HOH HOH A . 
E 3 HOH 95  510 102 HOH HOH A . 
E 3 HOH 96  511 103 HOH HOH A . 
E 3 HOH 97  512 104 HOH HOH A . 
E 3 HOH 98  513 105 HOH HOH A . 
E 3 HOH 99  514 106 HOH HOH A . 
E 3 HOH 100 515 108 HOH HOH A . 
E 3 HOH 101 516 109 HOH HOH A . 
E 3 HOH 102 517 110 HOH HOH A . 
E 3 HOH 103 518 111 HOH HOH A . 
E 3 HOH 104 519 112 HOH HOH A . 
E 3 HOH 105 520 113 HOH HOH A . 
E 3 HOH 106 521 117 HOH HOH A . 
E 3 HOH 107 522 118 HOH HOH A . 
E 3 HOH 108 523 120 HOH HOH A . 
E 3 HOH 109 524 122 HOH HOH A . 
E 3 HOH 110 525 125 HOH HOH A . 
E 3 HOH 111 526 129 HOH HOH A . 
E 3 HOH 112 527 130 HOH HOH A . 
E 3 HOH 113 528 131 HOH HOH A . 
E 3 HOH 114 529 132 HOH HOH A . 
E 3 HOH 115 530 133 HOH HOH A . 
E 3 HOH 116 531 135 HOH HOH A . 
E 3 HOH 117 532 136 HOH HOH A . 
E 3 HOH 118 533 137 HOH HOH A . 
E 3 HOH 119 534 138 HOH HOH A . 
E 3 HOH 120 535 139 HOH HOH A . 
E 3 HOH 121 536 144 HOH HOH A . 
E 3 HOH 122 537 145 HOH HOH A . 
E 3 HOH 123 538 146 HOH HOH A . 
E 3 HOH 124 539 147 HOH HOH A . 
E 3 HOH 125 540 148 HOH HOH A . 
E 3 HOH 126 541 150 HOH HOH A . 
E 3 HOH 127 542 151 HOH HOH A . 
E 3 HOH 128 543 153 HOH HOH A . 
E 3 HOH 129 544 155 HOH HOH A . 
E 3 HOH 130 545 156 HOH HOH A . 
E 3 HOH 131 546 157 HOH HOH A . 
E 3 HOH 132 547 158 HOH HOH A . 
E 3 HOH 133 548 160 HOH HOH A . 
E 3 HOH 134 549 161 HOH HOH A . 
E 3 HOH 135 550 162 HOH HOH A . 
E 3 HOH 136 551 163 HOH HOH A . 
E 3 HOH 137 552 165 HOH HOH A . 
E 3 HOH 138 553 166 HOH HOH A . 
E 3 HOH 139 554 167 HOH HOH A . 
E 3 HOH 140 555 169 HOH HOH A . 
E 3 HOH 141 556 170 HOH HOH A . 
E 3 HOH 142 557 171 HOH HOH A . 
E 3 HOH 143 558 175 HOH HOH A . 
E 3 HOH 144 559 177 HOH HOH A . 
E 3 HOH 145 560 180 HOH HOH A . 
E 3 HOH 146 561 181 HOH HOH A . 
E 3 HOH 147 562 182 HOH HOH A . 
E 3 HOH 148 563 184 HOH HOH A . 
E 3 HOH 149 564 185 HOH HOH A . 
E 3 HOH 150 565 186 HOH HOH A . 
E 3 HOH 151 566 187 HOH HOH A . 
E 3 HOH 152 567 188 HOH HOH A . 
E 3 HOH 153 568 189 HOH HOH A . 
E 3 HOH 154 569 191 HOH HOH A . 
E 3 HOH 155 570 192 HOH HOH A . 
E 3 HOH 156 571 193 HOH HOH A . 
E 3 HOH 157 572 194 HOH HOH A . 
E 3 HOH 158 573 195 HOH HOH A . 
E 3 HOH 159 574 196 HOH HOH A . 
E 3 HOH 160 575 197 HOH HOH A . 
E 3 HOH 161 576 199 HOH HOH A . 
E 3 HOH 162 577 200 HOH HOH A . 
E 3 HOH 163 578 202 HOH HOH A . 
E 3 HOH 164 579 203 HOH HOH A . 
E 3 HOH 165 580 204 HOH HOH A . 
E 3 HOH 166 581 205 HOH HOH A . 
E 3 HOH 167 582 206 HOH HOH A . 
E 3 HOH 168 583 207 HOH HOH A . 
E 3 HOH 169 584 208 HOH HOH A . 
E 3 HOH 170 585 209 HOH HOH A . 
E 3 HOH 171 586 210 HOH HOH A . 
E 3 HOH 172 587 211 HOH HOH A . 
E 3 HOH 173 588 212 HOH HOH A . 
E 3 HOH 174 589 213 HOH HOH A . 
E 3 HOH 175 590 214 HOH HOH A . 
E 3 HOH 176 591 215 HOH HOH A . 
E 3 HOH 177 592 216 HOH HOH A . 
E 3 HOH 178 593 217 HOH HOH A . 
E 3 HOH 179 594 219 HOH HOH A . 
E 3 HOH 180 595 220 HOH HOH A . 
E 3 HOH 181 596 224 HOH HOH A . 
E 3 HOH 182 597 226 HOH HOH A . 
E 3 HOH 183 598 227 HOH HOH A . 
E 3 HOH 184 599 228 HOH HOH A . 
E 3 HOH 185 600 230 HOH HOH A . 
E 3 HOH 186 601 234 HOH HOH A . 
E 3 HOH 187 602 239 HOH HOH A . 
E 3 HOH 188 603 241 HOH HOH A . 
E 3 HOH 189 604 243 HOH HOH A . 
E 3 HOH 190 605 248 HOH HOH A . 
E 3 HOH 191 606 249 HOH HOH A . 
E 3 HOH 192 607 250 HOH HOH A . 
E 3 HOH 193 608 252 HOH HOH A . 
E 3 HOH 194 609 254 HOH HOH A . 
E 3 HOH 195 610 255 HOH HOH A . 
E 3 HOH 196 611 256 HOH HOH A . 
E 3 HOH 197 612 264 HOH HOH A . 
E 3 HOH 198 613 265 HOH HOH A . 
E 3 HOH 199 614 267 HOH HOH A . 
E 3 HOH 200 615 268 HOH HOH A . 
E 3 HOH 201 616 272 HOH HOH A . 
E 3 HOH 202 617 273 HOH HOH A . 
E 3 HOH 203 618 276 HOH HOH A . 
E 3 HOH 204 619 277 HOH HOH A . 
E 3 HOH 205 620 278 HOH HOH A . 
E 3 HOH 206 621 279 HOH HOH A . 
E 3 HOH 207 622 285 HOH HOH A . 
E 3 HOH 208 623 286 HOH HOH A . 
# 
loop_
_software.name 
_software.version 
_software.date 
_software.type 
_software.contact_author 
_software.contact_author_email 
_software.classification 
_software.location 
_software.language 
_software.citation_id 
_software.pdbx_ordinal 
SOLVE       .       ?               program 'Tom Terwilliger'   terwilliger@LANL.gov     phasing           
http://www.solve.lanl.gov/       ?          ? 1 
RESOLVE     2.08    14-Sept-2004    program 'Terwilliger, T. C' terwilliger@LANL.gov     phasing           
http://www.solve.lanl.gov/       ?          ? 2 
CNS         .       ?               package 'Axel T. Brunger'   axel.brunger@yale.edu    refinement        
http://cns.csb.yale.edu/v1.1/    Fortran_77 ? 3 
PDB_EXTRACT 1.401   'March 3, 2004' program H.Yang              sw-help@rcsb.rutgers.edu 'data extraction' 
http://pdb.rutgers.edu/software/ C/C++      ? 4 
ADSC        QUANTUM ?               ?       ?                   ?                        'data collection' ? ?          ? 5 
DENZO       .       ?               ?       ?                   ?                        'data reduction'  ? ?          ? 6 
SCALEPACK   .       ?               ?       ?                   ?                        'data scaling'    ? ?          ? 7 
# 
_cell.entry_id           2NSA 
_cell.length_a           53.840 
_cell.length_b           74.210 
_cell.length_c           90.070 
_cell.angle_alpha        90.00 
_cell.angle_beta         90.00 
_cell.angle_gamma        90.00 
_cell.Z_PDB              8 
_cell.pdbx_unique_axis   ? 
_cell.length_a_esd       ? 
_cell.length_b_esd       ? 
_cell.length_c_esd       ? 
_cell.angle_alpha_esd    ? 
_cell.angle_beta_esd     ? 
_cell.angle_gamma_esd    ? 
# 
_symmetry.entry_id                         2NSA 
_symmetry.space_group_name_H-M             'C 2 2 21' 
_symmetry.pdbx_full_space_group_name_H-M   ? 
_symmetry.cell_setting                     ? 
_symmetry.Int_Tables_number                20 
_symmetry.space_group_name_Hall            ? 
# 
_exptl.entry_id          2NSA 
_exptl.method            'X-RAY DIFFRACTION' 
_exptl.crystals_number   2 
# 
_exptl_crystal.id                    1 
_exptl_crystal.density_meas          ? 
_exptl_crystal.density_Matthews      2.20 
_exptl_crystal.density_percent_sol   44.07 
_exptl_crystal.description           ? 
_exptl_crystal.F_000                 ? 
_exptl_crystal.preparation           ? 
# 
_exptl_crystal_grow.crystal_id      1 
_exptl_crystal_grow.method          'VAPOR DIFFUSION' 
_exptl_crystal_grow.pH              7.4 
_exptl_crystal_grow.temp            293 
_exptl_crystal_grow.temp_details    ? 
_exptl_crystal_grow.pdbx_details    
;1.35M ammonium sulfate 
0.05M TrisCl, pH 7.4, VAPOR DIFFUSION, temperature 293K
;
_exptl_crystal_grow.pdbx_pH_range   . 
# 
loop_
_diffrn.id 
_diffrn.ambient_temp 
_diffrn.ambient_temp_details 
_diffrn.crystal_id 
1   100 ? 1 
2   110 ? 1 
1,2 ?   ? 1 
# 
loop_
_diffrn_detector.diffrn_id 
_diffrn_detector.detector 
_diffrn_detector.type 
_diffrn_detector.pdbx_collection_date 
_diffrn_detector.details 
1 CCD           'ADSC QUANTUM 4'  2002-02-19 monochromator 
2 'IMAGE PLATE' 'RIGAKU RAXIS IV' 2002-02-26 mirror        
# 
loop_
_diffrn_radiation.diffrn_id 
_diffrn_radiation.wavelength_id 
_diffrn_radiation.pdbx_diffrn_protocol 
_diffrn_radiation.monochromator 
_diffrn_radiation.pdbx_monochromatic_or_laue_m_l 
_diffrn_radiation.pdbx_scattering_type 
1 1 'SINGLE WAVELENGTH' 'double crystal monochromator with a sagittally focused second crystal.' M x-ray 
2 1 'SINGLE WAVELENGTH' 'Lab designed mirrors'                                                   M x-ray 
# 
loop_
_diffrn_radiation_wavelength.id 
_diffrn_radiation_wavelength.wavelength 
_diffrn_radiation_wavelength.wt 
1 0.97900 1.0 
2 1.5418  1.0 
# 
loop_
_diffrn_source.diffrn_id 
_diffrn_source.source 
_diffrn_source.type 
_diffrn_source.pdbx_wavelength 
_diffrn_source.pdbx_wavelength_list 
_diffrn_source.pdbx_synchrotron_site 
_diffrn_source.pdbx_synchrotron_beamline 
1 SYNCHROTRON      'NSLS BEAMLINE X4A' ?      0.97900 NSLS X4A 
2 'ROTATING ANODE' 'RIGAKU RU300'      1.5418 ?       ?    ?   
# 
_reflns.entry_id                     2NSA 
_reflns.observed_criterion_sigma_F   0 
_reflns.observed_criterion_sigma_I   0 
_reflns.d_resolution_high            1.7 
_reflns.d_resolution_low             20.0 
_reflns.number_all                   20204 
_reflns.number_obs                   20170 
_reflns.percent_possible_obs         99.7 
_reflns.pdbx_Rmerge_I_obs            0.043 
_reflns.pdbx_Rsym_value              ? 
_reflns.pdbx_netI_over_sigmaI        ? 
_reflns.B_iso_Wilson_estimate        ? 
_reflns.pdbx_redundancy              ? 
_reflns.R_free_details               ? 
_reflns.limit_h_max                  ? 
_reflns.limit_h_min                  ? 
_reflns.limit_k_max                  ? 
_reflns.limit_k_min                  ? 
_reflns.limit_l_max                  ? 
_reflns.limit_l_min                  ? 
_reflns.observed_criterion_F_max     ? 
_reflns.observed_criterion_F_min     ? 
_reflns.pdbx_chi_squared             ? 
_reflns.pdbx_scaling_rejects         ? 
_reflns.pdbx_ordinal                 1 
_reflns.pdbx_diffrn_id               1,2 
# 
_reflns_shell.d_res_high             1.70 
_reflns_shell.d_res_low              1.76 
_reflns_shell.percent_possible_obs   ? 
_reflns_shell.percent_possible_all   99.8 
_reflns_shell.Rmerge_I_obs           0.157 
_reflns_shell.meanI_over_sigI_obs    ? 
_reflns_shell.pdbx_Rsym_value        ? 
_reflns_shell.pdbx_redundancy        ? 
_reflns_shell.number_unique_all      ? 
_reflns_shell.number_measured_all    ? 
_reflns_shell.number_measured_obs    ? 
_reflns_shell.number_unique_obs      ? 
_reflns_shell.pdbx_chi_squared       ? 
_reflns_shell.pdbx_ordinal           1 
_reflns_shell.pdbx_diffrn_id         1,2 
# 
_refine.ls_d_res_high                            1.700 
_refine.ls_d_res_low                             20.000 
_refine.pdbx_ls_sigma_F                          0 
_refine.pdbx_data_cutoff_high_absF               10000.000 
_refine.pdbx_data_cutoff_low_absF                0.000 
_refine.ls_percent_reflns_obs                    97.100 
_refine.ls_number_reflns_all                     20170 
_refine.ls_R_factor_R_work                       0.227 
_refine.ls_R_factor_R_free                       0.252 
_refine.ls_percent_reflns_R_free                 5.000 
_refine.ls_number_reflns_R_free                  1003 
_refine.B_iso_mean                               59.650 
_refine.aniso_B[1][1]                            -0.987 
_refine.aniso_B[2][2]                            0.272 
_refine.aniso_B[3][3]                            0.715 
_refine.aniso_B[1][2]                            0.000 
_refine.aniso_B[1][3]                            0.000 
_refine.aniso_B[2][3]                            0.000 
_refine.entry_id                                 2NSA 
_refine.pdbx_ls_sigma_I                          ? 
_refine.ls_number_reflns_obs                     19614 
_refine.ls_R_factor_all                          ? 
_refine.ls_R_factor_obs                          ? 
_refine.ls_redundancy_reflns_obs                 ? 
_refine.ls_number_parameters                     ? 
_refine.ls_number_restraints                     ? 
_refine.ls_R_factor_R_free_error                 ? 
_refine.ls_R_factor_R_free_error_details         ? 
_refine.pdbx_method_to_determine_struct          'SIRAS + native anomalous' 
_refine.pdbx_starting_model                      ? 
_refine.pdbx_ls_cross_valid_method               THROUGHOUT 
_refine.pdbx_R_Free_selection_details            random 
_refine.pdbx_stereochem_target_val_spec_case     ? 
_refine.pdbx_stereochemistry_target_values       'Engh & Huber' 
_refine.solvent_model_details                    ? 
_refine.solvent_model_param_bsol                 ? 
_refine.solvent_model_param_ksol                 ? 
_refine.occupancy_max                            ? 
_refine.occupancy_min                            ? 
_refine.pdbx_isotropic_thermal_model             ? 
_refine.details                                  ? 
_refine.B_iso_min                                ? 
_refine.B_iso_max                                ? 
_refine.correlation_coeff_Fo_to_Fc               ? 
_refine.correlation_coeff_Fo_to_Fc_free          ? 
_refine.pdbx_solvent_vdw_probe_radii             ? 
_refine.pdbx_solvent_ion_probe_radii             ? 
_refine.pdbx_solvent_shrinkage_radii             ? 
_refine.overall_SU_R_Cruickshank_DPI             ? 
_refine.overall_SU_R_free                        ? 
_refine.overall_SU_ML                            ? 
_refine.overall_SU_B                             ? 
_refine.pdbx_overall_ESU_R_Free                  ? 
_refine.pdbx_data_cutoff_high_rms_absF           ? 
_refine.pdbx_overall_ESU_R                       ? 
_refine.ls_wR_factor_R_free                      ? 
_refine.ls_wR_factor_R_work                      ? 
_refine.overall_FOM_free_R_set                   ? 
_refine.overall_FOM_work_R_set                   ? 
_refine.pdbx_refine_id                           'X-RAY DIFFRACTION' 
_refine.pdbx_diffrn_id                           1 
_refine.pdbx_TLS_residual_ADP_flag               ? 
_refine.pdbx_overall_phase_error                 ? 
_refine.pdbx_overall_SU_R_free_Cruickshank_DPI   ? 
_refine.pdbx_overall_SU_R_Blow_DPI               ? 
_refine.pdbx_overall_SU_R_free_Blow_DPI          ? 
# 
_refine_hist.pdbx_refine_id                   'X-RAY DIFFRACTION' 
_refine_hist.cycle_id                         LAST 
_refine_hist.pdbx_number_atoms_protein        1406 
_refine_hist.pdbx_number_atoms_nucleic_acid   0 
_refine_hist.pdbx_number_atoms_ligand         15 
_refine_hist.number_atoms_solvent             208 
_refine_hist.number_atoms_total               1629 
_refine_hist.d_res_high                       1.700 
_refine_hist.d_res_low                        20.000 
# 
loop_
_refine_ls_restr.type 
_refine_ls_restr.dev_ideal 
_refine_ls_restr.dev_ideal_target 
_refine_ls_restr.number 
_refine_ls_restr.weight 
_refine_ls_restr.pdbx_refine_id 
_refine_ls_restr.pdbx_restraint_function 
c_bond_d    0.004201 ? ? ? 'X-RAY DIFFRACTION' ? 
c_angle_deg 0.88944  ? ? ? 'X-RAY DIFFRACTION' ? 
# 
_struct.entry_id                  2NSA 
_struct.title                     'Structures of and interactions between domains of trigger factor from Themotoga maritim' 
_struct.pdbx_model_details        ? 
_struct.pdbx_CASP_flag            ? 
_struct.pdbx_model_type_details   ? 
# 
_struct_keywords.entry_id        2NSA 
_struct_keywords.pdbx_keywords   CHAPERONE 
_struct_keywords.text            chaperone 
# 
loop_
_struct_asym.id 
_struct_asym.pdbx_blank_PDB_chainid_flag 
_struct_asym.pdbx_modified 
_struct_asym.entity_id 
_struct_asym.details 
A N N 1 ? 
B N N 2 ? 
C N N 2 ? 
D N N 2 ? 
E N N 3 ? 
# 
_struct_ref.id                         1 
_struct_ref.db_name                    UNP 
_struct_ref.db_code                    TIG_THEMA 
_struct_ref.pdbx_db_accession          Q9WZF8 
_struct_ref.entity_id                  1 
_struct_ref.pdbx_seq_one_letter_code   
;EFETLEQLKESLKKEGKEIYDVEMKESMREQLLEKLPEIVEIEISDRTLEILVNEAINRLKREGRYEQIVSSYESEEKFR
EELKERILDDIKRDRVIEVLAQEKGISVNDEELEKEAEELAPFWGISPDRAKSLVKARQDLREELRWAILKRKVLDLLLQ
EV
;
_struct_ref.pdbx_align_begin           244 
_struct_ref.pdbx_db_isoform            ? 
# 
_struct_ref_seq.align_id                      1 
_struct_ref_seq.ref_id                        1 
_struct_ref_seq.pdbx_PDB_id_code              2NSA 
_struct_ref_seq.pdbx_strand_id                A 
_struct_ref_seq.seq_align_beg                 2 
_struct_ref_seq.pdbx_seq_align_beg_ins_code   ? 
_struct_ref_seq.seq_align_end                 163 
_struct_ref_seq.pdbx_seq_align_end_ins_code   ? 
_struct_ref_seq.pdbx_db_accession             Q9WZF8 
_struct_ref_seq.db_align_beg                  244 
_struct_ref_seq.pdbx_db_align_beg_ins_code    ? 
_struct_ref_seq.db_align_end                  405 
_struct_ref_seq.pdbx_db_align_end_ins_code    ? 
_struct_ref_seq.pdbx_auth_seq_align_beg       244 
_struct_ref_seq.pdbx_auth_seq_align_end       405 
# 
loop_
_struct_ref_seq_dif.align_id 
_struct_ref_seq_dif.pdbx_pdb_id_code 
_struct_ref_seq_dif.mon_id 
_struct_ref_seq_dif.pdbx_pdb_strand_id 
_struct_ref_seq_dif.seq_num 
_struct_ref_seq_dif.pdbx_pdb_ins_code 
_struct_ref_seq_dif.pdbx_seq_db_name 
_struct_ref_seq_dif.pdbx_seq_db_accession_code 
_struct_ref_seq_dif.db_mon_id 
_struct_ref_seq_dif.pdbx_seq_db_seq_num 
_struct_ref_seq_dif.details 
_struct_ref_seq_dif.pdbx_auth_seq_num 
_struct_ref_seq_dif.pdbx_ordinal 
1 2NSA GLY A 1   ? UNP Q9WZF8 ?   ?   'cloning artifact' 243 1  
1 2NSA MSE A 25  ? UNP Q9WZF8 MET 267 'modified residue' 267 2  
1 2NSA MSE A 29  ? UNP Q9WZF8 MET 271 'modified residue' 271 3  
1 2NSA GLU A 164 ? UNP Q9WZF8 ?   ?   'cloning artifact' 406 4  
1 2NSA HIS A 165 ? UNP Q9WZF8 ?   ?   'expression tag'   407 5  
1 2NSA HIS A 166 ? UNP Q9WZF8 ?   ?   'expression tag'   408 6  
1 2NSA HIS A 167 ? UNP Q9WZF8 ?   ?   'expression tag'   409 7  
1 2NSA HIS A 168 ? UNP Q9WZF8 ?   ?   'expression tag'   410 8  
1 2NSA HIS A 169 ? UNP Q9WZF8 ?   ?   'expression tag'   411 9  
1 2NSA HIS A 170 ? UNP Q9WZF8 ?   ?   'expression tag'   412 10 
# 
loop_
_pdbx_struct_assembly.id 
_pdbx_struct_assembly.details 
_pdbx_struct_assembly.method_details 
_pdbx_struct_assembly.oligomeric_details 
_pdbx_struct_assembly.oligomeric_count 
1 author_and_software_defined_assembly PQS  monomeric 1 
2 software_defined_assembly            PISA dimeric   2 
# 
loop_
_pdbx_struct_assembly_prop.biol_id 
_pdbx_struct_assembly_prop.type 
_pdbx_struct_assembly_prop.value 
_pdbx_struct_assembly_prop.details 
2 'ABSA (A^2)' 3720  ? 
2 MORE         -101  ? 
2 'SSA (A^2)'  20240 ? 
# 
loop_
_pdbx_struct_assembly_gen.assembly_id 
_pdbx_struct_assembly_gen.oper_expression 
_pdbx_struct_assembly_gen.asym_id_list 
1 1   A,B,C,D,E 
2 1,2 A,B,C,D,E 
# 
loop_
_pdbx_struct_oper_list.id 
_pdbx_struct_oper_list.type 
_pdbx_struct_oper_list.name 
_pdbx_struct_oper_list.symmetry_operation 
_pdbx_struct_oper_list.matrix[1][1] 
_pdbx_struct_oper_list.matrix[1][2] 
_pdbx_struct_oper_list.matrix[1][3] 
_pdbx_struct_oper_list.vector[1] 
_pdbx_struct_oper_list.matrix[2][1] 
_pdbx_struct_oper_list.matrix[2][2] 
_pdbx_struct_oper_list.matrix[2][3] 
_pdbx_struct_oper_list.vector[2] 
_pdbx_struct_oper_list.matrix[3][1] 
_pdbx_struct_oper_list.matrix[3][2] 
_pdbx_struct_oper_list.matrix[3][3] 
_pdbx_struct_oper_list.vector[3] 
1 'identity operation'         1_555 x,y,z       1.0000000000  0.0000000000 0.0000000000 0.0000000000 0.0000000000 1.0000000000  0.0000000000 0.0000000000   0.0000000000 0.0000000000 1.0000000000 0.0000000000 
2 'crystal symmetry operation' 3_555 -x,y,-z+1/2 -0.6230901253 0.1942824843 0.7576364643 6.6005149840 0.1942824843 -0.8998548825 0.3905323376 -18.9702637208 0.7576364643 0.3905323376 0.5229450078 1.5809570201 
# 
_struct_biol.id                    1 
_struct_biol.details               ? 
_struct_biol.pdbx_parent_biol_id   ? 
# 
loop_
_struct_conf.conf_type_id 
_struct_conf.id 
_struct_conf.pdbx_PDB_helix_id 
_struct_conf.beg_label_comp_id 
_struct_conf.beg_label_asym_id 
_struct_conf.beg_label_seq_id 
_struct_conf.pdbx_beg_PDB_ins_code 
_struct_conf.end_label_comp_id 
_struct_conf.end_label_asym_id 
_struct_conf.end_label_seq_id 
_struct_conf.pdbx_end_PDB_ins_code 
_struct_conf.beg_auth_comp_id 
_struct_conf.beg_auth_asym_id 
_struct_conf.beg_auth_seq_id 
_struct_conf.end_auth_comp_id 
_struct_conf.end_auth_asym_id 
_struct_conf.end_auth_seq_id 
_struct_conf.pdbx_PDB_helix_class 
_struct_conf.details 
_struct_conf.pdbx_PDB_helix_length 
HELX_P HELX_P1  1  THR A 5   ? LEU A 13  ? THR A 247 LEU A 255 1 ? 9  
HELX_P HELX_P2  2  GLU A 16  ? TYR A 21  ? GLU A 258 TYR A 263 5 ? 6  
HELX_P HELX_P3  3  GLU A 24  ? LEU A 37  ? GLU A 266 LEU A 279 1 ? 14 
HELX_P HELX_P4  4  PRO A 38  ? VAL A 41  ? PRO A 280 VAL A 283 5 ? 4  
HELX_P HELX_P5  5  SER A 46  ? GLU A 64  ? SER A 288 GLU A 306 1 ? 19 
HELX_P HELX_P6  6  ARG A 66  ? SER A 73  ? ARG A 308 SER A 315 1 ? 8  
HELX_P HELX_P7  7  SER A 76  ? GLY A 106 ? SER A 318 GLY A 348 1 ? 31 
HELX_P HELX_P8  8  ASN A 110 ? GLY A 126 ? ASN A 352 GLY A 368 1 ? 17 
HELX_P HELX_P9  9  SER A 128 ? ARG A 139 ? SER A 370 ARG A 381 1 ? 12 
HELX_P HELX_P10 10 ARG A 139 ? GLN A 161 ? ARG A 381 GLN A 403 1 ? 23 
# 
_struct_conf_type.id          HELX_P 
_struct_conf_type.criteria    ? 
_struct_conf_type.reference   ? 
# 
loop_
_struct_conn.id 
_struct_conn.conn_type_id 
_struct_conn.pdbx_leaving_atom_flag 
_struct_conn.pdbx_PDB_id 
_struct_conn.ptnr1_label_asym_id 
_struct_conn.ptnr1_label_comp_id 
_struct_conn.ptnr1_label_seq_id 
_struct_conn.ptnr1_label_atom_id 
_struct_conn.pdbx_ptnr1_label_alt_id 
_struct_conn.pdbx_ptnr1_PDB_ins_code 
_struct_conn.pdbx_ptnr1_standard_comp_id 
_struct_conn.ptnr1_symmetry 
_struct_conn.ptnr2_label_asym_id 
_struct_conn.ptnr2_label_comp_id 
_struct_conn.ptnr2_label_seq_id 
_struct_conn.ptnr2_label_atom_id 
_struct_conn.pdbx_ptnr2_label_alt_id 
_struct_conn.pdbx_ptnr2_PDB_ins_code 
_struct_conn.ptnr1_auth_asym_id 
_struct_conn.ptnr1_auth_comp_id 
_struct_conn.ptnr1_auth_seq_id 
_struct_conn.ptnr2_auth_asym_id 
_struct_conn.ptnr2_auth_comp_id 
_struct_conn.ptnr2_auth_seq_id 
_struct_conn.ptnr2_symmetry 
_struct_conn.pdbx_ptnr3_label_atom_id 
_struct_conn.pdbx_ptnr3_label_seq_id 
_struct_conn.pdbx_ptnr3_label_comp_id 
_struct_conn.pdbx_ptnr3_label_asym_id 
_struct_conn.pdbx_ptnr3_label_alt_id 
_struct_conn.pdbx_ptnr3_PDB_ins_code 
_struct_conn.details 
_struct_conn.pdbx_dist_value 
_struct_conn.pdbx_value_order 
_struct_conn.pdbx_role 
covale1 covale both ? A GLU 24 C ? ? ? 1_555 A MSE 25 N ? ? A GLU 266 A MSE 267 1_555 ? ? ? ? ? ? ? 1.328 ? ? 
covale2 covale both ? A MSE 25 C ? ? ? 1_555 A LYS 26 N ? ? A MSE 267 A LYS 268 1_555 ? ? ? ? ? ? ? 1.328 ? ? 
covale3 covale both ? A SER 28 C ? ? ? 1_555 A MSE 29 N ? ? A SER 270 A MSE 271 1_555 ? ? ? ? ? ? ? 1.330 ? ? 
covale4 covale both ? A MSE 29 C ? ? ? 1_555 A ARG 30 N ? ? A MSE 271 A ARG 272 1_555 ? ? ? ? ? ? ? 1.330 ? ? 
# 
_struct_conn_type.id          covale 
_struct_conn_type.criteria    ? 
_struct_conn_type.reference   ? 
# 
loop_
_pdbx_modification_feature.ordinal 
_pdbx_modification_feature.label_comp_id 
_pdbx_modification_feature.label_asym_id 
_pdbx_modification_feature.label_seq_id 
_pdbx_modification_feature.label_alt_id 
_pdbx_modification_feature.modified_residue_label_comp_id 
_pdbx_modification_feature.modified_residue_label_asym_id 
_pdbx_modification_feature.modified_residue_label_seq_id 
_pdbx_modification_feature.modified_residue_label_alt_id 
_pdbx_modification_feature.auth_comp_id 
_pdbx_modification_feature.auth_asym_id 
_pdbx_modification_feature.auth_seq_id 
_pdbx_modification_feature.PDB_ins_code 
_pdbx_modification_feature.symmetry 
_pdbx_modification_feature.modified_residue_auth_comp_id 
_pdbx_modification_feature.modified_residue_auth_asym_id 
_pdbx_modification_feature.modified_residue_auth_seq_id 
_pdbx_modification_feature.modified_residue_PDB_ins_code 
_pdbx_modification_feature.modified_residue_symmetry 
_pdbx_modification_feature.comp_id_linking_atom 
_pdbx_modification_feature.modified_residue_id_linking_atom 
_pdbx_modification_feature.modified_residue_id 
_pdbx_modification_feature.ref_pcm_id 
_pdbx_modification_feature.ref_comp_id 
_pdbx_modification_feature.type 
_pdbx_modification_feature.category 
1 MSE A 25 ? . . . . MSE A 267 ? 1_555 . . . . . . . MET 1 MSE Selenomethionine 'Named protein modification' 
2 MSE A 29 ? . . . . MSE A 271 ? 1_555 . . . . . . . MET 1 MSE Selenomethionine 'Named protein modification' 
# 
loop_
_struct_site.id 
_struct_site.pdbx_evidence_code 
_struct_site.pdbx_auth_asym_id 
_struct_site.pdbx_auth_comp_id 
_struct_site.pdbx_auth_seq_id 
_struct_site.pdbx_auth_ins_code 
_struct_site.pdbx_num_residues 
_struct_site.details 
AC1 Software A SO4 413 ? 8 'BINDING SITE FOR RESIDUE SO4 A 413' 
AC2 Software A SO4 414 ? 5 'BINDING SITE FOR RESIDUE SO4 A 414' 
AC3 Software A SO4 415 ? 6 'BINDING SITE FOR RESIDUE SO4 A 415' 
# 
loop_
_struct_site_gen.id 
_struct_site_gen.site_id 
_struct_site_gen.pdbx_num_res 
_struct_site_gen.label_comp_id 
_struct_site_gen.label_asym_id 
_struct_site_gen.label_seq_id 
_struct_site_gen.pdbx_auth_ins_code 
_struct_site_gen.auth_comp_id 
_struct_site_gen.auth_asym_id 
_struct_site_gen.auth_seq_id 
_struct_site_gen.label_atom_id 
_struct_site_gen.label_alt_id 
_struct_site_gen.symmetry 
_struct_site_gen.details 
1  AC1 8 LEU A 61  ? LEU A 303 . ? 1_555 ? 
2  AC1 8 LYS A 62  ? LYS A 304 . ? 1_555 ? 
3  AC1 8 GLY A 65  ? GLY A 307 . ? 1_555 ? 
4  AC1 8 ARG A 66  ? ARG A 308 . ? 1_555 ? 
5  AC1 8 TYR A 67  ? TYR A 309 . ? 1_555 ? 
6  AC1 8 GLU A 68  ? GLU A 310 . ? 1_555 ? 
7  AC1 8 HOH E .   ? HOH A 518 . ? 1_555 ? 
8  AC1 8 HOH E .   ? HOH A 522 . ? 5_445 ? 
9  AC2 5 ARG A 143 ? ARG A 385 . ? 1_555 ? 
10 AC2 5 ARG A 147 ? ARG A 389 . ? 1_555 ? 
11 AC2 5 HIS A 168 ? HIS A 410 . ? 6_555 ? 
12 AC2 5 HOH E .   ? HOH A 464 . ? 1_555 ? 
13 AC2 5 HOH E .   ? HOH A 582 . ? 1_555 ? 
14 AC3 6 GLU A 117 ? GLU A 359 . ? 1_555 ? 
15 AC3 6 ALA A 149 ? ALA A 391 . ? 1_555 ? 
16 AC3 6 ILE A 150 ? ILE A 392 . ? 1_555 ? 
17 AC3 6 ARG A 153 ? ARG A 395 . ? 1_555 ? 
18 AC3 6 HOH E .   ? HOH A 510 . ? 1_555 ? 
19 AC3 6 HOH E .   ? HOH A 555 . ? 3_555 ? 
# 
_pdbx_entry_details.entry_id                   2NSA 
_pdbx_entry_details.compound_details           ? 
_pdbx_entry_details.source_details             ? 
_pdbx_entry_details.nonpolymer_details         ? 
_pdbx_entry_details.sequence_details           ? 
_pdbx_entry_details.has_ligand_of_interest     ? 
_pdbx_entry_details.has_protein_modification   Y 
# 
loop_
_pdbx_struct_mod_residue.id 
_pdbx_struct_mod_residue.label_asym_id 
_pdbx_struct_mod_residue.label_comp_id 
_pdbx_struct_mod_residue.label_seq_id 
_pdbx_struct_mod_residue.auth_asym_id 
_pdbx_struct_mod_residue.auth_comp_id 
_pdbx_struct_mod_residue.auth_seq_id 
_pdbx_struct_mod_residue.PDB_ins_code 
_pdbx_struct_mod_residue.parent_comp_id 
_pdbx_struct_mod_residue.details 
1 A MSE 25 A MSE 267 ? MET SELENOMETHIONINE 
2 A MSE 29 A MSE 271 ? MET SELENOMETHIONINE 
# 
loop_
_diffrn_reflns.diffrn_id 
_diffrn_reflns.pdbx_d_res_low 
_diffrn_reflns.pdbx_d_res_high 
_diffrn_reflns.number 
_diffrn_reflns.pdbx_percent_possible_obs 
_diffrn_reflns.pdbx_Rmerge_I_obs 
_diffrn_reflns.pdbx_chi_squared 
_diffrn_reflns.pdbx_redundancy 
_diffrn_reflns.pdbx_rejects 
_diffrn_reflns.pdbx_number_obs 
_diffrn_reflns.av_sigmaI_over_netI 
_diffrn_reflns.pdbx_Rsym_value 
1 20.00 1.70 20170 99.700 0.043 1.990 ?     ? ? ? ? 
2 20.00 2.40 6636  89.900 0.030 1.252 2.800 ? ? ? ? 
# 
loop_
_pdbx_diffrn_reflns_shell.diffrn_id 
_pdbx_diffrn_reflns_shell.d_res_low 
_pdbx_diffrn_reflns_shell.d_res_high 
_pdbx_diffrn_reflns_shell.percent_possible_obs 
_pdbx_diffrn_reflns_shell.Rmerge_I_obs 
_pdbx_diffrn_reflns_shell.chi_squared 
_pdbx_diffrn_reflns_shell.rejects 
_pdbx_diffrn_reflns_shell.number_obs 
_pdbx_diffrn_reflns_shell.Rsym_value 
1 20.00 3.66 99.300  0.039 1.817 ? ? ? 
1 3.66  2.90 100.000 0.043 1.844 ? ? ? 
1 2.90  2.54 99.600  0.046 2.090 ? ? ? 
1 2.54  2.31 99.700  0.050 2.198 ? ? ? 
1 2.31  2.14 99.800  0.055 2.253 ? ? ? 
1 2.14  2.02 99.900  0.061 2.156 ? ? ? 
1 2.02  1.91 99.800  0.075 2.040 ? ? ? 
1 1.91  1.83 99.900  0.095 1.962 ? ? ? 
1 1.83  1.76 99.600  0.121 1.921 ? ? ? 
1 1.76  1.70 99.800  0.157 1.874 ? ? ? 
2 20.00 4.97 83.800  0.025 1.317 ? ? ? 
2 4.97  3.95 89.300  0.025 1.241 ? ? ? 
2 3.95  3.46 91.000  0.028 1.309 ? ? ? 
2 3.46  3.14 93.000  0.031 1.162 ? ? ? 
2 3.14  2.92 92.100  0.037 1.264 ? ? ? 
2 2.92  2.75 93.200  0.042 1.146 ? ? ? 
2 2.75  2.61 92.700  0.048 1.289 ? ? ? 
2 2.61  2.50 93.200  0.052 1.291 ? ? ? 
2 2.50  2.40 81.700  0.054 1.245 ? ? ? 
# 
_pdbx_phasing_dm.entry_id          2NSA 
_pdbx_phasing_dm.fom_acentric      0.51 
_pdbx_phasing_dm.fom_centric       0.56 
_pdbx_phasing_dm.fom               0.52 
_pdbx_phasing_dm.reflns_acentric   17762 
_pdbx_phasing_dm.reflns_centric    1852 
_pdbx_phasing_dm.reflns            19614 
# 
loop_
_pdbx_phasing_dm_shell.d_res_low 
_pdbx_phasing_dm_shell.d_res_high 
_pdbx_phasing_dm_shell.fom_acentric 
_pdbx_phasing_dm_shell.fom_centric 
_pdbx_phasing_dm_shell.fom 
_pdbx_phasing_dm_shell.reflns_acentric 
_pdbx_phasing_dm_shell.reflns_centric 
_pdbx_phasing_dm_shell.reflns 
19.607 4.9 0.94 0.89 0.94 694  223 917  
4.9    3.0 0.93 0.88 0.93 2343 387 2730 
3.0    2.4 0.81 0.69 0.80 3017 342 3359 
2.4    2.1 0.61 0.50 0.60 3089 279 3368 
2.1    1.8 0.30 0.26 0.29 5366 411 5777 
1.8    1.7 0.11 0.09 0.11 3253 210 3463 
# 
_phasing.method   SIRAS 
# 
_phasing_MIR_der.d_res_high      1.7 
_phasing_MIR_der.d_res_low       19.6 
_phasing_MIR_der.der_set_id      1 
_phasing_MIR_der.id              1 
_phasing_MIR_der.native_set_id   1 
# 
loop_
_phasing_MIR_der_site.id 
_phasing_MIR_der_site.atom_type_symbol 
_phasing_MIR_der_site.Cartn_x 
_phasing_MIR_der_site.Cartn_y 
_phasing_MIR_der_site.Cartn_z 
_phasing_MIR_der_site.occupancy 
_phasing_MIR_der_site.B_iso 
_phasing_MIR_der_site.der_id 
_phasing_MIR_der_site.details 
1 SE 13.322 -5.196 -7.334  0.50 46.1 1 ? 
2 SE 12.357 -8.740 -9.739  0.28 32.4 1 ? 
3 I  27.753 3.990  -39.875 0.19 17.1 1 ? 
4 I  35.797 3.839  -17.044 0.15 16.0 1 ? 
5 I  33.946 17.934 -26.120 0.15 30.1 1 ? 
# 
_phasing_set.id                1 
_phasing_set.pdbx_d_res_high   1.7 
_phasing_set.pdbx_d_res_low    19.6 
# 
loop_
_pdbx_unobs_or_zero_occ_residues.id 
_pdbx_unobs_or_zero_occ_residues.PDB_model_num 
_pdbx_unobs_or_zero_occ_residues.polymer_flag 
_pdbx_unobs_or_zero_occ_residues.occupancy_flag 
_pdbx_unobs_or_zero_occ_residues.auth_asym_id 
_pdbx_unobs_or_zero_occ_residues.auth_comp_id 
_pdbx_unobs_or_zero_occ_residues.auth_seq_id 
_pdbx_unobs_or_zero_occ_residues.PDB_ins_code 
_pdbx_unobs_or_zero_occ_residues.label_asym_id 
_pdbx_unobs_or_zero_occ_residues.label_comp_id 
_pdbx_unobs_or_zero_occ_residues.label_seq_id 
1 1 Y 1 A GLY 243 ? A GLY 1   
2 1 Y 1 A HIS 411 ? A HIS 169 
3 1 Y 1 A HIS 412 ? A HIS 170 
# 
loop_
_chem_comp_atom.comp_id 
_chem_comp_atom.atom_id 
_chem_comp_atom.type_symbol 
_chem_comp_atom.pdbx_aromatic_flag 
_chem_comp_atom.pdbx_stereo_config 
_chem_comp_atom.pdbx_ordinal 
ALA N    N  N N 1   
ALA CA   C  N S 2   
ALA C    C  N N 3   
ALA O    O  N N 4   
ALA CB   C  N N 5   
ALA OXT  O  N N 6   
ALA H    H  N N 7   
ALA H2   H  N N 8   
ALA HA   H  N N 9   
ALA HB1  H  N N 10  
ALA HB2  H  N N 11  
ALA HB3  H  N N 12  
ALA HXT  H  N N 13  
ARG N    N  N N 14  
ARG CA   C  N S 15  
ARG C    C  N N 16  
ARG O    O  N N 17  
ARG CB   C  N N 18  
ARG CG   C  N N 19  
ARG CD   C  N N 20  
ARG NE   N  N N 21  
ARG CZ   C  N N 22  
ARG NH1  N  N N 23  
ARG NH2  N  N N 24  
ARG OXT  O  N N 25  
ARG H    H  N N 26  
ARG H2   H  N N 27  
ARG HA   H  N N 28  
ARG HB2  H  N N 29  
ARG HB3  H  N N 30  
ARG HG2  H  N N 31  
ARG HG3  H  N N 32  
ARG HD2  H  N N 33  
ARG HD3  H  N N 34  
ARG HE   H  N N 35  
ARG HH11 H  N N 36  
ARG HH12 H  N N 37  
ARG HH21 H  N N 38  
ARG HH22 H  N N 39  
ARG HXT  H  N N 40  
ASN N    N  N N 41  
ASN CA   C  N S 42  
ASN C    C  N N 43  
ASN O    O  N N 44  
ASN CB   C  N N 45  
ASN CG   C  N N 46  
ASN OD1  O  N N 47  
ASN ND2  N  N N 48  
ASN OXT  O  N N 49  
ASN H    H  N N 50  
ASN H2   H  N N 51  
ASN HA   H  N N 52  
ASN HB2  H  N N 53  
ASN HB3  H  N N 54  
ASN HD21 H  N N 55  
ASN HD22 H  N N 56  
ASN HXT  H  N N 57  
ASP N    N  N N 58  
ASP CA   C  N S 59  
ASP C    C  N N 60  
ASP O    O  N N 61  
ASP CB   C  N N 62  
ASP CG   C  N N 63  
ASP OD1  O  N N 64  
ASP OD2  O  N N 65  
ASP OXT  O  N N 66  
ASP H    H  N N 67  
ASP H2   H  N N 68  
ASP HA   H  N N 69  
ASP HB2  H  N N 70  
ASP HB3  H  N N 71  
ASP HD2  H  N N 72  
ASP HXT  H  N N 73  
GLN N    N  N N 74  
GLN CA   C  N S 75  
GLN C    C  N N 76  
GLN O    O  N N 77  
GLN CB   C  N N 78  
GLN CG   C  N N 79  
GLN CD   C  N N 80  
GLN OE1  O  N N 81  
GLN NE2  N  N N 82  
GLN OXT  O  N N 83  
GLN H    H  N N 84  
GLN H2   H  N N 85  
GLN HA   H  N N 86  
GLN HB2  H  N N 87  
GLN HB3  H  N N 88  
GLN HG2  H  N N 89  
GLN HG3  H  N N 90  
GLN HE21 H  N N 91  
GLN HE22 H  N N 92  
GLN HXT  H  N N 93  
GLU N    N  N N 94  
GLU CA   C  N S 95  
GLU C    C  N N 96  
GLU O    O  N N 97  
GLU CB   C  N N 98  
GLU CG   C  N N 99  
GLU CD   C  N N 100 
GLU OE1  O  N N 101 
GLU OE2  O  N N 102 
GLU OXT  O  N N 103 
GLU H    H  N N 104 
GLU H2   H  N N 105 
GLU HA   H  N N 106 
GLU HB2  H  N N 107 
GLU HB3  H  N N 108 
GLU HG2  H  N N 109 
GLU HG3  H  N N 110 
GLU HE2  H  N N 111 
GLU HXT  H  N N 112 
GLY N    N  N N 113 
GLY CA   C  N N 114 
GLY C    C  N N 115 
GLY O    O  N N 116 
GLY OXT  O  N N 117 
GLY H    H  N N 118 
GLY H2   H  N N 119 
GLY HA2  H  N N 120 
GLY HA3  H  N N 121 
GLY HXT  H  N N 122 
HIS N    N  N N 123 
HIS CA   C  N S 124 
HIS C    C  N N 125 
HIS O    O  N N 126 
HIS CB   C  N N 127 
HIS CG   C  Y N 128 
HIS ND1  N  Y N 129 
HIS CD2  C  Y N 130 
HIS CE1  C  Y N 131 
HIS NE2  N  Y N 132 
HIS OXT  O  N N 133 
HIS H    H  N N 134 
HIS H2   H  N N 135 
HIS HA   H  N N 136 
HIS HB2  H  N N 137 
HIS HB3  H  N N 138 
HIS HD1  H  N N 139 
HIS HD2  H  N N 140 
HIS HE1  H  N N 141 
HIS HE2  H  N N 142 
HIS HXT  H  N N 143 
HOH O    O  N N 144 
HOH H1   H  N N 145 
HOH H2   H  N N 146 
ILE N    N  N N 147 
ILE CA   C  N S 148 
ILE C    C  N N 149 
ILE O    O  N N 150 
ILE CB   C  N S 151 
ILE CG1  C  N N 152 
ILE CG2  C  N N 153 
ILE CD1  C  N N 154 
ILE OXT  O  N N 155 
ILE H    H  N N 156 
ILE H2   H  N N 157 
ILE HA   H  N N 158 
ILE HB   H  N N 159 
ILE HG12 H  N N 160 
ILE HG13 H  N N 161 
ILE HG21 H  N N 162 
ILE HG22 H  N N 163 
ILE HG23 H  N N 164 
ILE HD11 H  N N 165 
ILE HD12 H  N N 166 
ILE HD13 H  N N 167 
ILE HXT  H  N N 168 
LEU N    N  N N 169 
LEU CA   C  N S 170 
LEU C    C  N N 171 
LEU O    O  N N 172 
LEU CB   C  N N 173 
LEU CG   C  N N 174 
LEU CD1  C  N N 175 
LEU CD2  C  N N 176 
LEU OXT  O  N N 177 
LEU H    H  N N 178 
LEU H2   H  N N 179 
LEU HA   H  N N 180 
LEU HB2  H  N N 181 
LEU HB3  H  N N 182 
LEU HG   H  N N 183 
LEU HD11 H  N N 184 
LEU HD12 H  N N 185 
LEU HD13 H  N N 186 
LEU HD21 H  N N 187 
LEU HD22 H  N N 188 
LEU HD23 H  N N 189 
LEU HXT  H  N N 190 
LYS N    N  N N 191 
LYS CA   C  N S 192 
LYS C    C  N N 193 
LYS O    O  N N 194 
LYS CB   C  N N 195 
LYS CG   C  N N 196 
LYS CD   C  N N 197 
LYS CE   C  N N 198 
LYS NZ   N  N N 199 
LYS OXT  O  N N 200 
LYS H    H  N N 201 
LYS H2   H  N N 202 
LYS HA   H  N N 203 
LYS HB2  H  N N 204 
LYS HB3  H  N N 205 
LYS HG2  H  N N 206 
LYS HG3  H  N N 207 
LYS HD2  H  N N 208 
LYS HD3  H  N N 209 
LYS HE2  H  N N 210 
LYS HE3  H  N N 211 
LYS HZ1  H  N N 212 
LYS HZ2  H  N N 213 
LYS HZ3  H  N N 214 
LYS HXT  H  N N 215 
MET N    N  N N 216 
MET CA   C  N S 217 
MET C    C  N N 218 
MET O    O  N N 219 
MET CB   C  N N 220 
MET CG   C  N N 221 
MET SD   S  N N 222 
MET CE   C  N N 223 
MET OXT  O  N N 224 
MET H    H  N N 225 
MET H2   H  N N 226 
MET HA   H  N N 227 
MET HB2  H  N N 228 
MET HB3  H  N N 229 
MET HG2  H  N N 230 
MET HG3  H  N N 231 
MET HE1  H  N N 232 
MET HE2  H  N N 233 
MET HE3  H  N N 234 
MET HXT  H  N N 235 
MSE N    N  N N 236 
MSE CA   C  N S 237 
MSE C    C  N N 238 
MSE O    O  N N 239 
MSE OXT  O  N N 240 
MSE CB   C  N N 241 
MSE CG   C  N N 242 
MSE SE   SE N N 243 
MSE CE   C  N N 244 
MSE H    H  N N 245 
MSE H2   H  N N 246 
MSE HA   H  N N 247 
MSE HXT  H  N N 248 
MSE HB2  H  N N 249 
MSE HB3  H  N N 250 
MSE HG2  H  N N 251 
MSE HG3  H  N N 252 
MSE HE1  H  N N 253 
MSE HE2  H  N N 254 
MSE HE3  H  N N 255 
PHE N    N  N N 256 
PHE CA   C  N S 257 
PHE C    C  N N 258 
PHE O    O  N N 259 
PHE CB   C  N N 260 
PHE CG   C  Y N 261 
PHE CD1  C  Y N 262 
PHE CD2  C  Y N 263 
PHE CE1  C  Y N 264 
PHE CE2  C  Y N 265 
PHE CZ   C  Y N 266 
PHE OXT  O  N N 267 
PHE H    H  N N 268 
PHE H2   H  N N 269 
PHE HA   H  N N 270 
PHE HB2  H  N N 271 
PHE HB3  H  N N 272 
PHE HD1  H  N N 273 
PHE HD2  H  N N 274 
PHE HE1  H  N N 275 
PHE HE2  H  N N 276 
PHE HZ   H  N N 277 
PHE HXT  H  N N 278 
PRO N    N  N N 279 
PRO CA   C  N S 280 
PRO C    C  N N 281 
PRO O    O  N N 282 
PRO CB   C  N N 283 
PRO CG   C  N N 284 
PRO CD   C  N N 285 
PRO OXT  O  N N 286 
PRO H    H  N N 287 
PRO HA   H  N N 288 
PRO HB2  H  N N 289 
PRO HB3  H  N N 290 
PRO HG2  H  N N 291 
PRO HG3  H  N N 292 
PRO HD2  H  N N 293 
PRO HD3  H  N N 294 
PRO HXT  H  N N 295 
SER N    N  N N 296 
SER CA   C  N S 297 
SER C    C  N N 298 
SER O    O  N N 299 
SER CB   C  N N 300 
SER OG   O  N N 301 
SER OXT  O  N N 302 
SER H    H  N N 303 
SER H2   H  N N 304 
SER HA   H  N N 305 
SER HB2  H  N N 306 
SER HB3  H  N N 307 
SER HG   H  N N 308 
SER HXT  H  N N 309 
SO4 S    S  N N 310 
SO4 O1   O  N N 311 
SO4 O2   O  N N 312 
SO4 O3   O  N N 313 
SO4 O4   O  N N 314 
THR N    N  N N 315 
THR CA   C  N S 316 
THR C    C  N N 317 
THR O    O  N N 318 
THR CB   C  N R 319 
THR OG1  O  N N 320 
THR CG2  C  N N 321 
THR OXT  O  N N 322 
THR H    H  N N 323 
THR H2   H  N N 324 
THR HA   H  N N 325 
THR HB   H  N N 326 
THR HG1  H  N N 327 
THR HG21 H  N N 328 
THR HG22 H  N N 329 
THR HG23 H  N N 330 
THR HXT  H  N N 331 
TRP N    N  N N 332 
TRP CA   C  N S 333 
TRP C    C  N N 334 
TRP O    O  N N 335 
TRP CB   C  N N 336 
TRP CG   C  Y N 337 
TRP CD1  C  Y N 338 
TRP CD2  C  Y N 339 
TRP NE1  N  Y N 340 
TRP CE2  C  Y N 341 
TRP CE3  C  Y N 342 
TRP CZ2  C  Y N 343 
TRP CZ3  C  Y N 344 
TRP CH2  C  Y N 345 
TRP OXT  O  N N 346 
TRP H    H  N N 347 
TRP H2   H  N N 348 
TRP HA   H  N N 349 
TRP HB2  H  N N 350 
TRP HB3  H  N N 351 
TRP HD1  H  N N 352 
TRP HE1  H  N N 353 
TRP HE3  H  N N 354 
TRP HZ2  H  N N 355 
TRP HZ3  H  N N 356 
TRP HH2  H  N N 357 
TRP HXT  H  N N 358 
TYR N    N  N N 359 
TYR CA   C  N S 360 
TYR C    C  N N 361 
TYR O    O  N N 362 
TYR CB   C  N N 363 
TYR CG   C  Y N 364 
TYR CD1  C  Y N 365 
TYR CD2  C  Y N 366 
TYR CE1  C  Y N 367 
TYR CE2  C  Y N 368 
TYR CZ   C  Y N 369 
TYR OH   O  N N 370 
TYR OXT  O  N N 371 
TYR H    H  N N 372 
TYR H2   H  N N 373 
TYR HA   H  N N 374 
TYR HB2  H  N N 375 
TYR HB3  H  N N 376 
TYR HD1  H  N N 377 
TYR HD2  H  N N 378 
TYR HE1  H  N N 379 
TYR HE2  H  N N 380 
TYR HH   H  N N 381 
TYR HXT  H  N N 382 
VAL N    N  N N 383 
VAL CA   C  N S 384 
VAL C    C  N N 385 
VAL O    O  N N 386 
VAL CB   C  N N 387 
VAL CG1  C  N N 388 
VAL CG2  C  N N 389 
VAL OXT  O  N N 390 
VAL H    H  N N 391 
VAL H2   H  N N 392 
VAL HA   H  N N 393 
VAL HB   H  N N 394 
VAL HG11 H  N N 395 
VAL HG12 H  N N 396 
VAL HG13 H  N N 397 
VAL HG21 H  N N 398 
VAL HG22 H  N N 399 
VAL HG23 H  N N 400 
VAL HXT  H  N N 401 
# 
loop_
_chem_comp_bond.comp_id 
_chem_comp_bond.atom_id_1 
_chem_comp_bond.atom_id_2 
_chem_comp_bond.value_order 
_chem_comp_bond.pdbx_aromatic_flag 
_chem_comp_bond.pdbx_stereo_config 
_chem_comp_bond.pdbx_ordinal 
ALA N   CA   sing N N 1   
ALA N   H    sing N N 2   
ALA N   H2   sing N N 3   
ALA CA  C    sing N N 4   
ALA CA  CB   sing N N 5   
ALA CA  HA   sing N N 6   
ALA C   O    doub N N 7   
ALA C   OXT  sing N N 8   
ALA CB  HB1  sing N N 9   
ALA CB  HB2  sing N N 10  
ALA CB  HB3  sing N N 11  
ALA OXT HXT  sing N N 12  
ARG N   CA   sing N N 13  
ARG N   H    sing N N 14  
ARG N   H2   sing N N 15  
ARG CA  C    sing N N 16  
ARG CA  CB   sing N N 17  
ARG CA  HA   sing N N 18  
ARG C   O    doub N N 19  
ARG C   OXT  sing N N 20  
ARG CB  CG   sing N N 21  
ARG CB  HB2  sing N N 22  
ARG CB  HB3  sing N N 23  
ARG CG  CD   sing N N 24  
ARG CG  HG2  sing N N 25  
ARG CG  HG3  sing N N 26  
ARG CD  NE   sing N N 27  
ARG CD  HD2  sing N N 28  
ARG CD  HD3  sing N N 29  
ARG NE  CZ   sing N N 30  
ARG NE  HE   sing N N 31  
ARG CZ  NH1  sing N N 32  
ARG CZ  NH2  doub N N 33  
ARG NH1 HH11 sing N N 34  
ARG NH1 HH12 sing N N 35  
ARG NH2 HH21 sing N N 36  
ARG NH2 HH22 sing N N 37  
ARG OXT HXT  sing N N 38  
ASN N   CA   sing N N 39  
ASN N   H    sing N N 40  
ASN N   H2   sing N N 41  
ASN CA  C    sing N N 42  
ASN CA  CB   sing N N 43  
ASN CA  HA   sing N N 44  
ASN C   O    doub N N 45  
ASN C   OXT  sing N N 46  
ASN CB  CG   sing N N 47  
ASN CB  HB2  sing N N 48  
ASN CB  HB3  sing N N 49  
ASN CG  OD1  doub N N 50  
ASN CG  ND2  sing N N 51  
ASN ND2 HD21 sing N N 52  
ASN ND2 HD22 sing N N 53  
ASN OXT HXT  sing N N 54  
ASP N   CA   sing N N 55  
ASP N   H    sing N N 56  
ASP N   H2   sing N N 57  
ASP CA  C    sing N N 58  
ASP CA  CB   sing N N 59  
ASP CA  HA   sing N N 60  
ASP C   O    doub N N 61  
ASP C   OXT  sing N N 62  
ASP CB  CG   sing N N 63  
ASP CB  HB2  sing N N 64  
ASP CB  HB3  sing N N 65  
ASP CG  OD1  doub N N 66  
ASP CG  OD2  sing N N 67  
ASP OD2 HD2  sing N N 68  
ASP OXT HXT  sing N N 69  
GLN N   CA   sing N N 70  
GLN N   H    sing N N 71  
GLN N   H2   sing N N 72  
GLN CA  C    sing N N 73  
GLN CA  CB   sing N N 74  
GLN CA  HA   sing N N 75  
GLN C   O    doub N N 76  
GLN C   OXT  sing N N 77  
GLN CB  CG   sing N N 78  
GLN CB  HB2  sing N N 79  
GLN CB  HB3  sing N N 80  
GLN CG  CD   sing N N 81  
GLN CG  HG2  sing N N 82  
GLN CG  HG3  sing N N 83  
GLN CD  OE1  doub N N 84  
GLN CD  NE2  sing N N 85  
GLN NE2 HE21 sing N N 86  
GLN NE2 HE22 sing N N 87  
GLN OXT HXT  sing N N 88  
GLU N   CA   sing N N 89  
GLU N   H    sing N N 90  
GLU N   H2   sing N N 91  
GLU CA  C    sing N N 92  
GLU CA  CB   sing N N 93  
GLU CA  HA   sing N N 94  
GLU C   O    doub N N 95  
GLU C   OXT  sing N N 96  
GLU CB  CG   sing N N 97  
GLU CB  HB2  sing N N 98  
GLU CB  HB3  sing N N 99  
GLU CG  CD   sing N N 100 
GLU CG  HG2  sing N N 101 
GLU CG  HG3  sing N N 102 
GLU CD  OE1  doub N N 103 
GLU CD  OE2  sing N N 104 
GLU OE2 HE2  sing N N 105 
GLU OXT HXT  sing N N 106 
GLY N   CA   sing N N 107 
GLY N   H    sing N N 108 
GLY N   H2   sing N N 109 
GLY CA  C    sing N N 110 
GLY CA  HA2  sing N N 111 
GLY CA  HA3  sing N N 112 
GLY C   O    doub N N 113 
GLY C   OXT  sing N N 114 
GLY OXT HXT  sing N N 115 
HIS N   CA   sing N N 116 
HIS N   H    sing N N 117 
HIS N   H2   sing N N 118 
HIS CA  C    sing N N 119 
HIS CA  CB   sing N N 120 
HIS CA  HA   sing N N 121 
HIS C   O    doub N N 122 
HIS C   OXT  sing N N 123 
HIS CB  CG   sing N N 124 
HIS CB  HB2  sing N N 125 
HIS CB  HB3  sing N N 126 
HIS CG  ND1  sing Y N 127 
HIS CG  CD2  doub Y N 128 
HIS ND1 CE1  doub Y N 129 
HIS ND1 HD1  sing N N 130 
HIS CD2 NE2  sing Y N 131 
HIS CD2 HD2  sing N N 132 
HIS CE1 NE2  sing Y N 133 
HIS CE1 HE1  sing N N 134 
HIS NE2 HE2  sing N N 135 
HIS OXT HXT  sing N N 136 
HOH O   H1   sing N N 137 
HOH O   H2   sing N N 138 
ILE N   CA   sing N N 139 
ILE N   H    sing N N 140 
ILE N   H2   sing N N 141 
ILE CA  C    sing N N 142 
ILE CA  CB   sing N N 143 
ILE CA  HA   sing N N 144 
ILE C   O    doub N N 145 
ILE C   OXT  sing N N 146 
ILE CB  CG1  sing N N 147 
ILE CB  CG2  sing N N 148 
ILE CB  HB   sing N N 149 
ILE CG1 CD1  sing N N 150 
ILE CG1 HG12 sing N N 151 
ILE CG1 HG13 sing N N 152 
ILE CG2 HG21 sing N N 153 
ILE CG2 HG22 sing N N 154 
ILE CG2 HG23 sing N N 155 
ILE CD1 HD11 sing N N 156 
ILE CD1 HD12 sing N N 157 
ILE CD1 HD13 sing N N 158 
ILE OXT HXT  sing N N 159 
LEU N   CA   sing N N 160 
LEU N   H    sing N N 161 
LEU N   H2   sing N N 162 
LEU CA  C    sing N N 163 
LEU CA  CB   sing N N 164 
LEU CA  HA   sing N N 165 
LEU C   O    doub N N 166 
LEU C   OXT  sing N N 167 
LEU CB  CG   sing N N 168 
LEU CB  HB2  sing N N 169 
LEU CB  HB3  sing N N 170 
LEU CG  CD1  sing N N 171 
LEU CG  CD2  sing N N 172 
LEU CG  HG   sing N N 173 
LEU CD1 HD11 sing N N 174 
LEU CD1 HD12 sing N N 175 
LEU CD1 HD13 sing N N 176 
LEU CD2 HD21 sing N N 177 
LEU CD2 HD22 sing N N 178 
LEU CD2 HD23 sing N N 179 
LEU OXT HXT  sing N N 180 
LYS N   CA   sing N N 181 
LYS N   H    sing N N 182 
LYS N   H2   sing N N 183 
LYS CA  C    sing N N 184 
LYS CA  CB   sing N N 185 
LYS CA  HA   sing N N 186 
LYS C   O    doub N N 187 
LYS C   OXT  sing N N 188 
LYS CB  CG   sing N N 189 
LYS CB  HB2  sing N N 190 
LYS CB  HB3  sing N N 191 
LYS CG  CD   sing N N 192 
LYS CG  HG2  sing N N 193 
LYS CG  HG3  sing N N 194 
LYS CD  CE   sing N N 195 
LYS CD  HD2  sing N N 196 
LYS CD  HD3  sing N N 197 
LYS CE  NZ   sing N N 198 
LYS CE  HE2  sing N N 199 
LYS CE  HE3  sing N N 200 
LYS NZ  HZ1  sing N N 201 
LYS NZ  HZ2  sing N N 202 
LYS NZ  HZ3  sing N N 203 
LYS OXT HXT  sing N N 204 
MET N   CA   sing N N 205 
MET N   H    sing N N 206 
MET N   H2   sing N N 207 
MET CA  C    sing N N 208 
MET CA  CB   sing N N 209 
MET CA  HA   sing N N 210 
MET C   O    doub N N 211 
MET C   OXT  sing N N 212 
MET CB  CG   sing N N 213 
MET CB  HB2  sing N N 214 
MET CB  HB3  sing N N 215 
MET CG  SD   sing N N 216 
MET CG  HG2  sing N N 217 
MET CG  HG3  sing N N 218 
MET SD  CE   sing N N 219 
MET CE  HE1  sing N N 220 
MET CE  HE2  sing N N 221 
MET CE  HE3  sing N N 222 
MET OXT HXT  sing N N 223 
MSE N   CA   sing N N 224 
MSE N   H    sing N N 225 
MSE N   H2   sing N N 226 
MSE CA  C    sing N N 227 
MSE CA  CB   sing N N 228 
MSE CA  HA   sing N N 229 
MSE C   O    doub N N 230 
MSE C   OXT  sing N N 231 
MSE OXT HXT  sing N N 232 
MSE CB  CG   sing N N 233 
MSE CB  HB2  sing N N 234 
MSE CB  HB3  sing N N 235 
MSE CG  SE   sing N N 236 
MSE CG  HG2  sing N N 237 
MSE CG  HG3  sing N N 238 
MSE SE  CE   sing N N 239 
MSE CE  HE1  sing N N 240 
MSE CE  HE2  sing N N 241 
MSE CE  HE3  sing N N 242 
PHE N   CA   sing N N 243 
PHE N   H    sing N N 244 
PHE N   H2   sing N N 245 
PHE CA  C    sing N N 246 
PHE CA  CB   sing N N 247 
PHE CA  HA   sing N N 248 
PHE C   O    doub N N 249 
PHE C   OXT  sing N N 250 
PHE CB  CG   sing N N 251 
PHE CB  HB2  sing N N 252 
PHE CB  HB3  sing N N 253 
PHE CG  CD1  doub Y N 254 
PHE CG  CD2  sing Y N 255 
PHE CD1 CE1  sing Y N 256 
PHE CD1 HD1  sing N N 257 
PHE CD2 CE2  doub Y N 258 
PHE CD2 HD2  sing N N 259 
PHE CE1 CZ   doub Y N 260 
PHE CE1 HE1  sing N N 261 
PHE CE2 CZ   sing Y N 262 
PHE CE2 HE2  sing N N 263 
PHE CZ  HZ   sing N N 264 
PHE OXT HXT  sing N N 265 
PRO N   CA   sing N N 266 
PRO N   CD   sing N N 267 
PRO N   H    sing N N 268 
PRO CA  C    sing N N 269 
PRO CA  CB   sing N N 270 
PRO CA  HA   sing N N 271 
PRO C   O    doub N N 272 
PRO C   OXT  sing N N 273 
PRO CB  CG   sing N N 274 
PRO CB  HB2  sing N N 275 
PRO CB  HB3  sing N N 276 
PRO CG  CD   sing N N 277 
PRO CG  HG2  sing N N 278 
PRO CG  HG3  sing N N 279 
PRO CD  HD2  sing N N 280 
PRO CD  HD3  sing N N 281 
PRO OXT HXT  sing N N 282 
SER N   CA   sing N N 283 
SER N   H    sing N N 284 
SER N   H2   sing N N 285 
SER CA  C    sing N N 286 
SER CA  CB   sing N N 287 
SER CA  HA   sing N N 288 
SER C   O    doub N N 289 
SER C   OXT  sing N N 290 
SER CB  OG   sing N N 291 
SER CB  HB2  sing N N 292 
SER CB  HB3  sing N N 293 
SER OG  HG   sing N N 294 
SER OXT HXT  sing N N 295 
SO4 S   O1   doub N N 296 
SO4 S   O2   doub N N 297 
SO4 S   O3   sing N N 298 
SO4 S   O4   sing N N 299 
THR N   CA   sing N N 300 
THR N   H    sing N N 301 
THR N   H2   sing N N 302 
THR CA  C    sing N N 303 
THR CA  CB   sing N N 304 
THR CA  HA   sing N N 305 
THR C   O    doub N N 306 
THR C   OXT  sing N N 307 
THR CB  OG1  sing N N 308 
THR CB  CG2  sing N N 309 
THR CB  HB   sing N N 310 
THR OG1 HG1  sing N N 311 
THR CG2 HG21 sing N N 312 
THR CG2 HG22 sing N N 313 
THR CG2 HG23 sing N N 314 
THR OXT HXT  sing N N 315 
TRP N   CA   sing N N 316 
TRP N   H    sing N N 317 
TRP N   H2   sing N N 318 
TRP CA  C    sing N N 319 
TRP CA  CB   sing N N 320 
TRP CA  HA   sing N N 321 
TRP C   O    doub N N 322 
TRP C   OXT  sing N N 323 
TRP CB  CG   sing N N 324 
TRP CB  HB2  sing N N 325 
TRP CB  HB3  sing N N 326 
TRP CG  CD1  doub Y N 327 
TRP CG  CD2  sing Y N 328 
TRP CD1 NE1  sing Y N 329 
TRP CD1 HD1  sing N N 330 
TRP CD2 CE2  doub Y N 331 
TRP CD2 CE3  sing Y N 332 
TRP NE1 CE2  sing Y N 333 
TRP NE1 HE1  sing N N 334 
TRP CE2 CZ2  sing Y N 335 
TRP CE3 CZ3  doub Y N 336 
TRP CE3 HE3  sing N N 337 
TRP CZ2 CH2  doub Y N 338 
TRP CZ2 HZ2  sing N N 339 
TRP CZ3 CH2  sing Y N 340 
TRP CZ3 HZ3  sing N N 341 
TRP CH2 HH2  sing N N 342 
TRP OXT HXT  sing N N 343 
TYR N   CA   sing N N 344 
TYR N   H    sing N N 345 
TYR N   H2   sing N N 346 
TYR CA  C    sing N N 347 
TYR CA  CB   sing N N 348 
TYR CA  HA   sing N N 349 
TYR C   O    doub N N 350 
TYR C   OXT  sing N N 351 
TYR CB  CG   sing N N 352 
TYR CB  HB2  sing N N 353 
TYR CB  HB3  sing N N 354 
TYR CG  CD1  doub Y N 355 
TYR CG  CD2  sing Y N 356 
TYR CD1 CE1  sing Y N 357 
TYR CD1 HD1  sing N N 358 
TYR CD2 CE2  doub Y N 359 
TYR CD2 HD2  sing N N 360 
TYR CE1 CZ   doub Y N 361 
TYR CE1 HE1  sing N N 362 
TYR CE2 CZ   sing Y N 363 
TYR CE2 HE2  sing N N 364 
TYR CZ  OH   sing N N 365 
TYR OH  HH   sing N N 366 
TYR OXT HXT  sing N N 367 
VAL N   CA   sing N N 368 
VAL N   H    sing N N 369 
VAL N   H2   sing N N 370 
VAL CA  C    sing N N 371 
VAL CA  CB   sing N N 372 
VAL CA  HA   sing N N 373 
VAL C   O    doub N N 374 
VAL C   OXT  sing N N 375 
VAL CB  CG1  sing N N 376 
VAL CB  CG2  sing N N 377 
VAL CB  HB   sing N N 378 
VAL CG1 HG11 sing N N 379 
VAL CG1 HG12 sing N N 380 
VAL CG1 HG13 sing N N 381 
VAL CG2 HG21 sing N N 382 
VAL CG2 HG22 sing N N 383 
VAL CG2 HG23 sing N N 384 
VAL OXT HXT  sing N N 385 
# 
_atom_sites.entry_id                    2NSA 
_atom_sites.fract_transf_matrix[1][1]   0.01094873 
_atom_sites.fract_transf_matrix[1][2]   0.01229494 
_atom_sites.fract_transf_matrix[1][3]   -0.00859961 
_atom_sites.fract_transf_matrix[2][1]   -0.00584969 
_atom_sites.fract_transf_matrix[2][2]   -0.00301529 
_atom_sites.fract_transf_matrix[2][3]   -0.01175861 
_atom_sites.fract_transf_matrix[3][1]   -0.00756303 
_atom_sites.fract_transf_matrix[3][2]   0.00794207 
_atom_sites.fract_transf_matrix[3][3]   0.00172586 
_atom_sites.fract_transf_vector[1]      0.087283 
_atom_sites.fract_transf_vector[2]      0.098025 
_atom_sites.fract_transf_vector[3]      0.348917 
# 
loop_
_atom_type.symbol 
C  
N  
O  
S  
SE 
# 
loop_
_atom_site.group_PDB 
_atom_site.id 
_atom_site.type_symbol 
_atom_site.label_atom_id 
_atom_site.label_alt_id 
_atom_site.label_comp_id 
_atom_site.label_asym_id 
_atom_site.label_entity_id 
_atom_site.label_seq_id 
_atom_site.pdbx_PDB_ins_code 
_atom_site.Cartn_x 
_atom_site.Cartn_y 
_atom_site.Cartn_z 
_atom_site.occupancy 
_atom_site.B_iso_or_equiv 
_atom_site.pdbx_formal_charge 
_atom_site.auth_seq_id 
_atom_site.auth_comp_id 
_atom_site.auth_asym_id 
_atom_site.auth_atom_id 
_atom_site.pdbx_PDB_model_num 
ATOM   1    N  N   . GLU A 1 2   ? 18.182  9.767   3.627   1.00 47.98 ? 244 GLU A N   1 
ATOM   2    C  CA  . GLU A 1 2   ? 17.145  9.054   2.831   1.00 47.91 ? 244 GLU A CA  1 
ATOM   3    C  C   . GLU A 1 2   ? 16.990  9.651   1.435   1.00 47.35 ? 244 GLU A C   1 
ATOM   4    O  O   . GLU A 1 2   ? 17.503  10.734  1.150   1.00 47.27 ? 244 GLU A O   1 
ATOM   5    C  CB  . GLU A 1 2   ? 15.803  9.084   3.571   1.00 49.09 ? 244 GLU A CB  1 
ATOM   6    C  CG  . GLU A 1 2   ? 15.378  10.457  4.059   1.00 49.31 ? 244 GLU A CG  1 
ATOM   7    C  CD  . GLU A 1 2   ? 14.070  10.419  4.833   1.00 50.00 ? 244 GLU A CD  1 
ATOM   8    O  OE1 . GLU A 1 2   ? 13.980  9.652   5.814   1.00 48.12 ? 244 GLU A OE1 1 
ATOM   9    O  OE2 . GLU A 1 2   ? 13.133  11.158  4.461   1.00 50.53 ? 244 GLU A OE2 1 
ATOM   10   N  N   . PHE A 1 3   ? 16.279  8.935   0.569   1.00 45.70 ? 245 PHE A N   1 
ATOM   11   C  CA  . PHE A 1 3   ? 16.064  9.379   -0.804  1.00 43.79 ? 245 PHE A CA  1 
ATOM   12   C  C   . PHE A 1 3   ? 15.340  10.714  -0.892  1.00 42.30 ? 245 PHE A C   1 
ATOM   13   O  O   . PHE A 1 3   ? 14.510  11.042  -0.045  1.00 41.65 ? 245 PHE A O   1 
ATOM   14   C  CB  . PHE A 1 3   ? 15.273  8.328   -1.584  1.00 44.17 ? 245 PHE A CB  1 
ATOM   15   C  CG  . PHE A 1 3   ? 15.888  6.962   -1.552  1.00 43.85 ? 245 PHE A CG  1 
ATOM   16   C  CD1 . PHE A 1 3   ? 15.321  5.948   -0.787  1.00 44.61 ? 245 PHE A CD1 1 
ATOM   17   C  CD2 . PHE A 1 3   ? 17.042  6.690   -2.279  1.00 43.90 ? 245 PHE A CD2 1 
ATOM   18   C  CE1 . PHE A 1 3   ? 15.893  4.680   -0.746  1.00 44.50 ? 245 PHE A CE1 1 
ATOM   19   C  CE2 . PHE A 1 3   ? 17.622  5.426   -2.246  1.00 43.93 ? 245 PHE A CE2 1 
ATOM   20   C  CZ  . PHE A 1 3   ? 17.047  4.418   -1.477  1.00 44.49 ? 245 PHE A CZ  1 
ATOM   21   N  N   . GLU A 1 4   ? 15.660  11.477  -1.931  1.00 41.03 ? 246 GLU A N   1 
ATOM   22   C  CA  . GLU A 1 4   ? 15.048  12.778  -2.151  1.00 40.28 ? 246 GLU A CA  1 
ATOM   23   C  C   . GLU A 1 4   ? 14.218  12.764  -3.432  1.00 38.18 ? 246 GLU A C   1 
ATOM   24   O  O   . GLU A 1 4   ? 13.245  13.506  -3.558  1.00 38.95 ? 246 GLU A O   1 
ATOM   25   C  CB  . GLU A 1 4   ? 16.132  13.856  -2.244  1.00 43.42 ? 246 GLU A CB  1 
ATOM   26   C  CG  . GLU A 1 4   ? 15.603  15.273  -2.423  1.00 47.79 ? 246 GLU A CG  1 
ATOM   27   C  CD  . GLU A 1 4   ? 16.711  16.312  -2.432  1.00 50.42 ? 246 GLU A CD  1 
ATOM   28   O  OE1 . GLU A 1 4   ? 17.386  16.473  -1.391  1.00 51.89 ? 246 GLU A OE1 1 
ATOM   29   O  OE2 . GLU A 1 4   ? 16.910  16.964  -3.479  1.00 52.03 ? 246 GLU A OE2 1 
ATOM   30   N  N   . THR A 1 5   ? 14.601  11.912  -4.379  1.00 34.88 ? 247 THR A N   1 
ATOM   31   C  CA  . THR A 1 5   ? 13.889  11.817  -5.647  1.00 32.29 ? 247 THR A CA  1 
ATOM   32   C  C   . THR A 1 5   ? 13.536  10.379  -5.996  1.00 29.02 ? 247 THR A C   1 
ATOM   33   O  O   . THR A 1 5   ? 14.175  9.439   -5.525  1.00 28.04 ? 247 THR A O   1 
ATOM   34   C  CB  . THR A 1 5   ? 14.729  12.380  -6.804  1.00 33.40 ? 247 THR A CB  1 
ATOM   35   O  OG1 . THR A 1 5   ? 15.855  11.525  -7.034  1.00 32.17 ? 247 THR A OG1 1 
ATOM   36   C  CG2 . THR A 1 5   ? 15.218  13.779  -6.472  1.00 32.89 ? 247 THR A CG2 1 
ATOM   37   N  N   . LEU A 1 6   ? 12.515  10.219  -6.831  1.00 28.07 ? 248 LEU A N   1 
ATOM   38   C  CA  . LEU A 1 6   ? 12.074  8.898   -7.256  1.00 27.46 ? 248 LEU A CA  1 
ATOM   39   C  C   . LEU A 1 6   ? 13.204  8.210   -8.012  1.00 27.27 ? 248 LEU A C   1 
ATOM   40   O  O   . LEU A 1 6   ? 13.390  6.999   -7.905  1.00 27.07 ? 248 LEU A O   1 
ATOM   41   C  CB  . LEU A 1 6   ? 10.846  9.019   -8.163  1.00 27.41 ? 248 LEU A CB  1 
ATOM   42   C  CG  . LEU A 1 6   ? 10.233  7.708   -8.666  1.00 25.33 ? 248 LEU A CG  1 
ATOM   43   C  CD1 . LEU A 1 6   ? 9.767   6.871   -7.480  1.00 25.64 ? 248 LEU A CD1 1 
ATOM   44   C  CD2 . LEU A 1 6   ? 9.069   8.013   -9.596  1.00 25.97 ? 248 LEU A CD2 1 
ATOM   45   N  N   . GLU A 1 7   ? 13.959  8.993   -8.775  1.00 28.79 ? 249 GLU A N   1 
ATOM   46   C  CA  . GLU A 1 7   ? 15.073  8.451   -9.544  1.00 29.56 ? 249 GLU A CA  1 
ATOM   47   C  C   . GLU A 1 7   ? 16.137  7.826   -8.649  1.00 29.32 ? 249 GLU A C   1 
ATOM   48   O  O   . GLU A 1 7   ? 16.703  6.785   -8.983  1.00 29.86 ? 249 GLU A O   1 
ATOM   49   C  CB  . GLU A 1 7   ? 15.702  9.543   -10.411 1.00 33.48 ? 249 GLU A CB  1 
ATOM   50   C  CG  . GLU A 1 7   ? 15.037  9.710   -11.764 1.00 37.50 ? 249 GLU A CG  1 
ATOM   51   C  CD  . GLU A 1 7   ? 15.022  8.415   -12.561 1.00 41.79 ? 249 GLU A CD  1 
ATOM   52   O  OE1 . GLU A 1 7   ? 16.037  7.682   -12.529 1.00 43.83 ? 249 GLU A OE1 1 
ATOM   53   O  OE2 . GLU A 1 7   ? 14.000  8.133   -13.224 1.00 44.00 ? 249 GLU A OE2 1 
ATOM   54   N  N   . GLN A 1 8   ? 16.418  8.462   -7.516  1.00 28.23 ? 250 GLN A N   1 
ATOM   55   C  CA  . GLN A 1 8   ? 17.412  7.934   -6.590  1.00 29.21 ? 250 GLN A CA  1 
ATOM   56   C  C   . GLN A 1 8   ? 16.904  6.631   -5.994  1.00 28.24 ? 250 GLN A C   1 
ATOM   57   O  O   . GLN A 1 8   ? 17.668  5.692   -5.785  1.00 27.29 ? 250 GLN A O   1 
ATOM   58   C  CB  . GLN A 1 8   ? 17.684  8.931   -5.465  1.00 31.38 ? 250 GLN A CB  1 
ATOM   59   C  CG  . GLN A 1 8   ? 18.298  10.239  -5.923  1.00 35.94 ? 250 GLN A CG  1 
ATOM   60   C  CD  . GLN A 1 8   ? 18.490  11.216  -4.779  1.00 38.62 ? 250 GLN A CD  1 
ATOM   61   O  OE1 . GLN A 1 8   ? 17.534  11.583  -4.096  1.00 41.45 ? 250 GLN A OE1 1 
ATOM   62   N  NE2 . GLN A 1 8   ? 19.730  11.643  -4.565  1.00 40.75 ? 250 GLN A NE2 1 
ATOM   63   N  N   . LEU A 1 9   ? 15.604  6.580   -5.727  1.00 28.59 ? 251 LEU A N   1 
ATOM   64   C  CA  . LEU A 1 9   ? 14.988  5.392   -5.154  1.00 28.41 ? 251 LEU A CA  1 
ATOM   65   C  C   . LEU A 1 9   ? 15.104  4.228   -6.132  1.00 27.75 ? 251 LEU A C   1 
ATOM   66   O  O   . LEU A 1 9   ? 15.559  3.146   -5.769  1.00 28.24 ? 251 LEU A O   1 
ATOM   67   C  CB  . LEU A 1 9   ? 13.516  5.676   -4.830  1.00 27.56 ? 251 LEU A CB  1 
ATOM   68   C  CG  . LEU A 1 9   ? 12.738  4.650   -3.996  1.00 29.99 ? 251 LEU A CG  1 
ATOM   69   C  CD1 . LEU A 1 9   ? 11.477  5.294   -3.429  1.00 30.28 ? 251 LEU A CD1 1 
ATOM   70   C  CD2 . LEU A 1 9   ? 12.395  3.444   -4.838  1.00 31.24 ? 251 LEU A CD2 1 
ATOM   71   N  N   . LYS A 1 10  ? 14.701  4.460   -7.377  1.00 28.81 ? 252 LYS A N   1 
ATOM   72   C  CA  . LYS A 1 10  ? 14.756  3.430   -8.412  1.00 30.49 ? 252 LYS A CA  1 
ATOM   73   C  C   . LYS A 1 10  ? 16.176  2.911   -8.628  1.00 31.68 ? 252 LYS A C   1 
ATOM   74   O  O   . LYS A 1 10  ? 16.382  1.726   -8.904  1.00 30.69 ? 252 LYS A O   1 
ATOM   75   C  CB  . LYS A 1 10  ? 14.202  3.988   -9.726  1.00 32.37 ? 252 LYS A CB  1 
ATOM   76   C  CG  . LYS A 1 10  ? 12.720  4.320   -9.671  1.00 35.39 ? 252 LYS A CG  1 
ATOM   77   C  CD  . LYS A 1 10  ? 12.290  5.214   -10.825 1.00 37.23 ? 252 LYS A CD  1 
ATOM   78   C  CE  . LYS A 1 10  ? 12.411  4.516   -12.164 1.00 39.73 ? 252 LYS A CE  1 
ATOM   79   N  NZ  . LYS A 1 10  ? 11.984  5.410   -13.275 1.00 40.12 ? 252 LYS A NZ  1 
ATOM   80   N  N   . GLU A 1 11  ? 17.156  3.799   -8.501  1.00 31.91 ? 253 GLU A N   1 
ATOM   81   C  CA  . GLU A 1 11  ? 18.549  3.406   -8.684  1.00 34.10 ? 253 GLU A CA  1 
ATOM   82   C  C   . GLU A 1 11  ? 18.987  2.436   -7.588  1.00 34.63 ? 253 GLU A C   1 
ATOM   83   O  O   . GLU A 1 11  ? 19.810  1.553   -7.827  1.00 35.21 ? 253 GLU A O   1 
ATOM   84   C  CB  . GLU A 1 11  ? 19.456  4.643   -8.684  1.00 35.22 ? 253 GLU A CB  1 
ATOM   85   C  CG  . GLU A 1 11  ? 20.946  4.326   -8.754  1.00 37.86 ? 253 GLU A CG  1 
ATOM   86   C  CD  . GLU A 1 11  ? 21.805  5.570   -8.914  1.00 40.35 ? 253 GLU A CD  1 
ATOM   87   O  OE1 . GLU A 1 11  ? 21.638  6.522   -8.118  1.00 40.12 ? 253 GLU A OE1 1 
ATOM   88   O  OE2 . GLU A 1 11  ? 22.654  5.593   -9.834  1.00 40.67 ? 253 GLU A OE2 1 
ATOM   89   N  N   . SER A 1 12  ? 18.425  2.594   -6.390  1.00 34.58 ? 254 SER A N   1 
ATOM   90   C  CA  . SER A 1 12  ? 18.773  1.732   -5.262  1.00 35.53 ? 254 SER A CA  1 
ATOM   91   C  C   . SER A 1 12  ? 18.154  0.347   -5.398  1.00 36.50 ? 254 SER A C   1 
ATOM   92   O  O   . SER A 1 12  ? 18.538  -0.589  -4.692  1.00 36.86 ? 254 SER A O   1 
ATOM   93   C  CB  . SER A 1 12  ? 18.307  2.358   -3.941  1.00 34.93 ? 254 SER A CB  1 
ATOM   94   O  OG  . SER A 1 12  ? 16.895  2.300   -3.813  1.00 34.61 ? 254 SER A OG  1 
ATOM   95   N  N   . LEU A 1 13  ? 17.193  0.221   -6.307  1.00 35.73 ? 255 LEU A N   1 
ATOM   96   C  CA  . LEU A 1 13  ? 16.506  -1.046  -6.524  1.00 36.53 ? 255 LEU A CA  1 
ATOM   97   C  C   . LEU A 1 13  ? 17.130  -1.876  -7.642  1.00 37.23 ? 255 LEU A C   1 
ATOM   98   O  O   . LEU A 1 13  ? 16.692  -2.996  -7.906  1.00 37.23 ? 255 LEU A O   1 
ATOM   99   C  CB  . LEU A 1 13  ? 15.030  -0.795  -6.843  1.00 35.42 ? 255 LEU A CB  1 
ATOM   100  C  CG  . LEU A 1 13  ? 14.196  -0.064  -5.786  1.00 34.58 ? 255 LEU A CG  1 
ATOM   101  C  CD1 . LEU A 1 13  ? 12.796  0.170   -6.322  1.00 33.14 ? 255 LEU A CD1 1 
ATOM   102  C  CD2 . LEU A 1 13  ? 14.145  -0.887  -4.505  1.00 34.88 ? 255 LEU A CD2 1 
ATOM   103  N  N   . LYS A 1 14  ? 18.149  -1.329  -8.297  1.00 37.34 ? 256 LYS A N   1 
ATOM   104  C  CA  . LYS A 1 14  ? 18.810  -2.040  -9.384  1.00 38.76 ? 256 LYS A CA  1 
ATOM   105  C  C   . LYS A 1 14  ? 19.503  -3.311  -8.914  1.00 39.05 ? 256 LYS A C   1 
ATOM   106  O  O   . LYS A 1 14  ? 20.149  -3.330  -7.867  1.00 38.99 ? 256 LYS A O   1 
ATOM   107  C  CB  . LYS A 1 14  ? 19.834  -1.140  -10.075 1.00 39.36 ? 256 LYS A CB  1 
ATOM   108  C  CG  . LYS A 1 14  ? 19.229  -0.052  -10.933 1.00 40.28 ? 256 LYS A CG  1 
ATOM   109  C  CD  . LYS A 1 14  ? 20.315  0.708   -11.679 1.00 41.35 ? 256 LYS A CD  1 
ATOM   110  C  CE  . LYS A 1 14  ? 19.723  1.772   -12.590 1.00 41.75 ? 256 LYS A CE  1 
ATOM   111  N  NZ  . LYS A 1 14  ? 20.778  2.495   -13.353 1.00 41.27 ? 256 LYS A NZ  1 
ATOM   112  N  N   . LYS A 1 15  ? 19.354  -4.372  -9.698  1.00 41.12 ? 257 LYS A N   1 
ATOM   113  C  CA  . LYS A 1 15  ? 19.973  -5.652  -9.392  1.00 43.01 ? 257 LYS A CA  1 
ATOM   114  C  C   . LYS A 1 15  ? 20.985  -5.971  -10.481 1.00 43.86 ? 257 LYS A C   1 
ATOM   115  O  O   . LYS A 1 15  ? 20.981  -5.348  -11.542 1.00 42.98 ? 257 LYS A O   1 
ATOM   116  C  CB  . LYS A 1 15  ? 18.916  -6.754  -9.318  1.00 44.08 ? 257 LYS A CB  1 
ATOM   117  C  CG  . LYS A 1 15  ? 17.881  -6.544  -8.223  1.00 45.21 ? 257 LYS A CG  1 
ATOM   118  C  CD  . LYS A 1 15  ? 18.533  -6.516  -6.849  1.00 46.49 ? 257 LYS A CD  1 
ATOM   119  C  CE  . LYS A 1 15  ? 17.510  -6.287  -5.746  1.00 47.73 ? 257 LYS A CE  1 
ATOM   120  N  NZ  . LYS A 1 15  ? 16.872  -4.940  -5.833  1.00 48.73 ? 257 LYS A NZ  1 
ATOM   121  N  N   . GLU A 1 16  ? 21.847  -6.946  -10.224 1.00 45.64 ? 258 GLU A N   1 
ATOM   122  C  CA  . GLU A 1 16  ? 22.867  -7.322  -11.193 1.00 47.27 ? 258 GLU A CA  1 
ATOM   123  C  C   . GLU A 1 16  ? 22.985  -8.836  -11.298 1.00 46.68 ? 258 GLU A C   1 
ATOM   124  O  O   . GLU A 1 16  ? 22.871  -9.549  -10.304 1.00 45.33 ? 258 GLU A O   1 
ATOM   125  C  CB  . GLU A 1 16  ? 24.213  -6.712  -10.781 1.00 49.71 ? 258 GLU A CB  1 
ATOM   126  C  CG  . GLU A 1 16  ? 25.354  -6.921  -11.771 1.00 54.32 ? 258 GLU A CG  1 
ATOM   127  C  CD  . GLU A 1 16  ? 26.500  -5.940  -11.553 1.00 56.68 ? 258 GLU A CD  1 
ATOM   128  O  OE1 . GLU A 1 16  ? 27.061  -5.909  -10.437 1.00 57.79 ? 258 GLU A OE1 1 
ATOM   129  O  OE2 . GLU A 1 16  ? 26.834  -5.196  -12.500 1.00 58.26 ? 258 GLU A OE2 1 
ATOM   130  N  N   . GLY A 1 17  ? 23.188  -9.323  -12.516 1.00 46.35 ? 259 GLY A N   1 
ATOM   131  C  CA  . GLY A 1 17  ? 23.336  -10.750 -12.736 1.00 47.72 ? 259 GLY A CA  1 
ATOM   132  C  C   . GLY A 1 17  ? 22.167  -11.665 -12.403 1.00 48.25 ? 259 GLY A C   1 
ATOM   133  O  O   . GLY A 1 17  ? 21.000  -11.338 -12.630 1.00 47.57 ? 259 GLY A O   1 
ATOM   134  N  N   . LYS A 1 18  ? 22.508  -12.824 -11.846 1.00 48.33 ? 260 LYS A N   1 
ATOM   135  C  CA  . LYS A 1 18  ? 21.554  -13.870 -11.487 1.00 48.99 ? 260 LYS A CA  1 
ATOM   136  C  C   . LYS A 1 18  ? 20.414  -13.497 -10.544 1.00 47.78 ? 260 LYS A C   1 
ATOM   137  O  O   . LYS A 1 18  ? 19.298  -13.992 -10.701 1.00 46.85 ? 260 LYS A O   1 
ATOM   138  C  CB  . LYS A 1 18  ? 22.312  -15.067 -10.899 1.00 51.08 ? 260 LYS A CB  1 
ATOM   139  C  CG  . LYS A 1 18  ? 23.636  -15.351 -11.592 1.00 54.56 ? 260 LYS A CG  1 
ATOM   140  C  CD  . LYS A 1 18  ? 23.454  -15.567 -13.086 1.00 56.79 ? 260 LYS A CD  1 
ATOM   141  C  CE  . LYS A 1 18  ? 24.792  -15.512 -13.802 1.00 57.79 ? 260 LYS A CE  1 
ATOM   142  N  NZ  . LYS A 1 18  ? 25.433  -14.177 -13.636 1.00 59.41 ? 260 LYS A NZ  1 
ATOM   143  N  N   . GLU A 1 19  ? 20.680  -12.641 -9.562  1.00 47.10 ? 261 GLU A N   1 
ATOM   144  C  CA  . GLU A 1 19  ? 19.636  -12.262 -8.615  1.00 46.59 ? 261 GLU A CA  1 
ATOM   145  C  C   . GLU A 1 19  ? 18.479  -11.489 -9.237  1.00 43.94 ? 261 GLU A C   1 
ATOM   146  O  O   . GLU A 1 19  ? 17.455  -11.273 -8.592  1.00 43.23 ? 261 GLU A O   1 
ATOM   147  C  CB  . GLU A 1 19  ? 20.219  -11.462 -7.444  1.00 49.50 ? 261 GLU A CB  1 
ATOM   148  C  CG  . GLU A 1 19  ? 21.342  -10.507 -7.806  1.00 53.71 ? 261 GLU A CG  1 
ATOM   149  C  CD  . GLU A 1 19  ? 22.693  -11.195 -7.877  1.00 56.42 ? 261 GLU A CD  1 
ATOM   150  O  OE1 . GLU A 1 19  ? 23.712  -10.490 -8.043  1.00 57.10 ? 261 GLU A OE1 1 
ATOM   151  O  OE2 . GLU A 1 19  ? 22.738  -12.441 -7.768  1.00 58.58 ? 261 GLU A OE2 1 
ATOM   152  N  N   . ILE A 1 20  ? 18.637  -11.073 -10.489 1.00 41.34 ? 262 ILE A N   1 
ATOM   153  C  CA  . ILE A 1 20  ? 17.580  -10.336 -11.172 1.00 39.22 ? 262 ILE A CA  1 
ATOM   154  C  C   . ILE A 1 20  ? 16.400  -11.261 -11.442 1.00 38.92 ? 262 ILE A C   1 
ATOM   155  O  O   . ILE A 1 20  ? 15.240  -10.873 -11.302 1.00 35.93 ? 262 ILE A O   1 
ATOM   156  C  CB  . ILE A 1 20  ? 18.061  -9.785  -12.530 1.00 39.00 ? 262 ILE A CB  1 
ATOM   157  C  CG1 . ILE A 1 20  ? 19.216  -8.807  -12.324 1.00 39.01 ? 262 ILE A CG1 1 
ATOM   158  C  CG2 . ILE A 1 20  ? 16.905  -9.101  -13.252 1.00 38.39 ? 262 ILE A CG2 1 
ATOM   159  C  CD1 . ILE A 1 20  ? 19.828  -8.315  -13.620 1.00 37.86 ? 262 ILE A CD1 1 
ATOM   160  N  N   . TYR A 1 21  ? 16.713  -12.493 -11.823 1.00 39.54 ? 263 TYR A N   1 
ATOM   161  C  CA  . TYR A 1 21  ? 15.694  -13.476 -12.155 1.00 40.53 ? 263 TYR A CA  1 
ATOM   162  C  C   . TYR A 1 21  ? 15.132  -14.222 -10.952 1.00 41.55 ? 263 TYR A C   1 
ATOM   163  O  O   . TYR A 1 21  ? 15.190  -15.451 -10.885 1.00 42.84 ? 263 TYR A O   1 
ATOM   164  C  CB  . TYR A 1 21  ? 16.269  -14.456 -13.175 1.00 40.27 ? 263 TYR A CB  1 
ATOM   165  C  CG  . TYR A 1 21  ? 16.995  -13.751 -14.299 1.00 41.24 ? 263 TYR A CG  1 
ATOM   166  C  CD1 . TYR A 1 21  ? 18.367  -13.918 -14.483 1.00 40.87 ? 263 TYR A CD1 1 
ATOM   167  C  CD2 . TYR A 1 21  ? 16.314  -12.887 -15.160 1.00 40.00 ? 263 TYR A CD2 1 
ATOM   168  C  CE1 . TYR A 1 21  ? 19.046  -13.239 -15.494 1.00 41.57 ? 263 TYR A CE1 1 
ATOM   169  C  CE2 . TYR A 1 21  ? 16.983  -12.205 -16.173 1.00 40.76 ? 263 TYR A CE2 1 
ATOM   170  C  CZ  . TYR A 1 21  ? 18.348  -12.386 -16.333 1.00 41.58 ? 263 TYR A CZ  1 
ATOM   171  O  OH  . TYR A 1 21  ? 19.015  -11.719 -17.334 1.00 41.80 ? 263 TYR A OH  1 
ATOM   172  N  N   . ASP A 1 22  ? 14.589  -13.469 -10.002 1.00 42.13 ? 264 ASP A N   1 
ATOM   173  C  CA  . ASP A 1 22  ? 13.995  -14.056 -8.808  1.00 42.33 ? 264 ASP A CA  1 
ATOM   174  C  C   . ASP A 1 22  ? 12.495  -14.197 -9.035  1.00 41.67 ? 264 ASP A C   1 
ATOM   175  O  O   . ASP A 1 22  ? 11.814  -13.228 -9.375  1.00 38.26 ? 264 ASP A O   1 
ATOM   176  C  CB  . ASP A 1 22  ? 14.270  -13.178 -7.581  1.00 45.02 ? 264 ASP A CB  1 
ATOM   177  C  CG  . ASP A 1 22  ? 13.910  -11.724 -7.808  1.00 48.49 ? 264 ASP A CG  1 
ATOM   178  O  OD1 . ASP A 1 22  ? 14.508  -11.099 -8.709  1.00 50.88 ? 264 ASP A OD1 1 
ATOM   179  O  OD2 . ASP A 1 22  ? 13.037  -11.203 -7.083  1.00 49.36 ? 264 ASP A OD2 1 
ATOM   180  N  N   . VAL A 1 23  ? 11.986  -15.411 -8.851  1.00 41.20 ? 265 VAL A N   1 
ATOM   181  C  CA  . VAL A 1 23  ? 10.572  -15.696 -9.057  1.00 42.30 ? 265 VAL A CA  1 
ATOM   182  C  C   . VAL A 1 23  ? 9.645   -14.956 -8.097  1.00 43.85 ? 265 VAL A C   1 
ATOM   183  O  O   . VAL A 1 23  ? 8.431   -14.931 -8.301  1.00 43.41 ? 265 VAL A O   1 
ATOM   184  C  CB  . VAL A 1 23  ? 10.288  -17.207 -8.936  1.00 40.85 ? 265 VAL A CB  1 
ATOM   185  C  CG1 . VAL A 1 23  ? 11.152  -17.977 -9.922  1.00 40.11 ? 265 VAL A CG1 1 
ATOM   186  C  CG2 . VAL A 1 23  ? 10.547  -17.672 -7.513  1.00 40.31 ? 265 VAL A CG2 1 
ATOM   187  N  N   . GLU A 1 24  ? 10.213  -14.358 -7.054  1.00 46.29 ? 266 GLU A N   1 
ATOM   188  C  CA  . GLU A 1 24  ? 9.419   -13.620 -6.075  1.00 49.61 ? 266 GLU A CA  1 
ATOM   189  C  C   . GLU A 1 24  ? 9.562   -12.126 -6.337  1.00 51.09 ? 266 GLU A C   1 
ATOM   190  O  O   . GLU A 1 24  ? 9.251   -11.296 -5.481  1.00 50.83 ? 266 GLU A O   1 
ATOM   191  C  CB  . GLU A 1 24  ? 9.889   -13.944 -4.653  1.00 50.93 ? 266 GLU A CB  1 
ATOM   192  C  CG  . GLU A 1 24  ? 10.579  -15.289 -4.524  1.00 54.99 ? 266 GLU A CG  1 
ATOM   193  C  CD  . GLU A 1 24  ? 12.030  -15.235 -4.970  1.00 57.10 ? 266 GLU A CD  1 
ATOM   194  O  OE1 . GLU A 1 24  ? 12.860  -14.680 -4.215  1.00 57.85 ? 266 GLU A OE1 1 
ATOM   195  O  OE2 . GLU A 1 24  ? 12.341  -15.732 -6.075  1.00 58.91 ? 266 GLU A OE2 1 
HETATM 196  N  N   . MSE A 1 25  ? 10.046  -11.807 -7.532  1.00 53.12 ? 267 MSE A N   1 
HETATM 197  C  CA  . MSE A 1 25  ? 10.261  -10.431 -7.965  1.00 55.24 ? 267 MSE A CA  1 
HETATM 198  C  C   . MSE A 1 25  ? 9.099   -9.511  -7.605  1.00 54.17 ? 267 MSE A C   1 
HETATM 199  O  O   . MSE A 1 25  ? 9.293   -8.450  -7.010  1.00 53.71 ? 267 MSE A O   1 
HETATM 200  C  CB  . MSE A 1 25  ? 10.478  -10.394 -9.481  1.00 59.17 ? 267 MSE A CB  1 
HETATM 201  C  CG  . MSE A 1 25  ? 10.888  -9.038  -10.022 1.00 64.13 ? 267 MSE A CG  1 
HETATM 202  SE SE  . MSE A 1 25  ? 12.718  -8.607  -9.614  1.00 73.92 ? 267 MSE A SE  1 
HETATM 203  C  CE  . MSE A 1 25  ? 13.405  -8.418  -11.408 1.00 70.64 ? 267 MSE A CE  1 
ATOM   204  N  N   . LYS A 1 26  ? 7.893   -9.928  -7.975  1.00 52.89 ? 268 LYS A N   1 
ATOM   205  C  CA  . LYS A 1 26  ? 6.684   -9.152  -7.718  1.00 52.28 ? 268 LYS A CA  1 
ATOM   206  C  C   . LYS A 1 26  ? 6.540   -8.709  -6.263  1.00 51.46 ? 268 LYS A C   1 
ATOM   207  O  O   . LYS A 1 26  ? 6.580   -7.517  -5.961  1.00 52.04 ? 268 LYS A O   1 
ATOM   208  C  CB  . LYS A 1 26  ? 5.450   -9.963  -8.124  1.00 52.21 ? 268 LYS A CB  1 
ATOM   209  C  CG  . LYS A 1 26  ? 5.470   -10.463 -9.557  1.00 53.31 ? 268 LYS A CG  1 
ATOM   210  C  CD  . LYS A 1 26  ? 4.246   -11.316 -9.852  1.00 53.85 ? 268 LYS A CD  1 
ATOM   211  C  CE  . LYS A 1 26  ? 4.279   -11.869 -11.266 1.00 54.95 ? 268 LYS A CE  1 
ATOM   212  N  NZ  . LYS A 1 26  ? 3.078   -12.701 -11.561 1.00 55.34 ? 268 LYS A NZ  1 
ATOM   213  N  N   . GLU A 1 27  ? 6.380   -9.679  -5.367  1.00 50.58 ? 269 GLU A N   1 
ATOM   214  C  CA  . GLU A 1 27  ? 6.203   -9.401  -3.944  1.00 49.90 ? 269 GLU A CA  1 
ATOM   215  C  C   . GLU A 1 27  ? 7.396   -8.692  -3.304  1.00 48.94 ? 269 GLU A C   1 
ATOM   216  O  O   . GLU A 1 27  ? 7.235   -7.674  -2.630  1.00 47.53 ? 269 GLU A O   1 
ATOM   217  C  CB  . GLU A 1 27  ? 5.938   -10.706 -3.189  1.00 51.91 ? 269 GLU A CB  1 
ATOM   218  C  CG  . GLU A 1 27  ? 5.081   -11.718 -3.940  1.00 55.55 ? 269 GLU A CG  1 
ATOM   219  C  CD  . GLU A 1 27  ? 3.712   -11.182 -4.306  1.00 57.59 ? 269 GLU A CD  1 
ATOM   220  O  OE1 . GLU A 1 27  ? 2.970   -10.761 -3.391  1.00 59.39 ? 269 GLU A OE1 1 
ATOM   221  O  OE2 . GLU A 1 27  ? 3.375   -11.186 -5.509  1.00 58.73 ? 269 GLU A OE2 1 
ATOM   222  N  N   . SER A 1 28  ? 8.590   -9.239  -3.510  1.00 48.18 ? 270 SER A N   1 
ATOM   223  C  CA  . SER A 1 28  ? 9.810   -8.677  -2.940  1.00 47.32 ? 270 SER A CA  1 
ATOM   224  C  C   . SER A 1 28  ? 10.043  -7.216  -3.320  1.00 46.83 ? 270 SER A C   1 
ATOM   225  O  O   . SER A 1 28  ? 10.150  -6.351  -2.451  1.00 45.59 ? 270 SER A O   1 
ATOM   226  C  CB  . SER A 1 28  ? 11.019  -9.516  -3.367  1.00 47.99 ? 270 SER A CB  1 
ATOM   227  O  OG  . SER A 1 28  ? 12.215  -9.029  -2.784  1.00 48.76 ? 270 SER A OG  1 
HETATM 228  N  N   . MSE A 1 29  ? 10.123  -6.946  -4.620  1.00 46.46 ? 271 MSE A N   1 
HETATM 229  C  CA  . MSE A 1 29  ? 10.352  -5.587  -5.105  1.00 46.50 ? 271 MSE A CA  1 
HETATM 230  C  C   . MSE A 1 29  ? 9.271   -4.609  -4.648  1.00 44.14 ? 271 MSE A C   1 
HETATM 231  O  O   . MSE A 1 29  ? 9.577   -3.489  -4.242  1.00 43.36 ? 271 MSE A O   1 
HETATM 232  C  CB  . MSE A 1 29  ? 10.440  -5.576  -6.634  1.00 49.95 ? 271 MSE A CB  1 
HETATM 233  C  CG  . MSE A 1 29  ? 11.696  -6.226  -7.204  1.00 54.36 ? 271 MSE A CG  1 
HETATM 234  SE SE  . MSE A 1 29  ? 13.324  -5.222  -6.873  1.00 62.90 ? 271 MSE A SE  1 
HETATM 235  C  CE  . MSE A 1 29  ? 13.370  -4.181  -8.501  1.00 57.86 ? 271 MSE A CE  1 
ATOM   236  N  N   . ARG A 1 30  ? 8.009   -5.025  -4.715  1.00 42.20 ? 272 ARG A N   1 
ATOM   237  C  CA  . ARG A 1 30  ? 6.916   -4.157  -4.290  1.00 41.17 ? 272 ARG A CA  1 
ATOM   238  C  C   . ARG A 1 30  ? 7.100   -3.757  -2.836  1.00 39.83 ? 272 ARG A C   1 
ATOM   239  O  O   . ARG A 1 30  ? 6.911   -2.597  -2.472  1.00 39.33 ? 272 ARG A O   1 
ATOM   240  C  CB  . ARG A 1 30  ? 5.567   -4.859  -4.457  1.00 42.19 ? 272 ARG A CB  1 
ATOM   241  C  CG  . ARG A 1 30  ? 5.109   -4.989  -5.892  1.00 44.69 ? 272 ARG A CG  1 
ATOM   242  C  CD  . ARG A 1 30  ? 3.903   -5.899  -5.995  1.00 46.25 ? 272 ARG A CD  1 
ATOM   243  N  NE  . ARG A 1 30  ? 3.778   -6.461  -7.338  1.00 49.53 ? 272 ARG A NE  1 
ATOM   244  C  CZ  . ARG A 1 30  ? 3.076   -7.550  -7.631  1.00 51.07 ? 272 ARG A CZ  1 
ATOM   245  N  NH1 . ARG A 1 30  ? 2.424   -8.201  -6.675  1.00 50.59 ? 272 ARG A NH1 1 
ATOM   246  N  NH2 . ARG A 1 30  ? 3.042   -8.002  -8.878  1.00 50.88 ? 272 ARG A NH2 1 
ATOM   247  N  N   . GLU A 1 31  ? 7.476   -4.725  -2.008  1.00 39.28 ? 273 GLU A N   1 
ATOM   248  C  CA  . GLU A 1 31  ? 7.676   -4.483  -0.586  1.00 37.81 ? 273 GLU A CA  1 
ATOM   249  C  C   . GLU A 1 31  ? 8.707   -3.386  -0.318  1.00 36.80 ? 273 GLU A C   1 
ATOM   250  O  O   . GLU A 1 31  ? 8.422   -2.426  0.397   1.00 35.38 ? 273 GLU A O   1 
ATOM   251  C  CB  . GLU A 1 31  ? 8.101   -5.780  0.107   1.00 40.28 ? 273 GLU A CB  1 
ATOM   252  C  CG  . GLU A 1 31  ? 8.007   -5.745  1.621   1.00 43.83 ? 273 GLU A CG  1 
ATOM   253  C  CD  . GLU A 1 31  ? 8.391   -7.069  2.260   1.00 46.29 ? 273 GLU A CD  1 
ATOM   254  O  OE1 . GLU A 1 31  ? 7.872   -8.116  1.817   1.00 47.92 ? 273 GLU A OE1 1 
ATOM   255  O  OE2 . GLU A 1 31  ? 9.204   -7.063  3.210   1.00 48.04 ? 273 GLU A OE2 1 
ATOM   256  N  N   . GLN A 1 32  ? 9.902   -3.516  -0.888  1.00 35.88 ? 274 GLN A N   1 
ATOM   257  C  CA  . GLN A 1 32  ? 10.939  -2.512  -0.669  1.00 35.27 ? 274 GLN A CA  1 
ATOM   258  C  C   . GLN A 1 32  ? 10.558  -1.179  -1.299  1.00 33.07 ? 274 GLN A C   1 
ATOM   259  O  O   . GLN A 1 32  ? 10.881  -0.116  -0.768  1.00 31.46 ? 274 GLN A O   1 
ATOM   260  C  CB  . GLN A 1 32  ? 12.285  -2.990  -1.228  1.00 38.63 ? 274 GLN A CB  1 
ATOM   261  C  CG  . GLN A 1 32  ? 13.437  -2.030  -0.946  1.00 43.34 ? 274 GLN A CG  1 
ATOM   262  C  CD  . GLN A 1 32  ? 14.803  -2.646  -1.204  1.00 46.57 ? 274 GLN A CD  1 
ATOM   263  O  OE1 . GLN A 1 32  ? 15.097  -3.099  -2.311  1.00 49.57 ? 274 GLN A OE1 1 
ATOM   264  N  NE2 . GLN A 1 32  ? 15.647  -2.663  -0.175  1.00 48.79 ? 274 GLN A NE2 1 
ATOM   265  N  N   . LEU A 1 33  ? 9.871   -1.236  -2.435  1.00 31.59 ? 275 LEU A N   1 
ATOM   266  C  CA  . LEU A 1 33  ? 9.442   -0.022  -3.115  1.00 29.14 ? 275 LEU A CA  1 
ATOM   267  C  C   . LEU A 1 33  ? 8.480   0.747   -2.215  1.00 27.72 ? 275 LEU A C   1 
ATOM   268  O  O   . LEU A 1 33  ? 8.646   1.947   -1.993  1.00 28.83 ? 275 LEU A O   1 
ATOM   269  C  CB  . LEU A 1 33  ? 8.758   -0.371  -4.439  1.00 29.03 ? 275 LEU A CB  1 
ATOM   270  C  CG  . LEU A 1 33  ? 8.227   0.805   -5.261  1.00 28.97 ? 275 LEU A CG  1 
ATOM   271  C  CD1 . LEU A 1 33  ? 9.338   1.806   -5.523  1.00 27.62 ? 275 LEU A CD1 1 
ATOM   272  C  CD2 . LEU A 1 33  ? 7.649   0.276   -6.565  1.00 27.33 ? 275 LEU A CD2 1 
ATOM   273  N  N   . LEU A 1 34  ? 7.484   0.044   -1.685  1.00 24.62 ? 276 LEU A N   1 
ATOM   274  C  CA  . LEU A 1 34  ? 6.497   0.659   -0.802  1.00 25.60 ? 276 LEU A CA  1 
ATOM   275  C  C   . LEU A 1 34  ? 7.129   1.213   0.467   1.00 26.62 ? 276 LEU A C   1 
ATOM   276  O  O   . LEU A 1 34  ? 6.730   2.264   0.968   1.00 26.68 ? 276 LEU A O   1 
ATOM   277  C  CB  . LEU A 1 34  ? 5.419   -0.360  -0.413  1.00 25.72 ? 276 LEU A CB  1 
ATOM   278  C  CG  . LEU A 1 34  ? 4.382   -0.740  -1.464  1.00 27.40 ? 276 LEU A CG  1 
ATOM   279  C  CD1 . LEU A 1 34  ? 3.484   -1.838  -0.914  1.00 29.34 ? 276 LEU A CD1 1 
ATOM   280  C  CD2 . LEU A 1 34  ? 3.562   0.485   -1.850  1.00 27.57 ? 276 LEU A CD2 1 
ATOM   281  N  N   . GLU A 1 35  ? 8.115   0.498   0.990   1.00 27.46 ? 277 GLU A N   1 
ATOM   282  C  CA  . GLU A 1 35  ? 8.786   0.919   2.208   1.00 27.83 ? 277 GLU A CA  1 
ATOM   283  C  C   . GLU A 1 35  ? 9.580   2.210   2.045   1.00 26.95 ? 277 GLU A C   1 
ATOM   284  O  O   . GLU A 1 35  ? 9.666   3.013   2.974   1.00 25.99 ? 277 GLU A O   1 
ATOM   285  C  CB  . GLU A 1 35  ? 9.713   -0.194  2.696   1.00 32.57 ? 277 GLU A CB  1 
ATOM   286  C  CG  . GLU A 1 35  ? 10.471  0.144   3.963   1.00 38.08 ? 277 GLU A CG  1 
ATOM   287  C  CD  . GLU A 1 35  ? 11.350  -0.998  4.435   1.00 42.68 ? 277 GLU A CD  1 
ATOM   288  O  OE1 . GLU A 1 35  ? 12.012  -0.841  5.482   1.00 46.23 ? 277 GLU A OE1 1 
ATOM   289  O  OE2 . GLU A 1 35  ? 11.377  -2.051  3.760   1.00 45.19 ? 277 GLU A OE2 1 
ATOM   290  N  N   . LYS A 1 36  ? 10.145  2.420   0.862   1.00 24.80 ? 278 LYS A N   1 
ATOM   291  C  CA  . LYS A 1 36  ? 10.955  3.608   0.620   1.00 24.49 ? 278 LYS A CA  1 
ATOM   292  C  C   . LYS A 1 36  ? 10.202  4.805   0.049   1.00 22.93 ? 278 LYS A C   1 
ATOM   293  O  O   . LYS A 1 36  ? 10.638  5.945   0.208   1.00 21.65 ? 278 LYS A O   1 
ATOM   294  C  CB  . LYS A 1 36  ? 12.126  3.254   -0.302  1.00 27.74 ? 278 LYS A CB  1 
ATOM   295  C  CG  . LYS A 1 36  ? 13.115  2.270   0.303   1.00 30.80 ? 278 LYS A CG  1 
ATOM   296  C  CD  . LYS A 1 36  ? 13.729  2.820   1.582   1.00 33.85 ? 278 LYS A CD  1 
ATOM   297  C  CE  . LYS A 1 36  ? 14.778  1.871   2.145   1.00 35.75 ? 278 LYS A CE  1 
ATOM   298  N  NZ  . LYS A 1 36  ? 15.389  2.389   3.397   1.00 36.94 ? 278 LYS A NZ  1 
ATOM   299  N  N   . LEU A 1 37  ? 9.071   4.552   -0.601  1.00 22.27 ? 279 LEU A N   1 
ATOM   300  C  CA  . LEU A 1 37  ? 8.289   5.631   -1.200  1.00 21.14 ? 279 LEU A CA  1 
ATOM   301  C  C   . LEU A 1 37  ? 7.998   6.838   -0.299  1.00 20.00 ? 279 LEU A C   1 
ATOM   302  O  O   . LEU A 1 37  ? 8.087   7.976   -0.747  1.00 19.63 ? 279 LEU A O   1 
ATOM   303  C  CB  . LEU A 1 37  ? 6.976   5.078   -1.773  1.00 21.17 ? 279 LEU A CB  1 
ATOM   304  C  CG  . LEU A 1 37  ? 7.089   4.376   -3.133  1.00 22.43 ? 279 LEU A CG  1 
ATOM   305  C  CD1 . LEU A 1 37  ? 5.740   3.785   -3.535  1.00 22.86 ? 279 LEU A CD1 1 
ATOM   306  C  CD2 . LEU A 1 37  ? 7.561   5.381   -4.184  1.00 22.87 ? 279 LEU A CD2 1 
ATOM   307  N  N   . PRO A 1 38  ? 7.659   6.615   0.983   1.00 21.08 ? 280 PRO A N   1 
ATOM   308  C  CA  . PRO A 1 38  ? 7.371   7.753   1.867   1.00 22.21 ? 280 PRO A CA  1 
ATOM   309  C  C   . PRO A 1 38  ? 8.498   8.784   1.968   1.00 23.60 ? 280 PRO A C   1 
ATOM   310  O  O   . PRO A 1 38  ? 8.257   9.948   2.285   1.00 23.95 ? 280 PRO A O   1 
ATOM   311  C  CB  . PRO A 1 38  ? 7.100   7.088   3.218   1.00 21.88 ? 280 PRO A CB  1 
ATOM   312  C  CG  . PRO A 1 38  ? 6.584   5.746   2.847   1.00 21.45 ? 280 PRO A CG  1 
ATOM   313  C  CD  . PRO A 1 38  ? 7.480   5.341   1.697   1.00 21.18 ? 280 PRO A CD  1 
ATOM   314  N  N   . GLU A 1 39  ? 9.723   8.352   1.695   1.00 25.23 ? 281 GLU A N   1 
ATOM   315  C  CA  . GLU A 1 39  ? 10.886  9.230   1.788   1.00 26.71 ? 281 GLU A CA  1 
ATOM   316  C  C   . GLU A 1 39  ? 10.975  10.357  0.764   1.00 27.17 ? 281 GLU A C   1 
ATOM   317  O  O   . GLU A 1 39  ? 11.678  11.342  0.993   1.00 28.13 ? 281 GLU A O   1 
ATOM   318  C  CB  . GLU A 1 39  ? 12.161  8.390   1.720   1.00 28.29 ? 281 GLU A CB  1 
ATOM   319  C  CG  . GLU A 1 39  ? 12.433  7.584   2.979   1.00 33.85 ? 281 GLU A CG  1 
ATOM   320  C  CD  . GLU A 1 39  ? 13.608  6.635   2.825   1.00 37.15 ? 281 GLU A CD  1 
ATOM   321  O  OE1 . GLU A 1 39  ? 14.552  6.972   2.078   1.00 38.74 ? 281 GLU A OE1 1 
ATOM   322  O  OE2 . GLU A 1 39  ? 13.591  5.558   3.462   1.00 40.56 ? 281 GLU A OE2 1 
ATOM   323  N  N   . ILE A 1 40  ? 10.261  10.231  -0.349  1.00 26.96 ? 282 ILE A N   1 
ATOM   324  C  CA  . ILE A 1 40  ? 10.326  11.247  -1.394  1.00 27.87 ? 282 ILE A CA  1 
ATOM   325  C  C   . ILE A 1 40  ? 9.184   12.252  -1.420  1.00 29.14 ? 282 ILE A C   1 
ATOM   326  O  O   . ILE A 1 40  ? 8.961   12.922  -2.431  1.00 29.19 ? 282 ILE A O   1 
ATOM   327  C  CB  . ILE A 1 40  ? 10.434  10.591  -2.783  1.00 27.52 ? 282 ILE A CB  1 
ATOM   328  C  CG1 . ILE A 1 40  ? 9.160   9.804   -3.100  1.00 27.80 ? 282 ILE A CG1 1 
ATOM   329  C  CG2 . ILE A 1 40  ? 11.641  9.661   -2.810  1.00 28.86 ? 282 ILE A CG2 1 
ATOM   330  C  CD1 . ILE A 1 40  ? 9.106   9.281   -4.524  1.00 30.93 ? 282 ILE A CD1 1 
ATOM   331  N  N   . VAL A 1 41  ? 8.457   12.359  -0.313  1.00 29.06 ? 283 VAL A N   1 
ATOM   332  C  CA  . VAL A 1 41  ? 7.358   13.310  -0.241  1.00 28.72 ? 283 VAL A CA  1 
ATOM   333  C  C   . VAL A 1 41  ? 7.251   13.921  1.150   1.00 28.81 ? 283 VAL A C   1 
ATOM   334  O  O   . VAL A 1 41  ? 7.660   13.315  2.138   1.00 26.96 ? 283 VAL A O   1 
ATOM   335  C  CB  . VAL A 1 41  ? 6.008   12.646  -0.615  1.00 30.84 ? 283 VAL A CB  1 
ATOM   336  C  CG1 . VAL A 1 41  ? 5.608   11.637  0.445   1.00 28.97 ? 283 VAL A CG1 1 
ATOM   337  C  CG2 . VAL A 1 41  ? 4.935   13.706  -0.791  1.00 31.57 ? 283 VAL A CG2 1 
ATOM   338  N  N   . GLU A 1 42  ? 6.713   15.133  1.213   1.00 29.80 ? 284 GLU A N   1 
ATOM   339  C  CA  . GLU A 1 42  ? 6.533   15.830  2.475   1.00 32.51 ? 284 GLU A CA  1 
ATOM   340  C  C   . GLU A 1 42  ? 5.052   16.112  2.692   1.00 31.77 ? 284 GLU A C   1 
ATOM   341  O  O   . GLU A 1 42  ? 4.348   16.540  1.775   1.00 31.65 ? 284 GLU A O   1 
ATOM   342  C  CB  . GLU A 1 42  ? 7.310   17.150  2.476   1.00 36.58 ? 284 GLU A CB  1 
ATOM   343  C  CG  . GLU A 1 42  ? 6.931   18.084  1.336   1.00 43.11 ? 284 GLU A CG  1 
ATOM   344  C  CD  . GLU A 1 42  ? 7.525   19.470  1.495   1.00 45.86 ? 284 GLU A CD  1 
ATOM   345  O  OE1 . GLU A 1 42  ? 7.166   20.160  2.475   1.00 48.90 ? 284 GLU A OE1 1 
ATOM   346  O  OE2 . GLU A 1 42  ? 8.348   19.867  0.641   1.00 47.47 ? 284 GLU A OE2 1 
ATOM   347  N  N   . ILE A 1 43  ? 4.587   15.860  3.910   1.00 30.22 ? 285 ILE A N   1 
ATOM   348  C  CA  . ILE A 1 43  ? 3.193   16.084  4.279   1.00 31.09 ? 285 ILE A CA  1 
ATOM   349  C  C   . ILE A 1 43  ? 3.156   17.081  5.431   1.00 29.23 ? 285 ILE A C   1 
ATOM   350  O  O   . ILE A 1 43  ? 3.873   16.924  6.420   1.00 29.86 ? 285 ILE A O   1 
ATOM   351  C  CB  . ILE A 1 43  ? 2.517   14.781  4.776   1.00 32.32 ? 285 ILE A CB  1 
ATOM   352  C  CG1 . ILE A 1 43  ? 2.519   13.718  3.674   1.00 36.38 ? 285 ILE A CG1 1 
ATOM   353  C  CG2 . ILE A 1 43  ? 1.096   15.082  5.245   1.00 34.90 ? 285 ILE A CG2 1 
ATOM   354  C  CD1 . ILE A 1 43  ? 1.507   13.952  2.574   1.00 35.41 ? 285 ILE A CD1 1 
ATOM   355  N  N   . GLU A 1 44  ? 2.321   18.104  5.301   1.00 29.78 ? 286 GLU A N   1 
ATOM   356  C  CA  . GLU A 1 44  ? 2.182   19.103  6.351   1.00 31.03 ? 286 GLU A CA  1 
ATOM   357  C  C   . GLU A 1 44  ? 0.856   18.852  7.071   1.00 28.57 ? 286 GLU A C   1 
ATOM   358  O  O   . GLU A 1 44  ? -0.188  19.347  6.658   1.00 31.67 ? 286 GLU A O   1 
ATOM   359  C  CB  . GLU A 1 44  ? 2.219   20.510  5.742   1.00 34.77 ? 286 GLU A CB  1 
ATOM   360  C  CG  . GLU A 1 44  ? 1.258   20.729  4.581   1.00 39.16 ? 286 GLU A CG  1 
ATOM   361  C  CD  . GLU A 1 44  ? 1.517   22.037  3.844   1.00 42.71 ? 286 GLU A CD  1 
ATOM   362  O  OE1 . GLU A 1 44  ? 2.055   22.980  4.467   1.00 44.66 ? 286 GLU A OE1 1 
ATOM   363  O  OE2 . GLU A 1 44  ? 1.178   22.123  2.643   1.00 42.63 ? 286 GLU A OE2 1 
ATOM   364  N  N   . ILE A 1 45  ? 0.909   18.067  8.144   1.00 26.17 ? 287 ILE A N   1 
ATOM   365  C  CA  . ILE A 1 45  ? -0.284  17.727  8.914   1.00 24.48 ? 287 ILE A CA  1 
ATOM   366  C  C   . ILE A 1 45  ? -0.017  17.915  10.411  1.00 22.36 ? 287 ILE A C   1 
ATOM   367  O  O   . ILE A 1 45  ? 1.117   17.763  10.867  1.00 24.25 ? 287 ILE A O   1 
ATOM   368  C  CB  . ILE A 1 45  ? -0.717  16.262  8.615   1.00 26.67 ? 287 ILE A CB  1 
ATOM   369  C  CG1 . ILE A 1 45  ? -2.155  16.029  9.066   1.00 27.07 ? 287 ILE A CG1 1 
ATOM   370  C  CG2 . ILE A 1 45  ? 0.218   15.280  9.304   1.00 27.17 ? 287 ILE A CG2 1 
ATOM   371  C  CD1 . ILE A 1 45  ? -2.736  14.721  8.550   1.00 30.38 ? 287 ILE A CD1 1 
ATOM   372  N  N   . SER A 1 46  ? -1.055  18.247  11.173  1.00 18.05 ? 288 SER A N   1 
ATOM   373  C  CA  . SER A 1 46  ? -0.892  18.476  12.607  1.00 17.20 ? 288 SER A CA  1 
ATOM   374  C  C   . SER A 1 46  ? -0.617  17.201  13.389  1.00 17.77 ? 288 SER A C   1 
ATOM   375  O  O   . SER A 1 46  ? -1.049  16.111  13.003  1.00 14.93 ? 288 SER A O   1 
ATOM   376  C  CB  . SER A 1 46  ? -2.138  19.155  13.192  1.00 15.69 ? 288 SER A CB  1 
ATOM   377  O  OG  . SER A 1 46  ? -3.214  18.237  13.349  1.00 16.76 ? 288 SER A OG  1 
ATOM   378  N  N   . ASP A 1 47  ? 0.117   17.343  14.487  1.00 17.38 ? 289 ASP A N   1 
ATOM   379  C  CA  . ASP A 1 47  ? 0.396   16.200  15.340  1.00 19.92 ? 289 ASP A CA  1 
ATOM   380  C  C   . ASP A 1 47  ? -0.937  15.737  15.911  1.00 18.17 ? 289 ASP A C   1 
ATOM   381  O  O   . ASP A 1 47  ? -1.152  14.540  16.121  1.00 17.21 ? 289 ASP A O   1 
ATOM   382  C  CB  . ASP A 1 47  ? 1.336   16.581  16.488  1.00 22.46 ? 289 ASP A CB  1 
ATOM   383  C  CG  . ASP A 1 47  ? 2.720   16.972  16.009  1.00 28.67 ? 289 ASP A CG  1 
ATOM   384  O  OD1 . ASP A 1 47  ? 3.217   16.363  15.036  1.00 34.29 ? 289 ASP A OD1 1 
ATOM   385  O  OD2 . ASP A 1 47  ? 3.327   17.883  16.617  1.00 35.18 ? 289 ASP A OD2 1 
ATOM   386  N  N   . ARG A 1 48  ? -1.845  16.681  16.151  1.00 17.19 ? 290 ARG A N   1 
ATOM   387  C  CA  . ARG A 1 48  ? -3.145  16.323  16.696  1.00 15.60 ? 290 ARG A CA  1 
ATOM   388  C  C   . ARG A 1 48  ? -3.878  15.356  15.764  1.00 16.03 ? 290 ARG A C   1 
ATOM   389  O  O   . ARG A 1 48  ? -4.470  14.373  16.221  1.00 15.03 ? 290 ARG A O   1 
ATOM   390  C  CB  . ARG A 1 48  ? -4.004  17.570  16.951  1.00 17.47 ? 290 ARG A CB  1 
ATOM   391  C  CG  . ARG A 1 48  ? -5.376  17.268  17.566  1.00 18.11 ? 290 ARG A CG  1 
ATOM   392  C  CD  . ARG A 1 48  ? -5.275  16.439  18.844  1.00 18.51 ? 290 ARG A CD  1 
ATOM   393  N  NE  . ARG A 1 48  ? -6.584  15.927  19.253  1.00 21.59 ? 290 ARG A NE  1 
ATOM   394  C  CZ  . ARG A 1 48  ? -6.765  14.810  19.953  1.00 20.30 ? 290 ARG A CZ  1 
ATOM   395  N  NH1 . ARG A 1 48  ? -5.721  14.083  20.329  1.00 19.33 ? 290 ARG A NH1 1 
ATOM   396  N  NH2 . ARG A 1 48  ? -7.994  14.411  20.255  1.00 23.40 ? 290 ARG A NH2 1 
ATOM   397  N  N   . THR A 1 49  ? -3.836  15.617  14.460  1.00 15.62 ? 291 THR A N   1 
ATOM   398  C  CA  . THR A 1 49  ? -4.503  14.730  13.509  1.00 14.51 ? 291 THR A CA  1 
ATOM   399  C  C   . THR A 1 49  ? -3.932  13.319  13.628  1.00 14.61 ? 291 THR A C   1 
ATOM   400  O  O   . THR A 1 49  ? -4.674  12.328  13.608  1.00 16.28 ? 291 THR A O   1 
ATOM   401  C  CB  . THR A 1 49  ? -4.310  15.206  12.053  1.00 15.88 ? 291 THR A CB  1 
ATOM   402  O  OG1 . THR A 1 49  ? -4.955  16.473  11.879  1.00 15.53 ? 291 THR A OG1 1 
ATOM   403  C  CG2 . THR A 1 49  ? -4.916  14.199  11.079  1.00 14.59 ? 291 THR A CG2 1 
ATOM   404  N  N   . LEU A 1 50  ? -2.614  13.233  13.747  1.00 14.50 ? 292 LEU A N   1 
ATOM   405  C  CA  . LEU A 1 50  ? -1.952  11.939  13.877  1.00 16.12 ? 292 LEU A CA  1 
ATOM   406  C  C   . LEU A 1 50  ? -2.352  11.251  15.186  1.00 16.62 ? 292 LEU A C   1 
ATOM   407  O  O   . LEU A 1 50  ? -2.569  10.037  15.205  1.00 17.33 ? 292 LEU A O   1 
ATOM   408  C  CB  . LEU A 1 50  ? -0.433  12.114  13.779  1.00 15.88 ? 292 LEU A CB  1 
ATOM   409  C  CG  . LEU A 1 50  ? 0.017   12.649  12.406  1.00 15.86 ? 292 LEU A CG  1 
ATOM   410  C  CD1 . LEU A 1 50  ? 1.529   12.851  12.379  1.00 17.28 ? 292 LEU A CD1 1 
ATOM   411  C  CD2 . LEU A 1 50  ? -0.398  11.675  11.315  1.00 18.81 ? 292 LEU A CD2 1 
ATOM   412  N  N   . GLU A 1 51  ? -2.457  12.010  16.277  1.00 15.60 ? 293 GLU A N   1 
ATOM   413  C  CA  . GLU A 1 51  ? -2.870  11.414  17.551  1.00 15.89 ? 293 GLU A CA  1 
ATOM   414  C  C   . GLU A 1 51  ? -4.250  10.794  17.382  1.00 16.11 ? 293 GLU A C   1 
ATOM   415  O  O   . GLU A 1 51  ? -4.515  9.697   17.869  1.00 17.13 ? 293 GLU A O   1 
ATOM   416  C  CB  . GLU A 1 51  ? -2.951  12.462  18.667  1.00 14.87 ? 293 GLU A CB  1 
ATOM   417  C  CG  . GLU A 1 51  ? -1.639  13.107  19.006  1.00 17.49 ? 293 GLU A CG  1 
ATOM   418  C  CD  . GLU A 1 51  ? -1.758  14.105  20.139  1.00 18.64 ? 293 GLU A CD  1 
ATOM   419  O  OE1 . GLU A 1 51  ? -2.857  14.679  20.326  1.00 17.54 ? 293 GLU A OE1 1 
ATOM   420  O  OE2 . GLU A 1 51  ? -0.744  14.327  20.837  1.00 21.39 ? 293 GLU A OE2 1 
ATOM   421  N  N   . ILE A 1 52  ? -5.133  11.507  16.687  1.00 17.15 ? 294 ILE A N   1 
ATOM   422  C  CA  . ILE A 1 52  ? -6.489  11.016  16.462  1.00 16.82 ? 294 ILE A CA  1 
ATOM   423  C  C   . ILE A 1 52  ? -6.481  9.735   15.629  1.00 18.18 ? 294 ILE A C   1 
ATOM   424  O  O   . ILE A 1 52  ? -7.227  8.794   15.925  1.00 19.36 ? 294 ILE A O   1 
ATOM   425  C  CB  . ILE A 1 52  ? -7.363  12.080  15.755  1.00 18.43 ? 294 ILE A CB  1 
ATOM   426  C  CG1 . ILE A 1 52  ? -7.534  13.298  16.673  1.00 18.01 ? 294 ILE A CG1 1 
ATOM   427  C  CG2 . ILE A 1 52  ? -8.733  11.504  15.426  1.00 18.90 ? 294 ILE A CG2 1 
ATOM   428  C  CD1 . ILE A 1 52  ? -8.187  14.483  15.992  1.00 19.12 ? 294 ILE A CD1 1 
ATOM   429  N  N   . LEU A 1 53  ? -5.641  9.691   14.597  1.00 16.15 ? 295 LEU A N   1 
ATOM   430  C  CA  . LEU A 1 53  ? -5.571  8.508   13.742  1.00 15.47 ? 295 LEU A CA  1 
ATOM   431  C  C   . LEU A 1 53  ? -5.020  7.313   14.516  1.00 16.51 ? 295 LEU A C   1 
ATOM   432  O  O   . LEU A 1 53  ? -5.451  6.175   14.315  1.00 16.40 ? 295 LEU A O   1 
ATOM   433  C  CB  . LEU A 1 53  ? -4.709  8.787   12.504  1.00 15.50 ? 295 LEU A CB  1 
ATOM   434  C  CG  . LEU A 1 53  ? -5.295  9.881   11.606  1.00 17.47 ? 295 LEU A CG  1 
ATOM   435  C  CD1 . LEU A 1 53  ? -4.432  10.044  10.368  1.00 17.60 ? 295 LEU A CD1 1 
ATOM   436  C  CD2 . LEU A 1 53  ? -6.722  9.515   11.214  1.00 18.97 ? 295 LEU A CD2 1 
ATOM   437  N  N   . VAL A 1 54  ? -4.070  7.581   15.406  1.00 15.16 ? 296 VAL A N   1 
ATOM   438  C  CA  . VAL A 1 54  ? -3.484  6.525   16.222  1.00 15.59 ? 296 VAL A CA  1 
ATOM   439  C  C   . VAL A 1 54  ? -4.582  5.944   17.124  1.00 17.87 ? 296 VAL A C   1 
ATOM   440  O  O   . VAL A 1 54  ? -4.697  4.726   17.264  1.00 18.27 ? 296 VAL A O   1 
ATOM   441  C  CB  . VAL A 1 54  ? -2.306  7.074   17.070  1.00 16.80 ? 296 VAL A CB  1 
ATOM   442  C  CG1 . VAL A 1 54  ? -1.883  6.052   18.130  1.00 18.52 ? 296 VAL A CG1 1 
ATOM   443  C  CG2 . VAL A 1 54  ? -1.128  7.393   16.160  1.00 16.41 ? 296 VAL A CG2 1 
ATOM   444  N  N   . ASN A 1 55  ? -5.407  6.803   17.717  1.00 19.47 ? 297 ASN A N   1 
ATOM   445  C  CA  . ASN A 1 55  ? -6.483  6.309   18.584  1.00 20.87 ? 297 ASN A CA  1 
ATOM   446  C  C   . ASN A 1 55  ? -7.462  5.430   17.833  1.00 22.55 ? 297 ASN A C   1 
ATOM   447  O  O   . ASN A 1 55  ? -7.889  4.390   18.335  1.00 22.52 ? 297 ASN A O   1 
ATOM   448  C  CB  . ASN A 1 55  ? -7.292  7.445   19.203  1.00 23.97 ? 297 ASN A CB  1 
ATOM   449  C  CG  . ASN A 1 55  ? -6.472  8.326   20.089  1.00 25.61 ? 297 ASN A CG  1 
ATOM   450  O  OD1 . ASN A 1 55  ? -5.566  7.861   20.781  1.00 29.99 ? 297 ASN A OD1 1 
ATOM   451  N  ND2 . ASN A 1 55  ? -6.791  9.614   20.093  1.00 28.77 ? 297 ASN A ND2 1 
ATOM   452  N  N   . GLU A 1 56  ? -7.835  5.856   16.634  1.00 22.27 ? 298 GLU A N   1 
ATOM   453  C  CA  . GLU A 1 56  ? -8.785  5.101   15.837  1.00 23.08 ? 298 GLU A CA  1 
ATOM   454  C  C   . GLU A 1 56  ? -8.240  3.737   15.436  1.00 21.44 ? 298 GLU A C   1 
ATOM   455  O  O   . GLU A 1 56  ? -8.988  2.755   15.397  1.00 22.73 ? 298 GLU A O   1 
ATOM   456  C  CB  . GLU A 1 56  ? -9.197  5.938   14.626  1.00 25.11 ? 298 GLU A CB  1 
ATOM   457  C  CG  . GLU A 1 56  ? -9.759  7.290   15.065  1.00 30.04 ? 298 GLU A CG  1 
ATOM   458  C  CD  . GLU A 1 56  ? -10.142 8.197   13.911  1.00 31.49 ? 298 GLU A CD  1 
ATOM   459  O  OE1 . GLU A 1 56  ? -9.344  8.329   12.961  1.00 32.57 ? 298 GLU A OE1 1 
ATOM   460  O  OE2 . GLU A 1 56  ? -11.240 8.793   13.970  1.00 35.46 ? 298 GLU A OE2 1 
ATOM   461  N  N   . ALA A 1 57  ? -6.937  3.669   15.169  1.00 19.72 ? 299 ALA A N   1 
ATOM   462  C  CA  . ALA A 1 57  ? -6.290  2.411   14.796  1.00 18.37 ? 299 ALA A CA  1 
ATOM   463  C  C   . ALA A 1 57  ? -6.297  1.477   16.002  1.00 18.75 ? 299 ALA A C   1 
ATOM   464  O  O   . ALA A 1 57  ? -6.541  0.274   15.874  1.00 20.37 ? 299 ALA A O   1 
ATOM   465  C  CB  . ALA A 1 57  ? -4.858  2.665   14.348  1.00 19.75 ? 299 ALA A CB  1 
ATOM   466  N  N   . ILE A 1 58  ? -6.029  2.046   17.174  1.00 18.98 ? 300 ILE A N   1 
ATOM   467  C  CA  . ILE A 1 58  ? -6.013  1.268   18.404  1.00 19.34 ? 300 ILE A CA  1 
ATOM   468  C  C   . ILE A 1 58  ? -7.423  0.796   18.748  1.00 20.96 ? 300 ILE A C   1 
ATOM   469  O  O   . ILE A 1 58  ? -7.612  -0.343  19.172  1.00 21.57 ? 300 ILE A O   1 
ATOM   470  C  CB  . ILE A 1 58  ? -5.420  2.088   19.563  1.00 18.33 ? 300 ILE A CB  1 
ATOM   471  C  CG1 . ILE A 1 58  ? -3.902  2.180   19.389  1.00 20.10 ? 300 ILE A CG1 1 
ATOM   472  C  CG2 . ILE A 1 58  ? -5.781  1.449   20.905  1.00 17.33 ? 300 ILE A CG2 1 
ATOM   473  C  CD1 . ILE A 1 58  ? -3.207  3.106   20.378  1.00 20.69 ? 300 ILE A CD1 1 
ATOM   474  N  N   . ASN A 1 59  ? -8.413  1.661   18.559  1.00 21.41 ? 301 ASN A N   1 
ATOM   475  C  CA  . ASN A 1 59  ? -9.785  1.267   18.852  1.00 23.74 ? 301 ASN A CA  1 
ATOM   476  C  C   . ASN A 1 59  ? -10.199 0.122   17.946  1.00 25.54 ? 301 ASN A C   1 
ATOM   477  O  O   . ASN A 1 59  ? -10.953 -0.763  18.356  1.00 26.11 ? 301 ASN A O   1 
ATOM   478  C  CB  . ASN A 1 59  ? -10.751 2.440   18.683  1.00 25.51 ? 301 ASN A CB  1 
ATOM   479  C  CG  . ASN A 1 59  ? -10.710 3.391   19.855  1.00 30.15 ? 301 ASN A CG  1 
ATOM   480  O  OD1 . ASN A 1 59  ? -10.601 2.966   21.004  1.00 33.95 ? 301 ASN A OD1 1 
ATOM   481  N  ND2 . ASN A 1 59  ? -10.812 4.684   19.577  1.00 32.71 ? 301 ASN A ND2 1 
ATOM   482  N  N   . ARG A 1 60  ? -9.699  0.133   16.713  1.00 24.70 ? 302 ARG A N   1 
ATOM   483  C  CA  . ARG A 1 60  ? -10.018 -0.927  15.763  1.00 26.85 ? 302 ARG A CA  1 
ATOM   484  C  C   . ARG A 1 60  ? -9.364  -2.225  16.224  1.00 26.63 ? 302 ARG A C   1 
ATOM   485  O  O   . ARG A 1 60  ? -9.984  -3.285  16.180  1.00 28.49 ? 302 ARG A O   1 
ATOM   486  C  CB  . ARG A 1 60  ? -9.529  -0.552  14.356  1.00 29.55 ? 302 ARG A CB  1 
ATOM   487  C  CG  . ARG A 1 60  ? -9.515  -1.716  13.369  1.00 33.66 ? 302 ARG A CG  1 
ATOM   488  C  CD  . ARG A 1 60  ? -9.257  -1.259  11.935  1.00 38.41 ? 302 ARG A CD  1 
ATOM   489  N  NE  . ARG A 1 60  ? -8.300  -0.156  11.863  1.00 42.79 ? 302 ARG A NE  1 
ATOM   490  C  CZ  . ARG A 1 60  ? -8.643  1.115   11.671  1.00 42.85 ? 302 ARG A CZ  1 
ATOM   491  N  NH1 . ARG A 1 60  ? -9.919  1.444   11.528  1.00 43.80 ? 302 ARG A NH1 1 
ATOM   492  N  NH2 . ARG A 1 60  ? -7.711  2.058   11.627  1.00 43.29 ? 302 ARG A NH2 1 
ATOM   493  N  N   . LEU A 1 61  ? -8.114  -2.134  16.672  1.00 24.33 ? 303 LEU A N   1 
ATOM   494  C  CA  . LEU A 1 61  ? -7.390  -3.306  17.152  1.00 25.52 ? 303 LEU A CA  1 
ATOM   495  C  C   . LEU A 1 61  ? -8.100  -3.900  18.363  1.00 27.24 ? 303 LEU A C   1 
ATOM   496  O  O   . LEU A 1 61  ? -8.121  -5.121  18.546  1.00 27.55 ? 303 LEU A O   1 
ATOM   497  C  CB  . LEU A 1 61  ? -5.957  -2.930  17.534  1.00 24.73 ? 303 LEU A CB  1 
ATOM   498  C  CG  . LEU A 1 61  ? -5.033  -2.536  16.378  1.00 23.27 ? 303 LEU A CG  1 
ATOM   499  C  CD1 . LEU A 1 61  ? -3.703  -2.067  16.925  1.00 23.74 ? 303 LEU A CD1 1 
ATOM   500  C  CD2 . LEU A 1 61  ? -4.838  -3.729  15.449  1.00 23.92 ? 303 LEU A CD2 1 
ATOM   501  N  N   . LYS A 1 62  ? -8.676  -3.028  19.185  1.00 28.29 ? 304 LYS A N   1 
ATOM   502  C  CA  . LYS A 1 62  ? -9.398  -3.463  20.378  1.00 30.93 ? 304 LYS A CA  1 
ATOM   503  C  C   . LYS A 1 62  ? -10.703 -4.153  20.007  1.00 33.09 ? 304 LYS A C   1 
ATOM   504  O  O   . LYS A 1 62  ? -11.174 -5.034  20.729  1.00 34.47 ? 304 LYS A O   1 
ATOM   505  C  CB  . LYS A 1 62  ? -9.679  -2.272  21.298  1.00 29.05 ? 304 LYS A CB  1 
ATOM   506  C  CG  . LYS A 1 62  ? -8.449  -1.759  22.022  1.00 29.07 ? 304 LYS A CG  1 
ATOM   507  C  CD  . LYS A 1 62  ? -8.783  -0.593  22.937  1.00 27.25 ? 304 LYS A CD  1 
ATOM   508  C  CE  . LYS A 1 62  ? -7.570  -0.182  23.755  1.00 24.93 ? 304 LYS A CE  1 
ATOM   509  N  NZ  . LYS A 1 62  ? -7.812  1.074   24.504  1.00 27.36 ? 304 LYS A NZ  1 
ATOM   510  N  N   . ARG A 1 63  ? -11.290 -3.750  18.884  1.00 34.81 ? 305 ARG A N   1 
ATOM   511  C  CA  . ARG A 1 63  ? -12.531 -4.363  18.429  1.00 35.84 ? 305 ARG A CA  1 
ATOM   512  C  C   . ARG A 1 63  ? -12.227 -5.724  17.817  1.00 35.97 ? 305 ARG A C   1 
ATOM   513  O  O   . ARG A 1 63  ? -13.056 -6.634  17.857  1.00 36.83 ? 305 ARG A O   1 
ATOM   514  C  CB  . ARG A 1 63  ? -13.232 -3.479  17.389  1.00 37.32 ? 305 ARG A CB  1 
ATOM   515  C  CG  . ARG A 1 63  ? -13.870 -2.211  17.946  1.00 38.99 ? 305 ARG A CG  1 
ATOM   516  C  CD  . ARG A 1 63  ? -14.832 -1.603  16.932  1.00 39.68 ? 305 ARG A CD  1 
ATOM   517  N  NE  . ARG A 1 63  ? -14.159 -1.170  15.708  1.00 40.50 ? 305 ARG A NE  1 
ATOM   518  C  CZ  . ARG A 1 63  ? -13.509 -0.018  15.578  1.00 39.55 ? 305 ARG A CZ  1 
ATOM   519  N  NH1 . ARG A 1 63  ? -13.440 0.830   16.596  1.00 37.08 ? 305 ARG A NH1 1 
ATOM   520  N  NH2 . ARG A 1 63  ? -12.923 0.285   14.429  1.00 41.16 ? 305 ARG A NH2 1 
ATOM   521  N  N   . GLU A 1 64  ? -11.031 -5.859  17.249  1.00 35.70 ? 306 GLU A N   1 
ATOM   522  C  CA  . GLU A 1 64  ? -10.615 -7.111  16.625  1.00 36.85 ? 306 GLU A CA  1 
ATOM   523  C  C   . GLU A 1 64  ? -10.057 -8.077  17.666  1.00 36.13 ? 306 GLU A C   1 
ATOM   524  O  O   . GLU A 1 64  ? -9.858  -9.259  17.387  1.00 37.52 ? 306 GLU A O   1 
ATOM   525  C  CB  . GLU A 1 64  ? -9.553  -6.843  15.554  1.00 37.71 ? 306 GLU A CB  1 
ATOM   526  C  CG  . GLU A 1 64  ? -9.947  -5.769  14.547  1.00 39.16 ? 306 GLU A CG  1 
ATOM   527  C  CD  . GLU A 1 64  ? -8.910  -5.572  13.453  1.00 41.03 ? 306 GLU A CD  1 
ATOM   528  O  OE1 . GLU A 1 64  ? -7.700  -5.607  13.758  1.00 41.12 ? 306 GLU A OE1 1 
ATOM   529  O  OE2 . GLU A 1 64  ? -9.312  -5.368  12.287  1.00 41.87 ? 306 GLU A OE2 1 
ATOM   530  N  N   . GLY A 1 65  ? -9.809  -7.567  18.870  1.00 35.79 ? 307 GLY A N   1 
ATOM   531  C  CA  . GLY A 1 65  ? -9.277  -8.399  19.933  1.00 34.15 ? 307 GLY A CA  1 
ATOM   532  C  C   . GLY A 1 65  ? -7.809  -8.724  19.730  1.00 33.38 ? 307 GLY A C   1 
ATOM   533  O  O   . GLY A 1 65  ? -7.340  -9.799  20.105  1.00 33.43 ? 307 GLY A O   1 
ATOM   534  N  N   . ARG A 1 66  ? -7.071  -7.788  19.147  1.00 31.17 ? 308 ARG A N   1 
ATOM   535  C  CA  . ARG A 1 66  ? -5.659  -8.006  18.885  1.00 30.63 ? 308 ARG A CA  1 
ATOM   536  C  C   . ARG A 1 66  ? -4.776  -6.954  19.537  1.00 27.87 ? 308 ARG A C   1 
ATOM   537  O  O   . ARG A 1 66  ? -3.548  -7.049  19.485  1.00 27.64 ? 308 ARG A O   1 
ATOM   538  C  CB  . ARG A 1 66  ? -5.416  -8.013  17.375  1.00 31.89 ? 308 ARG A CB  1 
ATOM   539  C  CG  . ARG A 1 66  ? -6.383  -8.903  16.617  1.00 35.20 ? 308 ARG A CG  1 
ATOM   540  C  CD  . ARG A 1 66  ? -5.949  -9.117  15.183  1.00 36.27 ? 308 ARG A CD  1 
ATOM   541  N  NE  . ARG A 1 66  ? -5.902  -7.880  14.413  1.00 39.11 ? 308 ARG A NE  1 
ATOM   542  C  CZ  . ARG A 1 66  ? -4.787  -7.348  13.921  1.00 38.76 ? 308 ARG A CZ  1 
ATOM   543  N  NH1 . ARG A 1 66  ? -3.621  -7.944  14.122  1.00 40.50 ? 308 ARG A NH1 1 
ATOM   544  N  NH2 . ARG A 1 66  ? -4.840  -6.225  13.219  1.00 39.36 ? 308 ARG A NH2 1 
ATOM   545  N  N   . TYR A 1 67  ? -5.396  -5.959  20.160  1.00 26.64 ? 309 TYR A N   1 
ATOM   546  C  CA  . TYR A 1 67  ? -4.637  -4.888  20.789  1.00 25.74 ? 309 TYR A CA  1 
ATOM   547  C  C   . TYR A 1 67  ? -3.656  -5.327  21.868  1.00 24.80 ? 309 TYR A C   1 
ATOM   548  O  O   . TYR A 1 67  ? -2.459  -5.101  21.737  1.00 24.28 ? 309 TYR A O   1 
ATOM   549  C  CB  . TYR A 1 67  ? -5.577  -3.824  21.373  1.00 25.90 ? 309 TYR A CB  1 
ATOM   550  C  CG  . TYR A 1 67  ? -4.830  -2.667  22.004  1.00 26.63 ? 309 TYR A CG  1 
ATOM   551  C  CD1 . TYR A 1 67  ? -4.016  -1.834  21.235  1.00 28.09 ? 309 TYR A CD1 1 
ATOM   552  C  CD2 . TYR A 1 67  ? -4.900  -2.435  23.376  1.00 28.97 ? 309 TYR A CD2 1 
ATOM   553  C  CE1 . TYR A 1 67  ? -3.281  -0.798  21.822  1.00 30.10 ? 309 TYR A CE1 1 
ATOM   554  C  CE2 . TYR A 1 67  ? -4.170  -1.405  23.973  1.00 29.32 ? 309 TYR A CE2 1 
ATOM   555  C  CZ  . TYR A 1 67  ? -3.363  -0.593  23.190  1.00 31.00 ? 309 TYR A CZ  1 
ATOM   556  O  OH  . TYR A 1 67  ? -2.627  0.414   23.782  1.00 33.06 ? 309 TYR A OH  1 
ATOM   557  N  N   . GLU A 1 68  ? -4.148  -5.960  22.930  1.00 25.39 ? 310 GLU A N   1 
ATOM   558  C  CA  . GLU A 1 68  ? -3.249  -6.347  24.011  1.00 24.20 ? 310 GLU A CA  1 
ATOM   559  C  C   . GLU A 1 68  ? -2.077  -7.220  23.572  1.00 24.05 ? 310 GLU A C   1 
ATOM   560  O  O   . GLU A 1 68  ? -0.954  -7.029  24.034  1.00 24.11 ? 310 GLU A O   1 
ATOM   561  C  CB  . GLU A 1 68  ? -4.024  -7.024  25.143  1.00 24.92 ? 310 GLU A CB  1 
ATOM   562  C  CG  . GLU A 1 68  ? -3.242  -7.059  26.437  1.00 27.34 ? 310 GLU A CG  1 
ATOM   563  C  CD  . GLU A 1 68  ? -4.089  -7.469  27.619  1.00 25.87 ? 310 GLU A CD  1 
ATOM   564  O  OE1 . GLU A 1 68  ? -4.942  -6.665  28.050  1.00 25.12 ? 310 GLU A OE1 1 
ATOM   565  O  OE2 . GLU A 1 68  ? -3.899  -8.598  28.107  1.00 30.92 ? 310 GLU A OE2 1 
ATOM   566  N  N   . GLN A 1 69  ? -2.327  -8.175  22.683  1.00 27.73 ? 311 GLN A N   1 
ATOM   567  C  CA  . GLN A 1 69  ? -1.254  -9.037  22.199  1.00 28.31 ? 311 GLN A CA  1 
ATOM   568  C  C   . GLN A 1 69  ? -0.170  -8.194  21.536  1.00 27.32 ? 311 GLN A C   1 
ATOM   569  O  O   . GLN A 1 69  ? 1.024   -8.429  21.730  1.00 27.66 ? 311 GLN A O   1 
ATOM   570  C  CB  . GLN A 1 69  ? -1.807  -10.053 21.199  1.00 31.41 ? 311 GLN A CB  1 
ATOM   571  C  CG  . GLN A 1 69  ? -2.660  -11.142 21.832  1.00 36.81 ? 311 GLN A CG  1 
ATOM   572  C  CD  . GLN A 1 69  ? -3.454  -11.929 20.807  1.00 38.90 ? 311 GLN A CD  1 
ATOM   573  O  OE1 . GLN A 1 69  ? -4.374  -11.402 20.180  1.00 39.75 ? 311 GLN A OE1 1 
ATOM   574  N  NE2 . GLN A 1 69  ? -3.100  -13.198 20.627  1.00 39.82 ? 311 GLN A NE2 1 
ATOM   575  N  N   . ILE A 1 70  ? -0.597  -7.197  20.765  1.00 24.96 ? 312 ILE A N   1 
ATOM   576  C  CA  . ILE A 1 70  ? 0.326   -6.321  20.066  1.00 24.53 ? 312 ILE A CA  1 
ATOM   577  C  C   . ILE A 1 70  ? 1.041   -5.331  20.986  1.00 23.40 ? 312 ILE A C   1 
ATOM   578  O  O   . ILE A 1 70  ? 2.268   -5.234  20.966  1.00 23.92 ? 312 ILE A O   1 
ATOM   579  C  CB  . ILE A 1 70  ? -0.402  -5.526  18.957  1.00 23.97 ? 312 ILE A CB  1 
ATOM   580  C  CG1 . ILE A 1 70  ? -0.991  -6.495  17.929  1.00 25.12 ? 312 ILE A CG1 1 
ATOM   581  C  CG2 . ILE A 1 70  ? 0.569   -4.560  18.277  1.00 24.67 ? 312 ILE A CG2 1 
ATOM   582  C  CD1 . ILE A 1 70  ? -1.824  -5.825  16.855  1.00 27.17 ? 312 ILE A CD1 1 
ATOM   583  N  N   . VAL A 1 71  ? 0.288   -4.594  21.794  1.00 23.93 ? 313 VAL A N   1 
ATOM   584  C  CA  . VAL A 1 71  ? 0.924   -3.614  22.666  1.00 20.56 ? 313 VAL A CA  1 
ATOM   585  C  C   . VAL A 1 71  ? 1.845   -4.277  23.685  1.00 21.81 ? 313 VAL A C   1 
ATOM   586  O  O   . VAL A 1 71  ? 2.861   -3.700  24.075  1.00 19.63 ? 313 VAL A O   1 
ATOM   587  C  CB  . VAL A 1 71  ? -0.120  -2.737  23.396  1.00 20.09 ? 313 VAL A CB  1 
ATOM   588  C  CG1 . VAL A 1 71  ? -0.790  -3.522  24.526  1.00 21.32 ? 313 VAL A CG1 1 
ATOM   589  C  CG2 . VAL A 1 71  ? 0.559   -1.481  23.922  1.00 19.89 ? 313 VAL A CG2 1 
ATOM   590  N  N   . SER A 1 72  ? 1.499   -5.492  24.095  1.00 25.21 ? 314 SER A N   1 
ATOM   591  C  CA  . SER A 1 72  ? 2.307   -6.233  25.063  1.00 29.07 ? 314 SER A CA  1 
ATOM   592  C  C   . SER A 1 72  ? 3.723   -6.512  24.560  1.00 30.75 ? 314 SER A C   1 
ATOM   593  O  O   . SER A 1 72  ? 4.654   -6.647  25.358  1.00 31.63 ? 314 SER A O   1 
ATOM   594  C  CB  . SER A 1 72  ? 1.632   -7.562  25.417  1.00 29.54 ? 314 SER A CB  1 
ATOM   595  O  OG  . SER A 1 72  ? 0.436   -7.343  26.139  1.00 32.38 ? 314 SER A OG  1 
ATOM   596  N  N   . SER A 1 73  ? 3.886   -6.597  23.242  1.00 32.48 ? 315 SER A N   1 
ATOM   597  C  CA  . SER A 1 73  ? 5.195   -6.870  22.661  1.00 32.56 ? 315 SER A CA  1 
ATOM   598  C  C   . SER A 1 73  ? 6.101   -5.646  22.733  1.00 32.50 ? 315 SER A C   1 
ATOM   599  O  O   . SER A 1 73  ? 7.310   -5.742  22.517  1.00 32.25 ? 315 SER A O   1 
ATOM   600  C  CB  . SER A 1 73  ? 5.057   -7.331  21.205  1.00 34.21 ? 315 SER A CB  1 
ATOM   601  O  OG  . SER A 1 73  ? 4.676   -6.270  20.349  1.00 34.62 ? 315 SER A OG  1 
ATOM   602  N  N   . TYR A 1 74  ? 5.513   -4.494  23.038  1.00 31.17 ? 316 TYR A N   1 
ATOM   603  C  CA  . TYR A 1 74  ? 6.277   -3.261  23.150  1.00 30.65 ? 316 TYR A CA  1 
ATOM   604  C  C   . TYR A 1 74  ? 6.591   -2.975  24.612  1.00 31.74 ? 316 TYR A C   1 
ATOM   605  O  O   . TYR A 1 74  ? 5.948   -3.519  25.507  1.00 32.74 ? 316 TYR A O   1 
ATOM   606  C  CB  . TYR A 1 74  ? 5.498   -2.089  22.546  1.00 31.04 ? 316 TYR A CB  1 
ATOM   607  C  CG  . TYR A 1 74  ? 5.378   -2.152  21.041  1.00 28.14 ? 316 TYR A CG  1 
ATOM   608  C  CD1 . TYR A 1 74  ? 4.545   -3.084  20.426  1.00 29.58 ? 316 TYR A CD1 1 
ATOM   609  C  CD2 . TYR A 1 74  ? 6.112   -1.287  20.231  1.00 30.52 ? 316 TYR A CD2 1 
ATOM   610  C  CE1 . TYR A 1 74  ? 4.446   -3.154  19.039  1.00 30.32 ? 316 TYR A CE1 1 
ATOM   611  C  CE2 . TYR A 1 74  ? 6.020   -1.349  18.844  1.00 29.17 ? 316 TYR A CE2 1 
ATOM   612  C  CZ  . TYR A 1 74  ? 5.187   -2.284  18.259  1.00 30.64 ? 316 TYR A CZ  1 
ATOM   613  O  OH  . TYR A 1 74  ? 5.095   -2.352  16.886  1.00 32.10 ? 316 TYR A OH  1 
ATOM   614  N  N   . GLU A 1 75  ? 7.579   -2.118  24.846  1.00 33.43 ? 317 GLU A N   1 
ATOM   615  C  CA  . GLU A 1 75  ? 7.989   -1.763  26.200  1.00 34.28 ? 317 GLU A CA  1 
ATOM   616  C  C   . GLU A 1 75  ? 6.876   -1.057  26.969  1.00 32.09 ? 317 GLU A C   1 
ATOM   617  O  O   . GLU A 1 75  ? 6.783   -1.174  28.194  1.00 33.42 ? 317 GLU A O   1 
ATOM   618  C  CB  . GLU A 1 75  ? 9.228   -0.870  26.141  1.00 38.06 ? 317 GLU A CB  1 
ATOM   619  C  CG  . GLU A 1 75  ? 10.438  -1.548  25.509  1.00 43.23 ? 317 GLU A CG  1 
ATOM   620  C  CD  . GLU A 1 75  ? 11.620  -0.609  25.323  1.00 45.35 ? 317 GLU A CD  1 
ATOM   621  O  OE1 . GLU A 1 75  ? 12.142  -0.092  26.335  1.00 46.49 ? 317 GLU A OE1 1 
ATOM   622  O  OE2 . GLU A 1 75  ? 12.028  -0.393  24.160  1.00 47.52 ? 317 GLU A OE2 1 
ATOM   623  N  N   . SER A 1 76  ? 6.040   -0.326  26.241  1.00 28.00 ? 318 SER A N   1 
ATOM   624  C  CA  . SER A 1 76  ? 4.930   0.404   26.836  1.00 23.13 ? 318 SER A CA  1 
ATOM   625  C  C   . SER A 1 76  ? 3.949   0.814   25.751  1.00 22.22 ? 318 SER A C   1 
ATOM   626  O  O   . SER A 1 76  ? 4.250   0.713   24.563  1.00 20.69 ? 318 SER A O   1 
ATOM   627  C  CB  . SER A 1 76  ? 5.438   1.661   27.540  1.00 24.18 ? 318 SER A CB  1 
ATOM   628  O  OG  . SER A 1 76  ? 5.905   2.619   26.605  1.00 25.59 ? 318 SER A OG  1 
ATOM   629  N  N   . GLU A 1 77  ? 2.777   1.278   26.172  1.00 19.50 ? 319 GLU A N   1 
ATOM   630  C  CA  . GLU A 1 77  ? 1.754   1.728   25.240  1.00 19.59 ? 319 GLU A CA  1 
ATOM   631  C  C   . GLU A 1 77  ? 2.238   3.007   24.568  1.00 19.53 ? 319 GLU A C   1 
ATOM   632  O  O   . GLU A 1 77  ? 1.950   3.261   23.390  1.00 18.54 ? 319 GLU A O   1 
ATOM   633  C  CB  . GLU A 1 77  ? 0.446   2.011   25.975  1.00 22.28 ? 319 GLU A CB  1 
ATOM   634  C  CG  . GLU A 1 77  ? -0.662  2.490   25.055  1.00 25.00 ? 319 GLU A CG  1 
ATOM   635  C  CD  . GLU A 1 77  ? -1.913  2.898   25.805  1.00 30.00 ? 319 GLU A CD  1 
ATOM   636  O  OE1 . GLU A 1 77  ? -2.359  2.126   26.679  1.00 30.50 ? 319 GLU A OE1 1 
ATOM   637  O  OE2 . GLU A 1 77  ? -2.454  3.989   25.510  1.00 30.86 ? 319 GLU A OE2 1 
ATOM   638  N  N   . GLU A 1 78  ? 2.975   3.818   25.318  1.00 18.74 ? 320 GLU A N   1 
ATOM   639  C  CA  . GLU A 1 78  ? 3.493   5.073   24.786  1.00 21.47 ? 320 GLU A CA  1 
ATOM   640  C  C   . GLU A 1 78  ? 4.407   4.789   23.601  1.00 21.37 ? 320 GLU A C   1 
ATOM   641  O  O   . GLU A 1 78  ? 4.333   5.465   22.568  1.00 21.36 ? 320 GLU A O   1 
ATOM   642  C  CB  . GLU A 1 78  ? 4.264   5.833   25.872  1.00 25.64 ? 320 GLU A CB  1 
ATOM   643  C  CG  . GLU A 1 78  ? 4.676   7.241   25.475  1.00 30.45 ? 320 GLU A CG  1 
ATOM   644  C  CD  . GLU A 1 78  ? 5.436   7.953   26.579  1.00 35.65 ? 320 GLU A CD  1 
ATOM   645  O  OE1 . GLU A 1 78  ? 4.865   8.134   27.677  1.00 37.19 ? 320 GLU A OE1 1 
ATOM   646  O  OE2 . GLU A 1 78  ? 6.604   8.333   26.350  1.00 38.15 ? 320 GLU A OE2 1 
ATOM   647  N  N   . LYS A 1 79  ? 5.264   3.785   23.749  1.00 20.85 ? 321 LYS A N   1 
ATOM   648  C  CA  . LYS A 1 79  ? 6.189   3.415   22.679  1.00 24.52 ? 321 LYS A CA  1 
ATOM   649  C  C   . LYS A 1 79  ? 5.414   2.928   21.463  1.00 22.95 ? 321 LYS A C   1 
ATOM   650  O  O   . LYS A 1 79  ? 5.740   3.278   20.325  1.00 22.58 ? 321 LYS A O   1 
ATOM   651  C  CB  . LYS A 1 79  ? 7.134   2.311   23.153  1.00 27.90 ? 321 LYS A CB  1 
ATOM   652  C  CG  . LYS A 1 79  ? 7.996   2.664   24.357  1.00 32.91 ? 321 LYS A CG  1 
ATOM   653  C  CD  . LYS A 1 79  ? 9.182   3.561   24.013  1.00 37.77 ? 321 LYS A CD  1 
ATOM   654  C  CE  . LYS A 1 79  ? 8.809   5.033   23.973  1.00 39.11 ? 321 LYS A CE  1 
ATOM   655  N  NZ  . LYS A 1 79  ? 10.020  5.891   23.841  1.00 42.16 ? 321 LYS A NZ  1 
ATOM   656  N  N   . PHE A 1 80  ? 4.391   2.113   21.711  1.00 20.98 ? 322 PHE A N   1 
ATOM   657  C  CA  . PHE A 1 80  ? 3.568   1.577   20.633  1.00 19.94 ? 322 PHE A CA  1 
ATOM   658  C  C   . PHE A 1 80  ? 2.868   2.705   19.880  1.00 21.03 ? 322 PHE A C   1 
ATOM   659  O  O   . PHE A 1 80  ? 2.817   2.701   18.647  1.00 20.26 ? 322 PHE A O   1 
ATOM   660  C  CB  . PHE A 1 80  ? 2.527   0.598   21.177  1.00 21.09 ? 322 PHE A CB  1 
ATOM   661  C  CG  . PHE A 1 80  ? 1.584   0.084   20.126  1.00 22.93 ? 322 PHE A CG  1 
ATOM   662  C  CD1 . PHE A 1 80  ? 2.070   -0.609  19.018  1.00 24.61 ? 322 PHE A CD1 1 
ATOM   663  C  CD2 . PHE A 1 80  ? 0.217   0.311   20.224  1.00 26.27 ? 322 PHE A CD2 1 
ATOM   664  C  CE1 . PHE A 1 80  ? 1.201   -1.067  18.019  1.00 25.39 ? 322 PHE A CE1 1 
ATOM   665  C  CE2 . PHE A 1 80  ? -0.659  -0.143  19.231  1.00 27.39 ? 322 PHE A CE2 1 
ATOM   666  C  CZ  . PHE A 1 80  ? -0.163  -0.834  18.129  1.00 26.91 ? 322 PHE A CZ  1 
ATOM   667  N  N   . ARG A 1 81  ? 2.327   3.672   20.616  1.00 18.35 ? 323 ARG A N   1 
ATOM   668  C  CA  . ARG A 1 81  ? 1.653   4.796   19.968  1.00 18.68 ? 323 ARG A CA  1 
ATOM   669  C  C   . ARG A 1 81  ? 2.642   5.574   19.104  1.00 19.50 ? 323 ARG A C   1 
ATOM   670  O  O   . ARG A 1 81  ? 2.309   5.982   17.988  1.00 19.91 ? 323 ARG A O   1 
ATOM   671  C  CB  . ARG A 1 81  ? 1.020   5.724   21.007  1.00 18.96 ? 323 ARG A CB  1 
ATOM   672  C  CG  . ARG A 1 81  ? -0.284  5.200   21.594  1.00 20.20 ? 323 ARG A CG  1 
ATOM   673  C  CD  . ARG A 1 81  ? -0.861  6.174   22.627  1.00 23.16 ? 323 ARG A CD  1 
ATOM   674  N  NE  . ARG A 1 81  ? -2.054  5.642   23.278  1.00 25.20 ? 323 ARG A NE  1 
ATOM   675  C  CZ  . ARG A 1 81  ? -3.286  5.707   22.778  1.00 25.16 ? 323 ARG A CZ  1 
ATOM   676  N  NH1 . ARG A 1 81  ? -3.509  6.293   21.608  1.00 23.36 ? 323 ARG A NH1 1 
ATOM   677  N  NH2 . ARG A 1 81  ? -4.299  5.170   23.448  1.00 28.12 ? 323 ARG A NH2 1 
ATOM   678  N  N   . GLU A 1 82  ? 3.858   5.763   19.610  1.00 18.22 ? 324 GLU A N   1 
ATOM   679  C  CA  . GLU A 1 82  ? 4.885   6.489   18.857  1.00 20.85 ? 324 GLU A CA  1 
ATOM   680  C  C   . GLU A 1 82  ? 5.190   5.770   17.544  1.00 20.63 ? 324 GLU A C   1 
ATOM   681  O  O   . GLU A 1 82  ? 5.327   6.408   16.493  1.00 21.89 ? 324 GLU A O   1 
ATOM   682  C  CB  . GLU A 1 82  ? 6.173   6.625   19.687  1.00 22.25 ? 324 GLU A CB  1 
ATOM   683  C  CG  . GLU A 1 82  ? 6.138   7.729   20.753  1.00 27.08 ? 324 GLU A CG  1 
ATOM   684  C  CD  . GLU A 1 82  ? 7.214   7.572   21.829  1.00 33.78 ? 324 GLU A CD  1 
ATOM   685  O  OE1 . GLU A 1 82  ? 8.352   7.170   21.501  1.00 35.78 ? 324 GLU A OE1 1 
ATOM   686  O  OE2 . GLU A 1 82  ? 6.923   7.864   23.010  1.00 36.45 ? 324 GLU A OE2 1 
ATOM   687  N  N   . GLU A 1 83  ? 5.306   4.448   17.602  1.00 19.39 ? 325 GLU A N   1 
ATOM   688  C  CA  . GLU A 1 83  ? 5.593   3.671   16.400  1.00 21.23 ? 325 GLU A CA  1 
ATOM   689  C  C   . GLU A 1 83  ? 4.431   3.722   15.423  1.00 21.56 ? 325 GLU A C   1 
ATOM   690  O  O   . GLU A 1 83  ? 4.620   3.907   14.216  1.00 19.95 ? 325 GLU A O   1 
ATOM   691  C  CB  . GLU A 1 83  ? 5.884   2.210   16.740  1.00 25.79 ? 325 GLU A CB  1 
ATOM   692  C  CG  . GLU A 1 83  ? 6.039   1.351   15.493  1.00 32.36 ? 325 GLU A CG  1 
ATOM   693  C  CD  . GLU A 1 83  ? 6.751   0.047   15.754  1.00 37.09 ? 325 GLU A CD  1 
ATOM   694  O  OE1 . GLU A 1 83  ? 7.797   0.065   16.440  1.00 39.51 ? 325 GLU A OE1 1 
ATOM   695  O  OE2 . GLU A 1 83  ? 6.272   -0.995  15.260  1.00 40.72 ? 325 GLU A OE2 1 
ATOM   696  N  N   . LEU A 1 84  ? 3.226   3.546   15.951  1.00 18.85 ? 326 LEU A N   1 
ATOM   697  C  CA  . LEU A 1 84  ? 2.029   3.562   15.130  1.00 18.09 ? 326 LEU A CA  1 
ATOM   698  C  C   . LEU A 1 84  ? 1.851   4.917   14.459  1.00 17.94 ? 326 LEU A C   1 
ATOM   699  O  O   . LEU A 1 84  ? 1.389   4.997   13.315  1.00 17.49 ? 326 LEU A O   1 
ATOM   700  C  CB  . LEU A 1 84  ? 0.804   3.223   15.984  1.00 20.76 ? 326 LEU A CB  1 
ATOM   701  C  CG  . LEU A 1 84  ? -0.535  3.018   15.278  1.00 21.35 ? 326 LEU A CG  1 
ATOM   702  C  CD1 . LEU A 1 84  ? -0.376  2.042   14.122  1.00 24.08 ? 326 LEU A CD1 1 
ATOM   703  C  CD2 . LEU A 1 84  ? -1.560  2.501   16.283  1.00 22.80 ? 326 LEU A CD2 1 
ATOM   704  N  N   . LYS A 1 85  ? 2.226   5.987   15.155  1.00 15.42 ? 327 LYS A N   1 
ATOM   705  C  CA  . LYS A 1 85  ? 2.088   7.319   14.577  1.00 16.67 ? 327 LYS A CA  1 
ATOM   706  C  C   . LYS A 1 85  ? 2.990   7.448   13.357  1.00 16.51 ? 327 LYS A C   1 
ATOM   707  O  O   . LYS A 1 85  ? 2.585   7.988   12.325  1.00 16.53 ? 327 LYS A O   1 
ATOM   708  C  CB  . LYS A 1 85  ? 2.453   8.406   15.593  1.00 18.31 ? 327 LYS A CB  1 
ATOM   709  C  CG  . LYS A 1 85  ? 2.223   9.819   15.055  1.00 18.54 ? 327 LYS A CG  1 
ATOM   710  C  CD  . LYS A 1 85  ? 2.715   10.899  16.014  1.00 22.69 ? 327 LYS A CD  1 
ATOM   711  C  CE  . LYS A 1 85  ? 1.941   10.902  17.326  1.00 25.32 ? 327 LYS A CE  1 
ATOM   712  N  NZ  . LYS A 1 85  ? 2.441   12.008  18.200  1.00 25.21 ? 327 LYS A NZ  1 
ATOM   713  N  N   . GLU A 1 86  ? 4.217   6.951   13.470  1.00 16.63 ? 328 GLU A N   1 
ATOM   714  C  CA  . GLU A 1 86  ? 5.145   7.048   12.351  1.00 18.96 ? 328 GLU A CA  1 
ATOM   715  C  C   . GLU A 1 86  ? 4.679   6.175   11.188  1.00 18.44 ? 328 GLU A C   1 
ATOM   716  O  O   . GLU A 1 86  ? 4.824   6.558   10.024  1.00 16.92 ? 328 GLU A O   1 
ATOM   717  C  CB  . GLU A 1 86  ? 6.559   6.653   12.789  1.00 22.65 ? 328 GLU A CB  1 
ATOM   718  C  CG  . GLU A 1 86  ? 7.618   7.711   12.468  1.00 33.17 ? 328 GLU A CG  1 
ATOM   719  C  CD  . GLU A 1 86  ? 7.291   9.086   13.056  1.00 35.11 ? 328 GLU A CD  1 
ATOM   720  O  OE1 . GLU A 1 86  ? 7.097   9.191   14.287  1.00 37.95 ? 328 GLU A OE1 1 
ATOM   721  O  OE2 . GLU A 1 86  ? 7.233   10.066  12.286  1.00 36.84 ? 328 GLU A OE2 1 
ATOM   722  N  N   . ARG A 1 87  ? 4.113   5.012   11.499  1.00 16.46 ? 329 ARG A N   1 
ATOM   723  C  CA  . ARG A 1 87  ? 3.612   4.107   10.463  1.00 17.63 ? 329 ARG A CA  1 
ATOM   724  C  C   . ARG A 1 87  ? 2.444   4.755   9.731   1.00 17.25 ? 329 ARG A C   1 
ATOM   725  O  O   . ARG A 1 87  ? 2.332   4.657   8.507   1.00 15.84 ? 329 ARG A O   1 
ATOM   726  C  CB  . ARG A 1 87  ? 3.154   2.780   11.074  1.00 20.41 ? 329 ARG A CB  1 
ATOM   727  C  CG  . ARG A 1 87  ? 4.291   1.922   11.615  1.00 26.99 ? 329 ARG A CG  1 
ATOM   728  C  CD  . ARG A 1 87  ? 3.813   0.510   11.924  1.00 33.10 ? 329 ARG A CD  1 
ATOM   729  N  NE  . ARG A 1 87  ? 4.901   -0.364  12.363  1.00 39.64 ? 329 ARG A NE  1 
ATOM   730  C  CZ  . ARG A 1 87  ? 4.784   -1.681  12.513  1.00 41.36 ? 329 ARG A CZ  1 
ATOM   731  N  NH1 . ARG A 1 87  ? 3.627   -2.278  12.258  1.00 42.76 ? 329 ARG A NH1 1 
ATOM   732  N  NH2 . ARG A 1 87  ? 5.824   -2.403  12.912  1.00 43.07 ? 329 ARG A NH2 1 
ATOM   733  N  N   . ILE A 1 88  ? 1.574   5.415   10.489  1.00 14.28 ? 330 ILE A N   1 
ATOM   734  C  CA  . ILE A 1 88  ? 0.418   6.078   9.897   1.00 14.41 ? 330 ILE A CA  1 
ATOM   735  C  C   . ILE A 1 88  ? 0.860   7.239   9.022   1.00 15.10 ? 330 ILE A C   1 
ATOM   736  O  O   . ILE A 1 88  ? 0.326   7.429   7.923   1.00 14.39 ? 330 ILE A O   1 
ATOM   737  C  CB  . ILE A 1 88  ? -0.559  6.577   10.979  1.00 14.46 ? 330 ILE A CB  1 
ATOM   738  C  CG1 . ILE A 1 88  ? -1.270  5.366   11.599  1.00 14.18 ? 330 ILE A CG1 1 
ATOM   739  C  CG2 . ILE A 1 88  ? -1.587  7.537   10.381  1.00 16.73 ? 330 ILE A CG2 1 
ATOM   740  C  CD1 . ILE A 1 88  ? -2.123  5.691   12.806  1.00 15.54 ? 330 ILE A CD1 1 
ATOM   741  N  N   . LEU A 1 89  ? 1.827   8.018   9.500   1.00 12.05 ? 331 LEU A N   1 
ATOM   742  C  CA  . LEU A 1 89  ? 2.318   9.134   8.702   1.00 13.13 ? 331 LEU A CA  1 
ATOM   743  C  C   . LEU A 1 89  ? 2.926   8.580   7.420   1.00 12.52 ? 331 LEU A C   1 
ATOM   744  O  O   . LEU A 1 89  ? 2.742   9.148   6.340   1.00 11.20 ? 331 LEU A O   1 
ATOM   745  C  CB  . LEU A 1 89  ? 3.368   9.942   9.474   1.00 15.38 ? 331 LEU A CB  1 
ATOM   746  C  CG  . LEU A 1 89  ? 4.037   11.102  8.732   1.00 19.02 ? 331 LEU A CG  1 
ATOM   747  C  CD1 . LEU A 1 89  ? 3.004   12.066  8.181   1.00 18.08 ? 331 LEU A CD1 1 
ATOM   748  C  CD2 . LEU A 1 89  ? 4.976   11.811  9.698   1.00 19.47 ? 331 LEU A CD2 1 
ATOM   749  N  N   . ASP A 1 90  ? 3.653   7.472   7.533   1.00 12.25 ? 332 ASP A N   1 
ATOM   750  C  CA  . ASP A 1 90  ? 4.256   6.884   6.338   1.00 14.98 ? 332 ASP A CA  1 
ATOM   751  C  C   . ASP A 1 90  ? 3.178   6.413   5.359   1.00 14.39 ? 332 ASP A C   1 
ATOM   752  O  O   . ASP A 1 90  ? 3.357   6.535   4.148   1.00 13.37 ? 332 ASP A O   1 
ATOM   753  C  CB  . ASP A 1 90  ? 5.188   5.723   6.699   1.00 17.67 ? 332 ASP A CB  1 
ATOM   754  C  CG  . ASP A 1 90  ? 6.566   6.196   7.142   1.00 21.85 ? 332 ASP A CG  1 
ATOM   755  O  OD1 . ASP A 1 90  ? 6.933   7.356   6.849   1.00 23.58 ? 332 ASP A OD1 1 
ATOM   756  O  OD2 . ASP A 1 90  ? 7.293   5.399   7.770   1.00 25.44 ? 332 ASP A OD2 1 
ATOM   757  N  N   . ASP A 1 91  ? 2.062   5.886   5.870   1.00 12.46 ? 333 ASP A N   1 
ATOM   758  C  CA  . ASP A 1 91  ? 0.983   5.428   4.993   1.00 14.43 ? 333 ASP A CA  1 
ATOM   759  C  C   . ASP A 1 91  ? 0.379   6.620   4.251   1.00 13.46 ? 333 ASP A C   1 
ATOM   760  O  O   . ASP A 1 91  ? 0.066   6.535   3.058   1.00 14.46 ? 333 ASP A O   1 
ATOM   761  C  CB  . ASP A 1 91  ? -0.153  4.737   5.763   1.00 16.64 ? 333 ASP A CB  1 
ATOM   762  C  CG  . ASP A 1 91  ? 0.245   3.394   6.351   1.00 20.05 ? 333 ASP A CG  1 
ATOM   763  O  OD1 . ASP A 1 91  ? 1.185   2.756   5.837   1.00 20.60 ? 333 ASP A OD1 1 
ATOM   764  O  OD2 . ASP A 1 91  ? -0.412  2.967   7.327   1.00 24.29 ? 333 ASP A OD2 1 
ATOM   765  N  N   . ILE A 1 92  ? 0.181   7.719   4.972   1.00 10.84 ? 334 ILE A N   1 
ATOM   766  C  CA  . ILE A 1 92  ? -0.385  8.924   4.376   1.00 11.00 ? 334 ILE A CA  1 
ATOM   767  C  C   . ILE A 1 92  ? 0.535   9.420   3.263   1.00 12.16 ? 334 ILE A C   1 
ATOM   768  O  O   . ILE A 1 92  ? 0.070   9.792   2.177   1.00 12.32 ? 334 ILE A O   1 
ATOM   769  C  CB  . ILE A 1 92  ? -0.580  10.028  5.439   1.00 13.76 ? 334 ILE A CB  1 
ATOM   770  C  CG1 . ILE A 1 92  ? -1.680  9.597   6.410   1.00 11.23 ? 334 ILE A CG1 1 
ATOM   771  C  CG2 . ILE A 1 92  ? -1.004  11.341  4.779   1.00 13.49 ? 334 ILE A CG2 1 
ATOM   772  C  CD1 . ILE A 1 92  ? -1.865  10.562  7.591   1.00 14.79 ? 334 ILE A CD1 1 
ATOM   773  N  N   . LYS A 1 93  ? 1.837   9.433   3.534   1.00 11.61 ? 335 LYS A N   1 
ATOM   774  C  CA  . LYS A 1 93  ? 2.807   9.860   2.531   1.00 11.90 ? 335 LYS A CA  1 
ATOM   775  C  C   . LYS A 1 93  ? 2.797   8.916   1.334   1.00 13.77 ? 335 LYS A C   1 
ATOM   776  O  O   . LYS A 1 93  ? 2.779   9.355   0.179   1.00 14.58 ? 335 LYS A O   1 
ATOM   777  C  CB  . LYS A 1 93  ? 4.216   9.891   3.125   1.00 14.67 ? 335 LYS A CB  1 
ATOM   778  C  CG  . LYS A 1 93  ? 4.429   11.000  4.129   1.00 15.00 ? 335 LYS A CG  1 
ATOM   779  C  CD  . LYS A 1 93  ? 5.829   10.922  4.712   1.00 18.38 ? 335 LYS A CD  1 
ATOM   780  C  CE  . LYS A 1 93  ? 6.084   12.028  5.699   1.00 23.90 ? 335 LYS A CE  1 
ATOM   781  N  NZ  . LYS A 1 93  ? 7.443   11.902  6.297   1.00 28.35 ? 335 LYS A NZ  1 
ATOM   782  N  N   . ARG A 1 94  ? 2.805   7.618   1.622   1.00 12.45 ? 336 ARG A N   1 
ATOM   783  C  CA  . ARG A 1 94  ? 2.815   6.603   0.583   1.00 14.40 ? 336 ARG A CA  1 
ATOM   784  C  C   . ARG A 1 94  ? 1.599   6.728   -0.325  1.00 14.05 ? 336 ARG A C   1 
ATOM   785  O  O   . ARG A 1 94  ? 1.721   6.689   -1.556  1.00 13.32 ? 336 ARG A O   1 
ATOM   786  C  CB  . ARG A 1 94  ? 2.846   5.206   1.211   1.00 16.83 ? 336 ARG A CB  1 
ATOM   787  C  CG  . ARG A 1 94  ? 3.252   4.111   0.243   1.00 22.13 ? 336 ARG A CG  1 
ATOM   788  C  CD  . ARG A 1 94  ? 3.341   2.741   0.909   1.00 22.18 ? 336 ARG A CD  1 
ATOM   789  N  NE  . ARG A 1 94  ? 4.264   2.708   2.039   1.00 23.96 ? 336 ARG A NE  1 
ATOM   790  C  CZ  . ARG A 1 94  ? 3.888   2.774   3.313   1.00 22.54 ? 336 ARG A CZ  1 
ATOM   791  N  NH1 . ARG A 1 94  ? 2.604   2.878   3.619   1.00 21.59 ? 336 ARG A NH1 1 
ATOM   792  N  NH2 . ARG A 1 94  ? 4.795   2.715   4.284   1.00 24.00 ? 336 ARG A NH2 1 
ATOM   793  N  N   . ASP A 1 95  ? 0.418   6.873   0.267   1.00 11.91 ? 337 ASP A N   1 
ATOM   794  C  CA  . ASP A 1 95  ? -0.778  6.989   -0.552  1.00 11.68 ? 337 ASP A CA  1 
ATOM   795  C  C   . ASP A 1 95  ? -0.760  8.249   -1.417  1.00 12.02 ? 337 ASP A C   1 
ATOM   796  O  O   . ASP A 1 95  ? -1.222  8.223   -2.555  1.00 13.64 ? 337 ASP A O   1 
ATOM   797  C  CB  . ASP A 1 95  ? -2.039  6.915   0.312   1.00 13.36 ? 337 ASP A CB  1 
ATOM   798  C  CG  . ASP A 1 95  ? -2.259  5.525   0.891   1.00 15.30 ? 337 ASP A CG  1 
ATOM   799  O  OD1 . ASP A 1 95  ? -1.592  4.577   0.426   1.00 16.39 ? 337 ASP A OD1 1 
ATOM   800  O  OD2 . ASP A 1 95  ? -3.105  5.375   1.804   1.00 15.83 ? 337 ASP A OD2 1 
ATOM   801  N  N   . ARG A 1 96  ? -0.224  9.349   -0.894  1.00 10.84 ? 338 ARG A N   1 
ATOM   802  C  CA  . ARG A 1 96  ? -0.141  10.571  -1.686  1.00 11.21 ? 338 ARG A CA  1 
ATOM   803  C  C   . ARG A 1 96  ? 0.803   10.343  -2.878  1.00 13.06 ? 338 ARG A C   1 
ATOM   804  O  O   . ARG A 1 96  ? 0.481   10.712  -4.018  1.00 13.20 ? 338 ARG A O   1 
ATOM   805  C  CB  . ARG A 1 96  ? 0.376   11.731  -0.833  1.00 12.02 ? 338 ARG A CB  1 
ATOM   806  C  CG  . ARG A 1 96  ? 0.723   12.985  -1.639  1.00 15.86 ? 338 ARG A CG  1 
ATOM   807  C  CD  . ARG A 1 96  ? -0.477  13.580  -2.349  1.00 20.37 ? 338 ARG A CD  1 
ATOM   808  N  NE  . ARG A 1 96  ? -0.098  14.842  -2.991  1.00 23.05 ? 338 ARG A NE  1 
ATOM   809  C  CZ  . ARG A 1 96  ? -0.809  15.466  -3.926  1.00 28.17 ? 338 ARG A CZ  1 
ATOM   810  N  NH1 . ARG A 1 96  ? -1.959  14.952  -4.349  1.00 31.75 ? 338 ARG A NH1 1 
ATOM   811  N  NH2 . ARG A 1 96  ? -0.363  16.600  -4.446  1.00 29.15 ? 338 ARG A NH2 1 
ATOM   812  N  N   . VAL A 1 97  ? 1.960   9.735   -2.623  1.00 12.45 ? 339 VAL A N   1 
ATOM   813  C  CA  . VAL A 1 97  ? 2.932   9.470   -3.691  1.00 13.53 ? 339 VAL A CA  1 
ATOM   814  C  C   . VAL A 1 97  ? 2.327   8.580   -4.777  1.00 13.94 ? 339 VAL A C   1 
ATOM   815  O  O   . VAL A 1 97  ? 2.492   8.838   -5.976  1.00 13.63 ? 339 VAL A O   1 
ATOM   816  C  CB  . VAL A 1 97  ? 4.212   8.784   -3.144  1.00 16.25 ? 339 VAL A CB  1 
ATOM   817  C  CG1 . VAL A 1 97  ? 5.160   8.445   -4.298  1.00 22.77 ? 339 VAL A CG1 1 
ATOM   818  C  CG2 . VAL A 1 97  ? 4.900   9.699   -2.158  1.00 21.36 ? 339 VAL A CG2 1 
ATOM   819  N  N   . ILE A 1 98  ? 1.617   7.538   -4.358  1.00 11.51 ? 340 ILE A N   1 
ATOM   820  C  CA  . ILE A 1 98  ? 1.002   6.609   -5.304  1.00 12.80 ? 340 ILE A CA  1 
ATOM   821  C  C   . ILE A 1 98  ? -0.064  7.303   -6.137  1.00 12.98 ? 340 ILE A C   1 
ATOM   822  O  O   . ILE A 1 98  ? -0.125  7.134   -7.368  1.00 12.46 ? 340 ILE A O   1 
ATOM   823  C  CB  . ILE A 1 98  ? 0.400   5.389   -4.560  1.00 13.63 ? 340 ILE A CB  1 
ATOM   824  C  CG1 . ILE A 1 98  ? 1.543   4.536   -4.003  1.00 16.73 ? 340 ILE A CG1 1 
ATOM   825  C  CG2 . ILE A 1 98  ? -0.472  4.558   -5.498  1.00 15.88 ? 340 ILE A CG2 1 
ATOM   826  C  CD1 . ILE A 1 98  ? 1.141   3.576   -2.913  1.00 19.59 ? 340 ILE A CD1 1 
ATOM   827  N  N   . GLU A 1 99  ? -0.891  8.102   -5.474  1.00 11.63 ? 341 GLU A N   1 
ATOM   828  C  CA  . GLU A 1 99  ? -1.957  8.820   -6.170  1.00 13.24 ? 341 GLU A CA  1 
ATOM   829  C  C   . GLU A 1 99  ? -1.369  9.794   -7.194  1.00 14.79 ? 341 GLU A C   1 
ATOM   830  O  O   . GLU A 1 99  ? -1.835  9.863   -8.339  1.00 14.28 ? 341 GLU A O   1 
ATOM   831  C  CB  . GLU A 1 99  ? -2.844  9.563   -5.163  1.00 16.13 ? 341 GLU A CB  1 
ATOM   832  C  CG  . GLU A 1 99  ? -4.146  10.048  -5.769  1.00 21.04 ? 341 GLU A CG  1 
ATOM   833  C  CD  . GLU A 1 99  ? -5.177  10.423  -4.716  1.00 20.97 ? 341 GLU A CD  1 
ATOM   834  O  OE1 . GLU A 1 99  ? -5.795  9.511   -4.113  1.00 20.60 ? 341 GLU A OE1 1 
ATOM   835  O  OE2 . GLU A 1 99  ? -5.359  11.632  -4.492  1.00 20.14 ? 341 GLU A OE2 1 
ATOM   836  N  N   . VAL A 1 100 ? -0.332  10.522  -6.792  1.00 13.53 ? 342 VAL A N   1 
ATOM   837  C  CA  . VAL A 1 100 ? 0.312   11.473  -7.693  1.00 15.03 ? 342 VAL A CA  1 
ATOM   838  C  C   . VAL A 1 100 ? 0.976   10.757  -8.863  1.00 14.51 ? 342 VAL A C   1 
ATOM   839  O  O   . VAL A 1 100 ? 0.891   11.229  -9.996  1.00 16.25 ? 342 VAL A O   1 
ATOM   840  C  CB  . VAL A 1 100 ? 1.364   12.332  -6.964  1.00 14.94 ? 342 VAL A CB  1 
ATOM   841  C  CG1 . VAL A 1 100 ? 2.174   13.147  -7.978  1.00 17.40 ? 342 VAL A CG1 1 
ATOM   842  C  CG2 . VAL A 1 100 ? 0.667   13.286  -6.004  1.00 16.78 ? 342 VAL A CG2 1 
ATOM   843  N  N   . LEU A 1 101 ? 1.640   9.634   -8.606  1.00 11.63 ? 343 LEU A N   1 
ATOM   844  C  CA  . LEU A 1 101 ? 2.279   8.921   -9.711  1.00 13.93 ? 343 LEU A CA  1 
ATOM   845  C  C   . LEU A 1 101 ? 1.220   8.403   -10.677 1.00 14.20 ? 343 LEU A C   1 
ATOM   846  O  O   . LEU A 1 101 ? 1.436   8.393   -11.892 1.00 15.76 ? 343 LEU A O   1 
ATOM   847  C  CB  . LEU A 1 101 ? 3.149   7.764   -9.200  1.00 14.57 ? 343 LEU A CB  1 
ATOM   848  C  CG  . LEU A 1 101 ? 4.422   8.240   -8.488  1.00 17.68 ? 343 LEU A CG  1 
ATOM   849  C  CD1 . LEU A 1 101 ? 5.115   7.076   -7.795  1.00 19.83 ? 343 LEU A CD1 1 
ATOM   850  C  CD2 . LEU A 1 101 ? 5.355   8.893   -9.508  1.00 21.02 ? 343 LEU A CD2 1 
ATOM   851  N  N   . ALA A 1 102 ? 0.066   7.991   -10.160 1.00 12.89 ? 344 ALA A N   1 
ATOM   852  C  CA  . ALA A 1 102 ? -0.981  7.496   -11.050 1.00 14.44 ? 344 ALA A CA  1 
ATOM   853  C  C   . ALA A 1 102 ? -1.429  8.636   -11.954 1.00 15.36 ? 344 ALA A C   1 
ATOM   854  O  O   . ALA A 1 102 ? -1.627  8.443   -13.154 1.00 16.65 ? 344 ALA A O   1 
ATOM   855  C  CB  . ALA A 1 102 ? -2.163  6.953   -10.252 1.00 14.70 ? 344 ALA A CB  1 
ATOM   856  N  N   . GLN A 1 103 ? -1.578  9.829   -11.389 1.00 15.09 ? 345 GLN A N   1 
ATOM   857  C  CA  . GLN A 1 103 ? -1.995  10.972  -12.196 1.00 16.75 ? 345 GLN A CA  1 
ATOM   858  C  C   . GLN A 1 103 ? -0.903  11.342  -13.194 1.00 18.19 ? 345 GLN A C   1 
ATOM   859  O  O   . GLN A 1 103 ? -1.191  11.616  -14.360 1.00 18.64 ? 345 GLN A O   1 
ATOM   860  C  CB  . GLN A 1 103 ? -2.313  12.172  -11.300 1.00 17.35 ? 345 GLN A CB  1 
ATOM   861  C  CG  . GLN A 1 103 ? -3.369  11.865  -10.262 1.00 20.81 ? 345 GLN A CG  1 
ATOM   862  C  CD  . GLN A 1 103 ? -3.513  12.958  -9.233  1.00 18.73 ? 345 GLN A CD  1 
ATOM   863  O  OE1 . GLN A 1 103 ? -2.614  13.771  -9.048  1.00 21.35 ? 345 GLN A OE1 1 
ATOM   864  N  NE2 . GLN A 1 103 ? -4.646  12.971  -8.538  1.00 22.21 ? 345 GLN A NE2 1 
ATOM   865  N  N   . GLU A 1 104 ? 0.351   11.340  -12.757 1.00 14.19 ? 346 GLU A N   1 
ATOM   866  C  CA  . GLU A 1 104 ? 1.437   11.693  -13.662 1.00 17.11 ? 346 GLU A CA  1 
ATOM   867  C  C   . GLU A 1 104 ? 1.623   10.686  -14.786 1.00 17.94 ? 346 GLU A C   1 
ATOM   868  O  O   . GLU A 1 104 ? 2.042   11.051  -15.885 1.00 18.19 ? 346 GLU A O   1 
ATOM   869  C  CB  . GLU A 1 104 ? 2.748   11.855  -12.896 1.00 17.93 ? 346 GLU A CB  1 
ATOM   870  C  CG  . GLU A 1 104 ? 2.722   13.018  -11.927 1.00 20.69 ? 346 GLU A CG  1 
ATOM   871  C  CD  . GLU A 1 104 ? 4.036   13.214  -11.217 1.00 25.05 ? 346 GLU A CD  1 
ATOM   872  O  OE1 . GLU A 1 104 ? 4.820   12.249  -11.130 1.00 26.93 ? 346 GLU A OE1 1 
ATOM   873  O  OE2 . GLU A 1 104 ? 4.275   14.338  -10.734 1.00 28.99 ? 346 GLU A OE2 1 
ATOM   874  N  N   . LYS A 1 105 ? 1.305   9.425   -14.517 1.00 16.50 ? 347 LYS A N   1 
ATOM   875  C  CA  . LYS A 1 105 ? 1.455   8.372   -15.517 1.00 18.22 ? 347 LYS A CA  1 
ATOM   876  C  C   . LYS A 1 105 ? 0.213   8.098   -16.354 1.00 17.12 ? 347 LYS A C   1 
ATOM   877  O  O   . LYS A 1 105 ? 0.253   7.270   -17.269 1.00 18.94 ? 347 LYS A O   1 
ATOM   878  C  CB  . LYS A 1 105 ? 1.894   7.077   -14.837 1.00 18.75 ? 347 LYS A CB  1 
ATOM   879  C  CG  . LYS A 1 105 ? 3.309   7.134   -14.303 1.00 20.23 ? 347 LYS A CG  1 
ATOM   880  C  CD  . LYS A 1 105 ? 3.697   5.812   -13.690 1.00 22.22 ? 347 LYS A CD  1 
ATOM   881  C  CE  . LYS A 1 105 ? 5.200   5.706   -13.580 1.00 23.48 ? 347 LYS A CE  1 
ATOM   882  N  NZ  . LYS A 1 105 ? 5.818   5.831   -14.933 1.00 24.70 ? 347 LYS A NZ  1 
ATOM   883  N  N   . GLY A 1 106 ? -0.883  8.780   -16.044 1.00 17.67 ? 348 GLY A N   1 
ATOM   884  C  CA  . GLY A 1 106 ? -2.114  8.580   -16.794 1.00 19.86 ? 348 GLY A CA  1 
ATOM   885  C  C   . GLY A 1 106 ? -2.765  7.237   -16.520 1.00 21.05 ? 348 GLY A C   1 
ATOM   886  O  O   . GLY A 1 106 ? -3.426  6.668   -17.386 1.00 21.26 ? 348 GLY A O   1 
ATOM   887  N  N   . ILE A 1 107 ? -2.587  6.730   -15.304 1.00 18.31 ? 349 ILE A N   1 
ATOM   888  C  CA  . ILE A 1 107 ? -3.151  5.446   -14.910 1.00 19.31 ? 349 ILE A CA  1 
ATOM   889  C  C   . ILE A 1 107 ? -4.486  5.647   -14.195 1.00 19.62 ? 349 ILE A C   1 
ATOM   890  O  O   . ILE A 1 107 ? -4.631  6.561   -13.377 1.00 18.58 ? 349 ILE A O   1 
ATOM   891  C  CB  . ILE A 1 107 ? -2.184  4.692   -13.969 1.00 19.87 ? 349 ILE A CB  1 
ATOM   892  C  CG1 . ILE A 1 107 ? -0.812  4.557   -14.636 1.00 21.48 ? 349 ILE A CG1 1 
ATOM   893  C  CG2 . ILE A 1 107 ? -2.756  3.316   -13.617 1.00 20.18 ? 349 ILE A CG2 1 
ATOM   894  C  CD1 . ILE A 1 107 ? -0.862  3.908   -16.012 1.00 21.72 ? 349 ILE A CD1 1 
ATOM   895  N  N   . SER A 1 108 ? -5.452  4.786   -14.507 1.00 18.17 ? 350 SER A N   1 
ATOM   896  C  CA  . SER A 1 108 ? -6.783  4.856   -13.908 1.00 20.06 ? 350 SER A CA  1 
ATOM   897  C  C   . SER A 1 108 ? -7.367  3.448   -13.802 1.00 19.42 ? 350 SER A C   1 
ATOM   898  O  O   . SER A 1 108 ? -6.707  2.474   -14.154 1.00 20.58 ? 350 SER A O   1 
ATOM   899  C  CB  . SER A 1 108 ? -7.689  5.734   -14.774 1.00 22.89 ? 350 SER A CB  1 
ATOM   900  O  OG  . SER A 1 108 ? -8.903  6.039   -14.110 1.00 31.05 ? 350 SER A OG  1 
ATOM   901  N  N   . VAL A 1 109 ? -8.598  3.340   -13.310 1.00 20.25 ? 351 VAL A N   1 
ATOM   902  C  CA  . VAL A 1 109 ? -9.261  2.044   -13.182 1.00 19.47 ? 351 VAL A CA  1 
ATOM   903  C  C   . VAL A 1 109 ? -10.686 2.136   -13.727 1.00 20.94 ? 351 VAL A C   1 
ATOM   904  O  O   . VAL A 1 109 ? -11.421 3.058   -13.381 1.00 22.56 ? 351 VAL A O   1 
ATOM   905  C  CB  . VAL A 1 109 ? -9.335  1.580   -11.703 1.00 18.00 ? 351 VAL A CB  1 
ATOM   906  C  CG1 . VAL A 1 109 ? -10.023 0.220   -11.614 1.00 19.76 ? 351 VAL A CG1 1 
ATOM   907  C  CG2 . VAL A 1 109 ? -7.936  1.496   -11.108 1.00 20.74 ? 351 VAL A CG2 1 
ATOM   908  N  N   . ASN A 1 110 ? -11.078 1.196   -14.583 1.00 22.40 ? 352 ASN A N   1 
ATOM   909  C  CA  . ASN A 1 110 ? -12.438 1.222   -15.125 1.00 22.55 ? 352 ASN A CA  1 
ATOM   910  C  C   . ASN A 1 110 ? -13.314 0.125   -14.516 1.00 25.36 ? 352 ASN A C   1 
ATOM   911  O  O   . ASN A 1 110 ? -12.840 -0.690  -13.726 1.00 22.18 ? 352 ASN A O   1 
ATOM   912  C  CB  . ASN A 1 110 ? -12.422 1.108   -16.659 1.00 25.15 ? 352 ASN A CB  1 
ATOM   913  C  CG  . ASN A 1 110 ? -11.704 -0.133  -17.150 1.00 23.53 ? 352 ASN A CG  1 
ATOM   914  O  OD1 . ASN A 1 110 ? -11.933 -1.231  -16.654 1.00 26.96 ? 352 ASN A OD1 1 
ATOM   915  N  ND2 . ASN A 1 110 ? -10.840 0.037   -18.143 1.00 24.80 ? 352 ASN A ND2 1 
ATOM   916  N  N   . ASP A 1 111 ? -14.594 0.110   -14.881 1.00 24.02 ? 353 ASP A N   1 
ATOM   917  C  CA  . ASP A 1 111 ? -15.530 -0.876  -14.347 1.00 27.04 ? 353 ASP A CA  1 
ATOM   918  C  C   . ASP A 1 111 ? -15.175 -2.292  -14.760 1.00 25.33 ? 353 ASP A C   1 
ATOM   919  O  O   . ASP A 1 111 ? -15.414 -3.247  -14.022 1.00 25.55 ? 353 ASP A O   1 
ATOM   920  C  CB  . ASP A 1 111 ? -16.958 -0.560  -14.798 1.00 29.90 ? 353 ASP A CB  1 
ATOM   921  C  CG  . ASP A 1 111 ? -17.449 0.767   -14.270 1.00 33.71 ? 353 ASP A CG  1 
ATOM   922  O  OD1 . ASP A 1 111 ? -17.190 1.057   -13.083 1.00 34.28 ? 353 ASP A OD1 1 
ATOM   923  O  OD2 . ASP A 1 111 ? -18.100 1.512   -15.035 1.00 38.18 ? 353 ASP A OD2 1 
ATOM   924  N  N   . GLU A 1 112 ? -14.603 -2.417  -15.948 1.00 27.60 ? 354 GLU A N   1 
ATOM   925  C  CA  . GLU A 1 112 ? -14.204 -3.710  -16.470 1.00 28.22 ? 354 GLU A CA  1 
ATOM   926  C  C   . GLU A 1 112 ? -13.148 -4.299  -15.535 1.00 26.55 ? 354 GLU A C   1 
ATOM   927  O  O   . GLU A 1 112 ? -13.187 -5.482  -15.192 1.00 24.13 ? 354 GLU A O   1 
ATOM   928  C  CB  . GLU A 1 112 ? -13.641 -3.530  -17.879 1.00 33.85 ? 354 GLU A CB  1 
ATOM   929  C  CG  . GLU A 1 112 ? -13.627 -4.784  -18.722 1.00 41.05 ? 354 GLU A CG  1 
ATOM   930  C  CD  . GLU A 1 112 ? -12.687 -5.833  -18.183 1.00 44.37 ? 354 GLU A CD  1 
ATOM   931  O  OE1 . GLU A 1 112 ? -11.471 -5.549  -18.095 1.00 47.77 ? 354 GLU A OE1 1 
ATOM   932  O  OE2 . GLU A 1 112 ? -13.164 -6.939  -17.845 1.00 48.08 ? 354 GLU A OE2 1 
ATOM   933  N  N   . GLU A 1 113 ? -12.210 -3.459  -15.112 1.00 23.89 ? 355 GLU A N   1 
ATOM   934  C  CA  . GLU A 1 113 ? -11.150 -3.902  -14.217 1.00 21.54 ? 355 GLU A CA  1 
ATOM   935  C  C   . GLU A 1 113 ? -11.697 -4.217  -12.832 1.00 20.39 ? 355 GLU A C   1 
ATOM   936  O  O   . GLU A 1 113 ? -11.257 -5.167  -12.192 1.00 21.61 ? 355 GLU A O   1 
ATOM   937  C  CB  . GLU A 1 113 ? -10.064 -2.833  -14.121 1.00 21.23 ? 355 GLU A CB  1 
ATOM   938  C  CG  . GLU A 1 113 ? -9.306  -2.637  -15.416 1.00 22.24 ? 355 GLU A CG  1 
ATOM   939  C  CD  . GLU A 1 113 ? -8.283  -1.538  -15.321 1.00 23.38 ? 355 GLU A CD  1 
ATOM   940  O  OE1 . GLU A 1 113 ? -8.689  -0.363  -15.212 1.00 23.57 ? 355 GLU A OE1 1 
ATOM   941  O  OE2 . GLU A 1 113 ? -7.072  -1.848  -15.347 1.00 27.74 ? 355 GLU A OE2 1 
ATOM   942  N  N   . LEU A 1 114 ? -12.654 -3.415  -12.376 1.00 20.26 ? 356 LEU A N   1 
ATOM   943  C  CA  . LEU A 1 114 ? -13.270 -3.630  -11.075 1.00 20.99 ? 356 LEU A CA  1 
ATOM   944  C  C   . LEU A 1 114 ? -14.004 -4.965  -11.093 1.00 22.18 ? 356 LEU A C   1 
ATOM   945  O  O   . LEU A 1 114 ? -13.912 -5.755  -10.155 1.00 21.44 ? 356 LEU A O   1 
ATOM   946  C  CB  . LEU A 1 114 ? -14.258 -2.503  -10.755 1.00 21.73 ? 356 LEU A CB  1 
ATOM   947  C  CG  . LEU A 1 114 ? -13.680 -1.132  -10.394 1.00 23.92 ? 356 LEU A CG  1 
ATOM   948  C  CD1 . LEU A 1 114 ? -14.808 -0.111  -10.264 1.00 24.64 ? 356 LEU A CD1 1 
ATOM   949  C  CD2 . LEU A 1 114 ? -12.913 -1.241  -9.078  1.00 22.69 ? 356 LEU A CD2 1 
ATOM   950  N  N   . GLU A 1 115 ? -14.734 -5.211  -12.175 1.00 22.33 ? 357 GLU A N   1 
ATOM   951  C  CA  . GLU A 1 115 ? -15.484 -6.449  -12.319 1.00 23.98 ? 357 GLU A CA  1 
ATOM   952  C  C   . GLU A 1 115 ? -14.569 -7.667  -12.320 1.00 22.93 ? 357 GLU A C   1 
ATOM   953  O  O   . GLU A 1 115 ? -14.857 -8.659  -11.655 1.00 24.29 ? 357 GLU A O   1 
ATOM   954  C  CB  . GLU A 1 115 ? -16.305 -6.409  -13.605 1.00 27.62 ? 357 GLU A CB  1 
ATOM   955  C  CG  . GLU A 1 115 ? -17.548 -5.550  -13.503 1.00 32.47 ? 357 GLU A CG  1 
ATOM   956  C  CD  . GLU A 1 115 ? -18.182 -5.300  -14.851 1.00 36.64 ? 357 GLU A CD  1 
ATOM   957  O  OE1 . GLU A 1 115 ? -18.175 -6.228  -15.687 1.00 38.01 ? 357 GLU A OE1 1 
ATOM   958  O  OE2 . GLU A 1 115 ? -18.694 -4.182  -15.072 1.00 39.25 ? 357 GLU A OE2 1 
ATOM   959  N  N   . LYS A 1 116 ? -13.472 -7.592  -13.068 1.00 24.52 ? 358 LYS A N   1 
ATOM   960  C  CA  . LYS A 1 116 ? -12.518 -8.699  -13.135 1.00 25.64 ? 358 LYS A CA  1 
ATOM   961  C  C   . LYS A 1 116 ? -11.916 -8.997  -11.768 1.00 23.87 ? 358 LYS A C   1 
ATOM   962  O  O   . LYS A 1 116 ? -11.775 -10.157 -11.376 1.00 24.55 ? 358 LYS A O   1 
ATOM   963  C  CB  . LYS A 1 116 ? -11.378 -8.383  -14.107 1.00 28.60 ? 358 LYS A CB  1 
ATOM   964  C  CG  . LYS A 1 116 ? -11.725 -8.505  -15.582 1.00 36.25 ? 358 LYS A CG  1 
ATOM   965  C  CD  . LYS A 1 116 ? -10.460 -8.366  -16.429 1.00 39.45 ? 358 LYS A CD  1 
ATOM   966  C  CE  . LYS A 1 116 ? -10.724 -8.596  -17.909 1.00 40.39 ? 358 LYS A CE  1 
ATOM   967  N  NZ  . LYS A 1 116 ? -9.466  -8.507  -18.707 1.00 42.29 ? 358 LYS A NZ  1 
ATOM   968  N  N   . GLU A 1 117 ? -11.556 -7.947  -11.042 1.00 22.32 ? 359 GLU A N   1 
ATOM   969  C  CA  . GLU A 1 117 ? -10.963 -8.131  -9.729  1.00 21.75 ? 359 GLU A CA  1 
ATOM   970  C  C   . GLU A 1 117 ? -11.969 -8.748  -8.764  1.00 20.50 ? 359 GLU A C   1 
ATOM   971  O  O   . GLU A 1 117 ? -11.624 -9.607  -7.958  1.00 19.00 ? 359 GLU A O   1 
ATOM   972  C  CB  . GLU A 1 117 ? -10.473 -6.795  -9.172  1.00 23.51 ? 359 GLU A CB  1 
ATOM   973  C  CG  . GLU A 1 117 ? -9.411  -6.961  -8.114  1.00 29.82 ? 359 GLU A CG  1 
ATOM   974  C  CD  . GLU A 1 117 ? -8.129  -7.510  -8.698  1.00 32.09 ? 359 GLU A CD  1 
ATOM   975  O  OE1 . GLU A 1 117 ? -7.456  -6.770  -9.444  1.00 37.04 ? 359 GLU A OE1 1 
ATOM   976  O  OE2 . GLU A 1 117 ? -7.803  -8.681  -8.426  1.00 33.31 ? 359 GLU A OE2 1 
ATOM   977  N  N   . ALA A 1 118 ? -13.220 -8.305  -8.840  1.00 19.72 ? 360 ALA A N   1 
ATOM   978  C  CA  . ALA A 1 118 ? -14.239 -8.849  -7.961  1.00 19.27 ? 360 ALA A CA  1 
ATOM   979  C  C   . ALA A 1 118 ? -14.399 -10.340 -8.240  1.00 18.90 ? 360 ALA A C   1 
ATOM   980  O  O   . ALA A 1 118 ? -14.587 -11.128 -7.320  1.00 17.63 ? 360 ALA A O   1 
ATOM   981  C  CB  . ALA A 1 118 ? -15.569 -8.122  -8.171  1.00 18.44 ? 360 ALA A CB  1 
ATOM   982  N  N   . GLU A 1 119 ? -14.320 -10.726 -9.510  1.00 21.01 ? 361 GLU A N   1 
ATOM   983  C  CA  . GLU A 1 119 ? -14.452 -12.135 -9.875  1.00 24.27 ? 361 GLU A CA  1 
ATOM   984  C  C   . GLU A 1 119 ? -13.330 -12.958 -9.252  1.00 22.51 ? 361 GLU A C   1 
ATOM   985  O  O   . GLU A 1 119 ? -13.558 -14.062 -8.752  1.00 23.27 ? 361 GLU A O   1 
ATOM   986  C  CB  . GLU A 1 119 ? -14.429 -12.300 -11.397 1.00 25.87 ? 361 GLU A CB  1 
ATOM   987  C  CG  . GLU A 1 119 ? -15.511 -11.513 -12.121 1.00 33.31 ? 361 GLU A CG  1 
ATOM   988  C  CD  . GLU A 1 119 ? -15.560 -11.803 -13.610 1.00 35.81 ? 361 GLU A CD  1 
ATOM   989  O  OE1 . GLU A 1 119 ? -14.487 -11.883 -14.242 1.00 38.10 ? 361 GLU A OE1 1 
ATOM   990  O  OE2 . GLU A 1 119 ? -16.678 -11.941 -14.152 1.00 39.43 ? 361 GLU A OE2 1 
ATOM   991  N  N   . GLU A 1 120 ? -12.116 -12.414 -9.266  1.00 22.15 ? 362 GLU A N   1 
ATOM   992  C  CA  . GLU A 1 120 ? -10.971 -13.119 -8.704  1.00 22.25 ? 362 GLU A CA  1 
ATOM   993  C  C   . GLU A 1 120 ? -11.022 -13.198 -7.184  1.00 20.58 ? 362 GLU A C   1 
ATOM   994  O  O   . GLU A 1 120 ? -10.541 -14.162 -6.594  1.00 20.85 ? 362 GLU A O   1 
ATOM   995  C  CB  . GLU A 1 120 ? -9.674  -12.441 -9.140  1.00 24.67 ? 362 GLU A CB  1 
ATOM   996  C  CG  . GLU A 1 120 ? -9.550  -12.316 -10.642 1.00 32.59 ? 362 GLU A CG  1 
ATOM   997  C  CD  . GLU A 1 120 ? -8.231  -11.717 -11.067 1.00 38.36 ? 362 GLU A CD  1 
ATOM   998  O  OE1 . GLU A 1 120 ? -7.926  -10.584 -10.634 1.00 43.29 ? 362 GLU A OE1 1 
ATOM   999  O  OE2 . GLU A 1 120 ? -7.499  -12.378 -11.836 1.00 41.96 ? 362 GLU A OE2 1 
ATOM   1000 N  N   . LEU A 1 121 ? -11.598 -12.184 -6.546  1.00 19.29 ? 363 LEU A N   1 
ATOM   1001 C  CA  . LEU A 1 121 ? -11.697 -12.185 -5.090  1.00 18.15 ? 363 LEU A CA  1 
ATOM   1002 C  C   . LEU A 1 121 ? -12.810 -13.083 -4.578  1.00 17.62 ? 363 LEU A C   1 
ATOM   1003 O  O   . LEU A 1 121 ? -12.749 -13.574 -3.453  1.00 17.41 ? 363 LEU A O   1 
ATOM   1004 C  CB  . LEU A 1 121 ? -11.943 -10.771 -4.570  1.00 16.92 ? 363 LEU A CB  1 
ATOM   1005 C  CG  . LEU A 1 121 ? -10.738 -9.829  -4.546  1.00 20.44 ? 363 LEU A CG  1 
ATOM   1006 C  CD1 . LEU A 1 121 ? -11.212 -8.405  -4.284  1.00 18.95 ? 363 LEU A CD1 1 
ATOM   1007 C  CD2 . LEU A 1 121 ? -9.762  -10.280 -3.473  1.00 22.80 ? 363 LEU A CD2 1 
ATOM   1008 N  N   . ALA A 1 122 ? -13.827 -13.295 -5.406  1.00 19.53 ? 364 ALA A N   1 
ATOM   1009 C  CA  . ALA A 1 122 ? -14.978 -14.101 -5.017  1.00 20.38 ? 364 ALA A CA  1 
ATOM   1010 C  C   . ALA A 1 122 ? -14.681 -15.376 -4.228  1.00 21.74 ? 364 ALA A C   1 
ATOM   1011 O  O   . ALA A 1 122 ? -15.201 -15.557 -3.124  1.00 22.83 ? 364 ALA A O   1 
ATOM   1012 C  CB  . ALA A 1 122 ? -15.811 -14.430 -6.246  1.00 21.43 ? 364 ALA A CB  1 
ATOM   1013 N  N   . PRO A 1 123 ? -13.844 -16.276 -4.779  1.00 22.47 ? 365 PRO A N   1 
ATOM   1014 C  CA  . PRO A 1 123 ? -13.521 -17.522 -4.077  1.00 23.01 ? 365 PRO A CA  1 
ATOM   1015 C  C   . PRO A 1 123 ? -12.916 -17.315 -2.695  1.00 22.24 ? 365 PRO A C   1 
ATOM   1016 O  O   . PRO A 1 123 ? -13.142 -18.110 -1.783  1.00 21.54 ? 365 PRO A O   1 
ATOM   1017 C  CB  . PRO A 1 123 ? -12.575 -18.230 -5.047  1.00 23.80 ? 365 PRO A CB  1 
ATOM   1018 C  CG  . PRO A 1 123 ? -11.934 -17.102 -5.784  1.00 25.00 ? 365 PRO A CG  1 
ATOM   1019 C  CD  . PRO A 1 123 ? -13.084 -16.173 -6.037  1.00 23.16 ? 365 PRO A CD  1 
ATOM   1020 N  N   . PHE A 1 124 ? -12.149 -16.244 -2.534  1.00 21.89 ? 366 PHE A N   1 
ATOM   1021 C  CA  . PHE A 1 124 ? -11.546 -15.965 -1.240  1.00 21.67 ? 366 PHE A CA  1 
ATOM   1022 C  C   . PHE A 1 124 ? -12.618 -15.468 -0.282  1.00 21.63 ? 366 PHE A C   1 
ATOM   1023 O  O   . PHE A 1 124 ? -12.579 -15.752 0.914   1.00 24.12 ? 366 PHE A O   1 
ATOM   1024 C  CB  . PHE A 1 124 ? -10.453 -14.909 -1.372  1.00 21.61 ? 366 PHE A CB  1 
ATOM   1025 C  CG  . PHE A 1 124 ? -9.269  -15.363 -2.164  1.00 21.12 ? 366 PHE A CG  1 
ATOM   1026 C  CD1 . PHE A 1 124 ? -9.203  -15.143 -3.535  1.00 21.76 ? 366 PHE A CD1 1 
ATOM   1027 C  CD2 . PHE A 1 124 ? -8.213  -16.015 -1.536  1.00 21.24 ? 366 PHE A CD2 1 
ATOM   1028 C  CE1 . PHE A 1 124 ? -8.100  -15.565 -4.271  1.00 23.92 ? 366 PHE A CE1 1 
ATOM   1029 C  CE2 . PHE A 1 124 ? -7.107  -16.442 -2.261  1.00 21.18 ? 366 PHE A CE2 1 
ATOM   1030 C  CZ  . PHE A 1 124 ? -7.049  -16.216 -3.630  1.00 21.98 ? 366 PHE A CZ  1 
ATOM   1031 N  N   . TRP A 1 125 ? -13.575 -14.721 -0.817  1.00 22.13 ? 367 TRP A N   1 
ATOM   1032 C  CA  . TRP A 1 125 ? -14.658 -14.189 -0.010  1.00 21.93 ? 367 TRP A CA  1 
ATOM   1033 C  C   . TRP A 1 125 ? -15.670 -15.287 0.307   1.00 24.31 ? 367 TRP A C   1 
ATOM   1034 O  O   . TRP A 1 125 ? -16.486 -15.144 1.215   1.00 25.32 ? 367 TRP A O   1 
ATOM   1035 C  CB  . TRP A 1 125 ? -15.347 -13.034 -0.747  1.00 20.97 ? 367 TRP A CB  1 
ATOM   1036 C  CG  . TRP A 1 125 ? -14.519 -11.775 -0.818  1.00 21.46 ? 367 TRP A CG  1 
ATOM   1037 C  CD1 . TRP A 1 125 ? -13.353 -11.516 -0.149  1.00 21.65 ? 367 TRP A CD1 1 
ATOM   1038 C  CD2 . TRP A 1 125 ? -14.833 -10.586 -1.550  1.00 22.03 ? 367 TRP A CD2 1 
ATOM   1039 N  NE1 . TRP A 1 125 ? -12.925 -10.236 -0.418  1.00 21.57 ? 367 TRP A NE1 1 
ATOM   1040 C  CE2 . TRP A 1 125 ? -13.817 -9.643  -1.275  1.00 21.81 ? 367 TRP A CE2 1 
ATOM   1041 C  CE3 . TRP A 1 125 ? -15.880 -10.222 -2.414  1.00 22.34 ? 367 TRP A CE3 1 
ATOM   1042 C  CZ2 . TRP A 1 125 ? -13.817 -8.361  -1.829  1.00 21.06 ? 367 TRP A CZ2 1 
ATOM   1043 C  CZ3 . TRP A 1 125 ? -15.880 -8.945  -2.965  1.00 24.40 ? 367 TRP A CZ3 1 
ATOM   1044 C  CH2 . TRP A 1 125 ? -14.853 -8.030  -2.669  1.00 22.53 ? 367 TRP A CH2 1 
ATOM   1045 N  N   . GLY A 1 126 ? -15.599 -16.383 -0.443  1.00 24.16 ? 368 GLY A N   1 
ATOM   1046 C  CA  . GLY A 1 126 ? -16.509 -17.492 -0.223  1.00 24.43 ? 368 GLY A CA  1 
ATOM   1047 C  C   . GLY A 1 126 ? -17.867 -17.261 -0.854  1.00 26.04 ? 368 GLY A C   1 
ATOM   1048 O  O   . GLY A 1 126 ? -18.880 -17.772 -0.373  1.00 27.06 ? 368 GLY A O   1 
ATOM   1049 N  N   . ILE A 1 127 ? -17.895 -16.482 -1.930  1.00 25.10 ? 369 ILE A N   1 
ATOM   1050 C  CA  . ILE A 1 127 ? -19.144 -16.198 -2.628  1.00 25.79 ? 369 ILE A CA  1 
ATOM   1051 C  C   . ILE A 1 127 ? -18.972 -16.333 -4.138  1.00 26.06 ? 369 ILE A C   1 
ATOM   1052 O  O   . ILE A 1 127 ? -17.853 -16.439 -4.642  1.00 27.03 ? 369 ILE A O   1 
ATOM   1053 C  CB  . ILE A 1 127 ? -19.674 -14.779 -2.293  1.00 24.36 ? 369 ILE A CB  1 
ATOM   1054 C  CG1 . ILE A 1 127 ? -18.658 -13.711 -2.709  1.00 23.72 ? 369 ILE A CG1 1 
ATOM   1055 C  CG2 . ILE A 1 127 ? -19.956 -14.676 -0.803  1.00 25.80 ? 369 ILE A CG2 1 
ATOM   1056 C  CD1 . ILE A 1 127 ? -19.136 -12.282 -2.484  1.00 22.01 ? 369 ILE A CD1 1 
ATOM   1057 N  N   . SER A 1 128 ? -20.083 -16.331 -4.863  1.00 26.92 ? 370 SER A N   1 
ATOM   1058 C  CA  . SER A 1 128 ? -20.018 -16.466 -6.311  1.00 26.50 ? 370 SER A CA  1 
ATOM   1059 C  C   . SER A 1 128 ? -19.496 -15.190 -6.955  1.00 27.84 ? 370 SER A C   1 
ATOM   1060 O  O   . SER A 1 128 ? -19.576 -14.107 -6.371  1.00 26.23 ? 370 SER A O   1 
ATOM   1061 C  CB  . SER A 1 128 ? -21.402 -16.770 -6.884  1.00 26.08 ? 370 SER A CB  1 
ATOM   1062 O  OG  . SER A 1 128 ? -22.166 -15.585 -6.989  1.00 28.03 ? 370 SER A OG  1 
ATOM   1063 N  N   . PRO A 1 129 ? -18.946 -15.306 -8.173  1.00 27.55 ? 371 PRO A N   1 
ATOM   1064 C  CA  . PRO A 1 129 ? -18.418 -14.147 -8.893  1.00 27.80 ? 371 PRO A CA  1 
ATOM   1065 C  C   . PRO A 1 129 ? -19.502 -13.098 -9.094  1.00 27.65 ? 371 PRO A C   1 
ATOM   1066 O  O   . PRO A 1 129 ? -19.248 -11.898 -8.994  1.00 26.39 ? 371 PRO A O   1 
ATOM   1067 C  CB  . PRO A 1 129 ? -17.951 -14.753 -10.211 1.00 28.00 ? 371 PRO A CB  1 
ATOM   1068 C  CG  . PRO A 1 129 ? -17.486 -16.104 -9.793  1.00 28.31 ? 371 PRO A CG  1 
ATOM   1069 C  CD  . PRO A 1 129 ? -18.595 -16.556 -8.872  1.00 29.57 ? 371 PRO A CD  1 
ATOM   1070 N  N   . ASP A 1 130 ? -20.719 -13.554 -9.367  1.00 27.62 ? 372 ASP A N   1 
ATOM   1071 C  CA  . ASP A 1 130 ? -21.819 -12.633 -9.587  1.00 27.78 ? 372 ASP A CA  1 
ATOM   1072 C  C   . ASP A 1 130 ? -22.181 -11.901 -8.305  1.00 25.49 ? 372 ASP A C   1 
ATOM   1073 O  O   . ASP A 1 130 ? -22.538 -10.723 -8.330  1.00 27.12 ? 372 ASP A O   1 
ATOM   1074 C  CB  . ASP A 1 130 ? -23.039 -13.375 -10.129 1.00 30.89 ? 372 ASP A CB  1 
ATOM   1075 C  CG  . ASP A 1 130 ? -24.096 -12.430 -10.643 1.00 34.58 ? 372 ASP A CG  1 
ATOM   1076 O  OD1 . ASP A 1 130 ? -24.809 -11.829 -9.812  1.00 40.61 ? 372 ASP A OD1 1 
ATOM   1077 O  OD2 . ASP A 1 130 ? -24.202 -12.266 -11.877 1.00 37.20 ? 372 ASP A OD2 1 
ATOM   1078 N  N   . ARG A 1 131 ? -22.079 -12.610 -7.185  1.00 24.96 ? 373 ARG A N   1 
ATOM   1079 C  CA  . ARG A 1 131 ? -22.374 -12.052 -5.873  1.00 25.80 ? 373 ARG A CA  1 
ATOM   1080 C  C   . ARG A 1 131 ? -21.334 -10.980 -5.555  1.00 24.86 ? 373 ARG A C   1 
ATOM   1081 O  O   . ARG A 1 131 ? -21.660 -9.904  -5.054  1.00 21.80 ? 373 ARG A O   1 
ATOM   1082 C  CB  . ARG A 1 131 ? -22.310 -13.154 -4.815  1.00 28.20 ? 373 ARG A CB  1 
ATOM   1083 C  CG  . ARG A 1 131 ? -22.772 -12.732 -3.439  1.00 31.61 ? 373 ARG A CG  1 
ATOM   1084 C  CD  . ARG A 1 131 ? -24.271 -12.566 -3.430  1.00 37.17 ? 373 ARG A CD  1 
ATOM   1085 N  NE  . ARG A 1 131 ? -24.794 -12.210 -2.117  1.00 40.04 ? 373 ARG A NE  1 
ATOM   1086 C  CZ  . ARG A 1 131 ? -26.090 -12.093 -1.851  1.00 41.69 ? 373 ARG A CZ  1 
ATOM   1087 N  NH1 . ARG A 1 131 ? -26.981 -12.308 -2.809  1.00 42.57 ? 373 ARG A NH1 1 
ATOM   1088 N  NH2 . ARG A 1 131 ? -26.497 -11.756 -0.635  1.00 41.60 ? 373 ARG A NH2 1 
ATOM   1089 N  N   . ALA A 1 132 ? -20.073 -11.288 -5.850  1.00 23.25 ? 374 ALA A N   1 
ATOM   1090 C  CA  . ALA A 1 132 ? -18.987 -10.352 -5.591  1.00 22.27 ? 374 ALA A CA  1 
ATOM   1091 C  C   . ALA A 1 132 ? -19.139 -9.086  -6.425  1.00 21.14 ? 374 ALA A C   1 
ATOM   1092 O  O   . ALA A 1 132 ? -18.989 -7.978  -5.910  1.00 21.36 ? 374 ALA A O   1 
ATOM   1093 C  CB  . ALA A 1 132 ? -17.637 -11.015 -5.876  1.00 19.39 ? 374 ALA A CB  1 
ATOM   1094 N  N   . LYS A 1 133 ? -19.434 -9.241  -7.714  1.00 21.90 ? 375 LYS A N   1 
ATOM   1095 C  CA  . LYS A 1 133 ? -19.601 -8.080  -8.579  1.00 23.88 ? 375 LYS A CA  1 
ATOM   1096 C  C   . LYS A 1 133 ? -20.787 -7.211  -8.165  1.00 24.38 ? 375 LYS A C   1 
ATOM   1097 O  O   . LYS A 1 133 ? -20.758 -5.992  -8.337  1.00 24.56 ? 375 LYS A O   1 
ATOM   1098 C  CB  . LYS A 1 133 ? -19.741 -8.520  -10.039 1.00 24.37 ? 375 LYS A CB  1 
ATOM   1099 C  CG  . LYS A 1 133 ? -18.418 -8.966  -10.647 1.00 29.05 ? 375 LYS A CG  1 
ATOM   1100 C  CD  . LYS A 1 133 ? -18.557 -9.368  -12.102 1.00 31.96 ? 375 LYS A CD  1 
ATOM   1101 C  CE  . LYS A 1 133 ? -19.353 -10.649 -12.244 1.00 34.71 ? 375 LYS A CE  1 
ATOM   1102 N  NZ  . LYS A 1 133 ? -19.432 -11.076 -13.665 1.00 36.94 ? 375 LYS A NZ  1 
ATOM   1103 N  N   . SER A 1 134 ? -21.822 -7.836  -7.611  1.00 25.40 ? 376 SER A N   1 
ATOM   1104 C  CA  . SER A 1 134 ? -23.002 -7.101  -7.164  1.00 25.72 ? 376 SER A CA  1 
ATOM   1105 C  C   . SER A 1 134 ? -22.695 -6.306  -5.901  1.00 24.86 ? 376 SER A C   1 
ATOM   1106 O  O   . SER A 1 134 ? -23.170 -5.182  -5.734  1.00 25.02 ? 376 SER A O   1 
ATOM   1107 C  CB  . SER A 1 134 ? -24.163 -8.061  -6.891  1.00 27.51 ? 376 SER A CB  1 
ATOM   1108 O  OG  . SER A 1 134 ? -24.598 -8.676  -8.085  1.00 31.69 ? 376 SER A OG  1 
ATOM   1109 N  N   . LEU A 1 135 ? -21.906 -6.898  -5.009  1.00 23.04 ? 377 LEU A N   1 
ATOM   1110 C  CA  . LEU A 1 135 ? -21.530 -6.229  -3.767  1.00 23.40 ? 377 LEU A CA  1 
ATOM   1111 C  C   . LEU A 1 135 ? -20.718 -4.981  -4.079  1.00 22.66 ? 377 LEU A C   1 
ATOM   1112 O  O   . LEU A 1 135 ? -20.922 -3.920  -3.482  1.00 22.04 ? 377 LEU A O   1 
ATOM   1113 C  CB  . LEU A 1 135 ? -20.710 -7.170  -2.875  1.00 26.03 ? 377 LEU A CB  1 
ATOM   1114 C  CG  . LEU A 1 135 ? -21.457 -7.981  -1.810  1.00 29.40 ? 377 LEU A CG  1 
ATOM   1115 C  CD1 . LEU A 1 135 ? -22.666 -8.670  -2.421  1.00 33.98 ? 377 LEU A CD1 1 
ATOM   1116 C  CD2 . LEU A 1 135 ? -20.509 -8.996  -1.188  1.00 32.36 ? 377 LEU A CD2 1 
ATOM   1117 N  N   . VAL A 1 136 ? -19.798 -5.107  -5.025  1.00 22.69 ? 378 VAL A N   1 
ATOM   1118 C  CA  . VAL A 1 136 ? -18.965 -3.978  -5.407  1.00 21.67 ? 378 VAL A CA  1 
ATOM   1119 C  C   . VAL A 1 136 ? -19.807 -2.880  -6.045  1.00 23.78 ? 378 VAL A C   1 
ATOM   1120 O  O   . VAL A 1 136 ? -19.582 -1.692  -5.811  1.00 23.36 ? 378 VAL A O   1 
ATOM   1121 C  CB  . VAL A 1 136 ? -17.864 -4.427  -6.385  1.00 23.35 ? 378 VAL A CB  1 
ATOM   1122 C  CG1 . VAL A 1 136 ? -17.048 -3.228  -6.848  1.00 22.80 ? 378 VAL A CG1 1 
ATOM   1123 C  CG2 . VAL A 1 136 ? -16.971 -5.451  -5.698  1.00 23.00 ? 378 VAL A CG2 1 
ATOM   1124 N  N   . LYS A 1 137 ? -20.785 -3.289  -6.845  1.00 23.60 ? 379 LYS A N   1 
ATOM   1125 C  CA  . LYS A 1 137 ? -21.663 -2.342  -7.516  1.00 26.23 ? 379 LYS A CA  1 
ATOM   1126 C  C   . LYS A 1 137 ? -22.609 -1.660  -6.525  1.00 25.55 ? 379 LYS A C   1 
ATOM   1127 O  O   . LYS A 1 137 ? -23.049 -0.535  -6.751  1.00 27.92 ? 379 LYS A O   1 
ATOM   1128 C  CB  . LYS A 1 137 ? -22.477 -3.070  -8.590  1.00 26.91 ? 379 LYS A CB  1 
ATOM   1129 C  CG  . LYS A 1 137 ? -23.433 -2.183  -9.366  1.00 33.06 ? 379 LYS A CG  1 
ATOM   1130 C  CD  . LYS A 1 137 ? -24.288 -3.016  -10.308 1.00 36.09 ? 379 LYS A CD  1 
ATOM   1131 C  CE  . LYS A 1 137 ? -25.322 -2.167  -11.027 1.00 40.42 ? 379 LYS A CE  1 
ATOM   1132 N  NZ  . LYS A 1 137 ? -24.694 -1.153  -11.919 1.00 40.80 ? 379 LYS A NZ  1 
ATOM   1133 N  N   . ALA A 1 138 ? -22.903 -2.337  -5.422  1.00 24.79 ? 380 ALA A N   1 
ATOM   1134 C  CA  . ALA A 1 138 ? -23.824 -1.808  -4.423  1.00 25.31 ? 380 ALA A CA  1 
ATOM   1135 C  C   . ALA A 1 138 ? -23.191 -1.021  -3.280  1.00 24.92 ? 380 ALA A C   1 
ATOM   1136 O  O   . ALA A 1 138 ? -23.831 -0.146  -2.704  1.00 25.89 ? 380 ALA A O   1 
ATOM   1137 C  CB  . ALA A 1 138 ? -24.650 -2.943  -3.848  1.00 25.05 ? 380 ALA A CB  1 
ATOM   1138 N  N   . ARG A 1 139 ? -21.941 -1.332  -2.955  1.00 24.19 ? 381 ARG A N   1 
ATOM   1139 C  CA  . ARG A 1 139 ? -21.254 -0.666  -1.851  1.00 22.91 ? 381 ARG A CA  1 
ATOM   1140 C  C   . ARG A 1 139 ? -20.123 0.259   -2.294  1.00 21.92 ? 381 ARG A C   1 
ATOM   1141 O  O   . ARG A 1 139 ? -19.064 -0.202  -2.733  1.00 21.68 ? 381 ARG A O   1 
ATOM   1142 C  CB  . ARG A 1 139 ? -20.701 -1.714  -0.888  1.00 23.89 ? 381 ARG A CB  1 
ATOM   1143 C  CG  . ARG A 1 139 ? -21.731 -2.723  -0.423  1.00 29.81 ? 381 ARG A CG  1 
ATOM   1144 C  CD  . ARG A 1 139 ? -21.145 -3.683  0.584   1.00 34.13 ? 381 ARG A CD  1 
ATOM   1145 N  NE  . ARG A 1 139 ? -22.133 -4.656  1.040   1.00 39.87 ? 381 ARG A NE  1 
ATOM   1146 C  CZ  . ARG A 1 139 ? -21.967 -5.462  2.086   1.00 41.92 ? 381 ARG A CZ  1 
ATOM   1147 N  NH1 . ARG A 1 139 ? -20.847 -5.415  2.795   1.00 43.24 ? 381 ARG A NH1 1 
ATOM   1148 N  NH2 . ARG A 1 139 ? -22.924 -6.317  2.423   1.00 43.58 ? 381 ARG A NH2 1 
ATOM   1149 N  N   . GLN A 1 140 ? -20.343 1.564   -2.154  1.00 21.30 ? 382 GLN A N   1 
ATOM   1150 C  CA  . GLN A 1 140 ? -19.339 2.549   -2.551  1.00 21.95 ? 382 GLN A CA  1 
ATOM   1151 C  C   . GLN A 1 140 ? -18.025 2.390   -1.793  1.00 21.91 ? 382 GLN A C   1 
ATOM   1152 O  O   . GLN A 1 140 ? -16.944 2.539   -2.376  1.00 21.56 ? 382 GLN A O   1 
ATOM   1153 C  CB  . GLN A 1 140 ? -19.865 3.976   -2.349  1.00 22.28 ? 382 GLN A CB  1 
ATOM   1154 C  CG  . GLN A 1 140 ? -18.994 5.033   -3.027  1.00 23.95 ? 382 GLN A CG  1 
ATOM   1155 C  CD  . GLN A 1 140 ? -19.443 6.455   -2.743  1.00 25.83 ? 382 GLN A CD  1 
ATOM   1156 O  OE1 . GLN A 1 140 ? -20.639 6.739   -2.657  1.00 25.14 ? 382 GLN A OE1 1 
ATOM   1157 N  NE2 . GLN A 1 140 ? -18.480 7.363   -2.614  1.00 24.47 ? 382 GLN A NE2 1 
ATOM   1158 N  N   . ASP A 1 141 ? -18.105 2.098   -0.497  1.00 21.94 ? 383 ASP A N   1 
ATOM   1159 C  CA  . ASP A 1 141 ? -16.888 1.944   0.293   1.00 21.37 ? 383 ASP A CA  1 
ATOM   1160 C  C   . ASP A 1 141 ? -16.030 0.814   -0.272  1.00 21.78 ? 383 ASP A C   1 
ATOM   1161 O  O   . ASP A 1 141 ? -14.838 0.995   -0.526  1.00 19.07 ? 383 ASP A O   1 
ATOM   1162 C  CB  . ASP A 1 141 ? -17.231 1.710   1.774   1.00 24.98 ? 383 ASP A CB  1 
ATOM   1163 C  CG  . ASP A 1 141 ? -18.062 0.458   2.007   1.00 27.25 ? 383 ASP A CG  1 
ATOM   1164 O  OD1 . ASP A 1 141 ? -18.863 0.083   1.132   1.00 27.96 ? 383 ASP A OD1 1 
ATOM   1165 O  OD2 . ASP A 1 141 ? -17.920 -0.139  3.090   1.00 30.86 ? 383 ASP A OD2 1 
ATOM   1166 N  N   . LEU A 1 142 ? -16.647 -0.341  -0.498  1.00 19.98 ? 384 LEU A N   1 
ATOM   1167 C  CA  . LEU A 1 142 ? -15.946 -1.493  -1.052  1.00 19.87 ? 384 LEU A CA  1 
ATOM   1168 C  C   . LEU A 1 142 ? -15.398 -1.179  -2.448  1.00 19.86 ? 384 LEU A C   1 
ATOM   1169 O  O   . LEU A 1 142 ? -14.268 -1.545  -2.787  1.00 20.24 ? 384 LEU A O   1 
ATOM   1170 C  CB  . LEU A 1 142 ? -16.904 -2.688  -1.123  1.00 19.63 ? 384 LEU A CB  1 
ATOM   1171 C  CG  . LEU A 1 142 ? -16.334 -3.970  -1.726  1.00 19.35 ? 384 LEU A CG  1 
ATOM   1172 C  CD1 . LEU A 1 142 ? -15.157 -4.441  -0.892  1.00 21.38 ? 384 LEU A CD1 1 
ATOM   1173 C  CD2 . LEU A 1 142 ? -17.420 -5.049  -1.767  1.00 21.63 ? 384 LEU A CD2 1 
ATOM   1174 N  N   . ARG A 1 143 ? -16.198 -0.489  -3.255  1.00 18.90 ? 385 ARG A N   1 
ATOM   1175 C  CA  . ARG A 1 143 ? -15.782 -0.131  -4.603  1.00 17.93 ? 385 ARG A CA  1 
ATOM   1176 C  C   . ARG A 1 143 ? -14.542 0.778   -4.579  1.00 18.40 ? 385 ARG A C   1 
ATOM   1177 O  O   . ARG A 1 143 ? -13.609 0.588   -5.364  1.00 17.94 ? 385 ARG A O   1 
ATOM   1178 C  CB  . ARG A 1 143 ? -16.939 0.549   -5.350  1.00 19.51 ? 385 ARG A CB  1 
ATOM   1179 C  CG  . ARG A 1 143 ? -16.667 0.777   -6.823  1.00 20.92 ? 385 ARG A CG  1 
ATOM   1180 C  CD  . ARG A 1 143 ? -17.949 1.043   -7.604  1.00 23.43 ? 385 ARG A CD  1 
ATOM   1181 N  NE  . ARG A 1 143 ? -18.653 2.236   -7.144  1.00 25.97 ? 385 ARG A NE  1 
ATOM   1182 C  CZ  . ARG A 1 143 ? -19.765 2.226   -6.415  1.00 26.42 ? 385 ARG A CZ  1 
ATOM   1183 N  NH1 . ARG A 1 143 ? -20.320 1.078   -6.050  1.00 26.99 ? 385 ARG A NH1 1 
ATOM   1184 N  NH2 . ARG A 1 143 ? -20.328 3.371   -6.050  1.00 28.73 ? 385 ARG A NH2 1 
ATOM   1185 N  N   . GLU A 1 144 ? -14.519 1.751   -3.672  1.00 16.58 ? 386 GLU A N   1 
ATOM   1186 C  CA  . GLU A 1 144 ? -13.368 2.655   -3.580  1.00 16.92 ? 386 GLU A CA  1 
ATOM   1187 C  C   . GLU A 1 144 ? -12.121 1.893   -3.144  1.00 14.92 ? 386 GLU A C   1 
ATOM   1188 O  O   . GLU A 1 144 ? -11.019 2.172   -3.620  1.00 15.36 ? 386 GLU A O   1 
ATOM   1189 C  CB  . GLU A 1 144 ? -13.643 3.793   -2.590  1.00 17.36 ? 386 GLU A CB  1 
ATOM   1190 C  CG  . GLU A 1 144 ? -14.722 4.750   -3.057  1.00 20.56 ? 386 GLU A CG  1 
ATOM   1191 C  CD  . GLU A 1 144 ? -15.060 5.818   -2.031  1.00 17.97 ? 386 GLU A CD  1 
ATOM   1192 O  OE1 . GLU A 1 144 ? -14.767 5.612   -0.834  1.00 20.92 ? 386 GLU A OE1 1 
ATOM   1193 O  OE2 . GLU A 1 144 ? -15.636 6.853   -2.428  1.00 22.97 ? 386 GLU A OE2 1 
ATOM   1194 N  N   . GLU A 1 145 ? -12.295 0.931   -2.244  1.00 16.73 ? 387 GLU A N   1 
ATOM   1195 C  CA  . GLU A 1 145 ? -11.165 0.136   -1.766  1.00 17.93 ? 387 GLU A CA  1 
ATOM   1196 C  C   . GLU A 1 145 ? -10.602 -0.734  -2.888  1.00 18.53 ? 387 GLU A C   1 
ATOM   1197 O  O   . GLU A 1 145 ? -9.385  -0.851  -3.047  1.00 18.17 ? 387 GLU A O   1 
ATOM   1198 C  CB  . GLU A 1 145 ? -11.592 -0.742  -0.581  1.00 19.92 ? 387 GLU A CB  1 
ATOM   1199 C  CG  . GLU A 1 145 ? -12.191 0.057   0.570   1.00 25.63 ? 387 GLU A CG  1 
ATOM   1200 C  CD  . GLU A 1 145 ? -12.781 -0.815  1.668   1.00 30.72 ? 387 GLU A CD  1 
ATOM   1201 O  OE1 . GLU A 1 145 ? -13.364 -1.875  1.352   1.00 30.98 ? 387 GLU A OE1 1 
ATOM   1202 O  OE2 . GLU A 1 145 ? -12.677 -0.424  2.849   1.00 33.88 ? 387 GLU A OE2 1 
ATOM   1203 N  N   . LEU A 1 146 ? -11.484 -1.334  -3.679  1.00 16.95 ? 388 LEU A N   1 
ATOM   1204 C  CA  . LEU A 1 146 ? -11.032 -2.182  -4.775  1.00 17.35 ? 388 LEU A CA  1 
ATOM   1205 C  C   . LEU A 1 146 ? -10.319 -1.340  -5.828  1.00 15.65 ? 388 LEU A C   1 
ATOM   1206 O  O   . LEU A 1 146 ? -9.250  -1.711  -6.314  1.00 16.05 ? 388 LEU A O   1 
ATOM   1207 C  CB  . LEU A 1 146 ? -12.219 -2.900  -5.417  1.00 18.36 ? 388 LEU A CB  1 
ATOM   1208 C  CG  . LEU A 1 146 ? -11.850 -3.933  -6.480  1.00 21.88 ? 388 LEU A CG  1 
ATOM   1209 C  CD1 . LEU A 1 146 ? -10.890 -4.962  -5.911  1.00 23.64 ? 388 LEU A CD1 1 
ATOM   1210 C  CD2 . LEU A 1 146 ? -13.126 -4.600  -6.980  1.00 24.66 ? 388 LEU A CD2 1 
ATOM   1211 N  N   . ARG A 1 147 ? -10.926 -0.210  -6.183  1.00 14.67 ? 389 ARG A N   1 
ATOM   1212 C  CA  . ARG A 1 147 ? -10.352 0.692   -7.174  1.00 15.27 ? 389 ARG A CA  1 
ATOM   1213 C  C   . ARG A 1 147 ? -8.938  1.090   -6.763  1.00 16.16 ? 389 ARG A C   1 
ATOM   1214 O  O   . ARG A 1 147 ? -8.008  1.034   -7.566  1.00 14.35 ? 389 ARG A O   1 
ATOM   1215 C  CB  . ARG A 1 147 ? -11.217 1.950   -7.313  1.00 19.28 ? 389 ARG A CB  1 
ATOM   1216 C  CG  . ARG A 1 147 ? -10.812 2.861   -8.465  1.00 25.18 ? 389 ARG A CG  1 
ATOM   1217 C  CD  . ARG A 1 147 ? -11.644 4.142   -8.475  1.00 30.26 ? 389 ARG A CD  1 
ATOM   1218 N  NE  . ARG A 1 147 ? -13.080 3.903   -8.624  1.00 35.37 ? 389 ARG A NE  1 
ATOM   1219 C  CZ  . ARG A 1 147 ? -13.678 3.571   -9.766  1.00 38.11 ? 389 ARG A CZ  1 
ATOM   1220 N  NH1 . ARG A 1 147 ? -12.965 3.432   -10.878 1.00 38.94 ? 389 ARG A NH1 1 
ATOM   1221 N  NH2 . ARG A 1 147 ? -14.995 3.394   -9.799  1.00 37.78 ? 389 ARG A NH2 1 
ATOM   1222 N  N   . TRP A 1 148 ? -8.774  1.479   -5.502  1.00 14.06 ? 390 TRP A N   1 
ATOM   1223 C  CA  . TRP A 1 148 ? -7.461  1.880   -5.016  1.00 14.61 ? 390 TRP A CA  1 
ATOM   1224 C  C   . TRP A 1 148 ? -6.477  0.721   -5.053  1.00 15.18 ? 390 TRP A C   1 
ATOM   1225 O  O   . TRP A 1 148 ? -5.326  0.890   -5.454  1.00 14.81 ? 390 TRP A O   1 
ATOM   1226 C  CB  . TRP A 1 148 ? -7.552  2.419   -3.593  1.00 15.31 ? 390 TRP A CB  1 
ATOM   1227 C  CG  . TRP A 1 148 ? -6.204  2.699   -3.003  1.00 16.37 ? 390 TRP A CG  1 
ATOM   1228 C  CD1 . TRP A 1 148 ? -5.563  1.974   -2.041  1.00 15.77 ? 390 TRP A CD1 1 
ATOM   1229 C  CD2 . TRP A 1 148 ? -5.334  3.785   -3.336  1.00 15.13 ? 390 TRP A CD2 1 
ATOM   1230 N  NE1 . TRP A 1 148 ? -4.347  2.543   -1.747  1.00 17.08 ? 390 TRP A NE1 1 
ATOM   1231 C  CE2 . TRP A 1 148 ? -4.180  3.658   -2.526  1.00 14.04 ? 390 TRP A CE2 1 
ATOM   1232 C  CE3 . TRP A 1 148 ? -5.418  4.856   -4.236  1.00 17.48 ? 390 TRP A CE3 1 
ATOM   1233 C  CZ2 . TRP A 1 148 ? -3.114  4.561   -2.590  1.00 17.35 ? 390 TRP A CZ2 1 
ATOM   1234 C  CZ3 . TRP A 1 148 ? -4.358  5.756   -4.299  1.00 19.11 ? 390 TRP A CZ3 1 
ATOM   1235 C  CH2 . TRP A 1 148 ? -3.219  5.600   -3.477  1.00 16.87 ? 390 TRP A CH2 1 
ATOM   1236 N  N   . ALA A 1 149 ? -6.919  -0.457  -4.620  1.00 12.16 ? 391 ALA A N   1 
ATOM   1237 C  CA  . ALA A 1 149 ? -6.040  -1.625  -4.630  1.00 13.66 ? 391 ALA A CA  1 
ATOM   1238 C  C   . ALA A 1 149 ? -5.506  -1.884  -6.032  1.00 13.78 ? 391 ALA A C   1 
ATOM   1239 O  O   . ALA A 1 149 ? -4.318  -2.151  -6.215  1.00 13.49 ? 391 ALA A O   1 
ATOM   1240 C  CB  . ALA A 1 149 ? -6.781  -2.851  -4.130  1.00 13.80 ? 391 ALA A CB  1 
ATOM   1241 N  N   . ILE A 1 150 ? -6.394  -1.819  -7.020  1.00 14.90 ? 392 ILE A N   1 
ATOM   1242 C  CA  . ILE A 1 150 ? -5.993  -2.047  -8.404  1.00 13.89 ? 392 ILE A CA  1 
ATOM   1243 C  C   . ILE A 1 150 ? -5.035  -0.964  -8.896  1.00 14.39 ? 392 ILE A C   1 
ATOM   1244 O  O   . ILE A 1 150 ? -4.002  -1.267  -9.501  1.00 14.27 ? 392 ILE A O   1 
ATOM   1245 C  CB  . ILE A 1 150 ? -7.215  -2.094  -9.342  1.00 15.15 ? 392 ILE A CB  1 
ATOM   1246 C  CG1 . ILE A 1 150 ? -8.127  -3.265  -8.945  1.00 15.06 ? 392 ILE A CG1 1 
ATOM   1247 C  CG2 . ILE A 1 150 ? -6.745  -2.239  -10.788 1.00 16.86 ? 392 ILE A CG2 1 
ATOM   1248 C  CD1 . ILE A 1 150 ? -9.476  -3.245  -9.651  1.00 17.16 ? 392 ILE A CD1 1 
ATOM   1249 N  N   . LEU A 1 151 ? -5.375  0.295   -8.626  1.00 14.18 ? 393 LEU A N   1 
ATOM   1250 C  CA  . LEU A 1 151 ? -4.554  1.428   -9.047  1.00 13.44 ? 393 LEU A CA  1 
ATOM   1251 C  C   . LEU A 1 151 ? -3.147  1.351   -8.466  1.00 14.55 ? 393 LEU A C   1 
ATOM   1252 O  O   . LEU A 1 151 ? -2.157  1.527   -9.179  1.00 14.44 ? 393 LEU A O   1 
ATOM   1253 C  CB  . LEU A 1 151 ? -5.210  2.744   -8.613  1.00 14.04 ? 393 LEU A CB  1 
ATOM   1254 C  CG  . LEU A 1 151 ? -4.547  4.027   -9.102  1.00 14.81 ? 393 LEU A CG  1 
ATOM   1255 C  CD1 . LEU A 1 151 ? -4.884  4.213   -10.589 1.00 19.63 ? 393 LEU A CD1 1 
ATOM   1256 C  CD2 . LEU A 1 151 ? -5.068  5.218   -8.316  1.00 16.15 ? 393 LEU A CD2 1 
ATOM   1257 N  N   . LYS A 1 152 ? -3.070  1.101   -7.163  1.00 12.44 ? 394 LYS A N   1 
ATOM   1258 C  CA  . LYS A 1 152 ? -1.802  0.997   -6.459  1.00 13.10 ? 394 LYS A CA  1 
ATOM   1259 C  C   . LYS A 1 152 ? -0.948  -0.123  -7.038  1.00 14.13 ? 394 LYS A C   1 
ATOM   1260 O  O   . LYS A 1 152 ? 0.251   0.060   -7.257  1.00 13.87 ? 394 LYS A O   1 
ATOM   1261 C  CB  . LYS A 1 152 ? -2.077  0.751   -4.975  1.00 14.37 ? 394 LYS A CB  1 
ATOM   1262 C  CG  . LYS A 1 152 ? -0.857  0.507   -4.124  1.00 16.47 ? 394 LYS A CG  1 
ATOM   1263 C  CD  . LYS A 1 152 ? -1.283  0.414   -2.665  1.00 19.18 ? 394 LYS A CD  1 
ATOM   1264 C  CE  . LYS A 1 152 ? -0.110  0.230   -1.741  1.00 20.84 ? 394 LYS A CE  1 
ATOM   1265 N  NZ  . LYS A 1 152 ? -0.594  0.003   -0.348  1.00 21.81 ? 394 LYS A NZ  1 
ATOM   1266 N  N   . ARG A 1 153 ? -1.560  -1.275  -7.301  1.00 13.20 ? 395 ARG A N   1 
ATOM   1267 C  CA  . ARG A 1 153 ? -0.812  -2.393  -7.867  1.00 15.21 ? 395 ARG A CA  1 
ATOM   1268 C  C   . ARG A 1 153 ? -0.250  -2.032  -9.238  1.00 14.98 ? 395 ARG A C   1 
ATOM   1269 O  O   . ARG A 1 153 ? 0.896   -2.359  -9.548  1.00 14.95 ? 395 ARG A O   1 
ATOM   1270 C  CB  . ARG A 1 153 ? -1.690  -3.647  -7.992  1.00 18.70 ? 395 ARG A CB  1 
ATOM   1271 C  CG  . ARG A 1 153 ? -0.950  -4.847  -8.582  1.00 22.98 ? 395 ARG A CG  1 
ATOM   1272 C  CD  . ARG A 1 153 ? 0.324   -5.175  -7.800  1.00 30.58 ? 395 ARG A CD  1 
ATOM   1273 N  NE  . ARG A 1 153 ? 0.066   -5.804  -6.506  1.00 34.41 ? 395 ARG A NE  1 
ATOM   1274 C  CZ  . ARG A 1 153 ? -0.408  -7.036  -6.348  1.00 36.61 ? 395 ARG A CZ  1 
ATOM   1275 N  NH1 . ARG A 1 153 ? -0.685  -7.788  -7.407  1.00 36.83 ? 395 ARG A NH1 1 
ATOM   1276 N  NH2 . ARG A 1 153 ? -0.595  -7.524  -5.127  1.00 36.43 ? 395 ARG A NH2 1 
ATOM   1277 N  N   . LYS A 1 154 ? -1.042  -1.347  -10.053 1.00 15.35 ? 396 LYS A N   1 
ATOM   1278 C  CA  . LYS A 1 154 ? -0.576  -0.971  -11.380 1.00 16.24 ? 396 LYS A CA  1 
ATOM   1279 C  C   . LYS A 1 154 ? 0.574   0.029   -11.304 1.00 14.64 ? 396 LYS A C   1 
ATOM   1280 O  O   . LYS A 1 154 ? 1.549   -0.085  -12.042 1.00 14.99 ? 396 LYS A O   1 
ATOM   1281 C  CB  . LYS A 1 154 ? -1.741  -0.418  -12.205 1.00 18.03 ? 396 LYS A CB  1 
ATOM   1282 C  CG  . LYS A 1 154 ? -2.750  -1.510  -12.533 1.00 21.15 ? 396 LYS A CG  1 
ATOM   1283 C  CD  . LYS A 1 154 ? -4.123  -0.981  -12.885 1.00 28.46 ? 396 LYS A CD  1 
ATOM   1284 C  CE  . LYS A 1 154 ? -4.094  -0.159  -14.142 1.00 27.09 ? 396 LYS A CE  1 
ATOM   1285 N  NZ  . LYS A 1 154 ? -5.474  0.120   -14.624 1.00 23.44 ? 396 LYS A NZ  1 
ATOM   1286 N  N   . VAL A 1 155 ? 0.475   0.996   -10.399 1.00 13.14 ? 397 VAL A N   1 
ATOM   1287 C  CA  . VAL A 1 155 ? 1.537   1.979   -10.259 1.00 14.58 ? 397 VAL A CA  1 
ATOM   1288 C  C   . VAL A 1 155 ? 2.822   1.310   -9.778  1.00 15.04 ? 397 VAL A C   1 
ATOM   1289 O  O   . VAL A 1 155 ? 3.897   1.561   -10.325 1.00 14.96 ? 397 VAL A O   1 
ATOM   1290 C  CB  . VAL A 1 155 ? 1.129   3.114   -9.290  1.00 13.86 ? 397 VAL A CB  1 
ATOM   1291 C  CG1 . VAL A 1 155 ? 2.320   4.030   -9.009  1.00 15.69 ? 397 VAL A CG1 1 
ATOM   1292 C  CG2 . VAL A 1 155 ? -0.009  3.921   -9.903  1.00 15.67 ? 397 VAL A CG2 1 
ATOM   1293 N  N   . LEU A 1 156 ? 2.722   0.449   -8.769  1.00 14.11 ? 398 LEU A N   1 
ATOM   1294 C  CA  . LEU A 1 156 ? 3.917   -0.229  -8.272  1.00 15.15 ? 398 LEU A CA  1 
ATOM   1295 C  C   . LEU A 1 156 ? 4.564   -1.096  -9.354  1.00 15.40 ? 398 LEU A C   1 
ATOM   1296 O  O   . LEU A 1 156 ? 5.784   -1.063  -9.531  1.00 16.69 ? 398 LEU A O   1 
ATOM   1297 C  CB  . LEU A 1 156 ? 3.580   -1.092  -7.057  1.00 16.04 ? 398 LEU A CB  1 
ATOM   1298 C  CG  . LEU A 1 156 ? 3.077   -0.298  -5.848  1.00 15.01 ? 398 LEU A CG  1 
ATOM   1299 C  CD1 . LEU A 1 156 ? 2.627   -1.290  -4.785  1.00 17.09 ? 398 LEU A CD1 1 
ATOM   1300 C  CD2 . LEU A 1 156 ? 4.161   0.626   -5.310  1.00 17.38 ? 398 LEU A CD2 1 
ATOM   1301 N  N   . ASP A 1 157 ? 3.753   -1.863  -10.080 1.00 14.62 ? 399 ASP A N   1 
ATOM   1302 C  CA  . ASP A 1 157 ? 4.285   -2.729  -11.134 1.00 16.17 ? 399 ASP A CA  1 
ATOM   1303 C  C   . ASP A 1 157 ? 4.998   -1.914  -12.210 1.00 16.20 ? 399 ASP A C   1 
ATOM   1304 O  O   . ASP A 1 157 ? 6.077   -2.292  -12.670 1.00 19.05 ? 399 ASP A O   1 
ATOM   1305 C  CB  . ASP A 1 157 ? 3.170   -3.567  -11.757 1.00 16.92 ? 399 ASP A CB  1 
ATOM   1306 C  CG  . ASP A 1 157 ? 2.723   -4.712  -10.854 1.00 19.00 ? 399 ASP A CG  1 
ATOM   1307 O  OD1 . ASP A 1 157 ? 3.352   -4.919  -9.799  1.00 21.20 ? 399 ASP A OD1 1 
ATOM   1308 O  OD2 . ASP A 1 157 ? 1.749   -5.405  -11.206 1.00 25.98 ? 399 ASP A OD2 1 
ATOM   1309 N  N   . LEU A 1 158 ? 4.400   -0.797  -12.614 1.00 16.39 ? 400 LEU A N   1 
ATOM   1310 C  CA  . LEU A 1 158 ? 5.019   0.053   -13.629 1.00 17.91 ? 400 LEU A CA  1 
ATOM   1311 C  C   . LEU A 1 158 ? 6.367   0.585   -13.155 1.00 19.41 ? 400 LEU A C   1 
ATOM   1312 O  O   . LEU A 1 158 ? 7.337   0.606   -13.917 1.00 21.33 ? 400 LEU A O   1 
ATOM   1313 C  CB  . LEU A 1 158 ? 4.100   1.226   -13.982 1.00 19.04 ? 400 LEU A CB  1 
ATOM   1314 C  CG  . LEU A 1 158 ? 2.909   0.914   -14.886 1.00 21.40 ? 400 LEU A CG  1 
ATOM   1315 C  CD1 . LEU A 1 158 ? 1.945   2.096   -14.892 1.00 21.99 ? 400 LEU A CD1 1 
ATOM   1316 C  CD2 . LEU A 1 158 ? 3.404   0.622   -16.302 1.00 24.36 ? 400 LEU A CD2 1 
ATOM   1317 N  N   . LEU A 1 159 ? 6.440   1.027   -11.904 1.00 18.84 ? 401 LEU A N   1 
ATOM   1318 C  CA  . LEU A 1 159 ? 7.704   1.537   -11.394 1.00 17.49 ? 401 LEU A CA  1 
ATOM   1319 C  C   . LEU A 1 159 ? 8.767   0.443   -11.389 1.00 20.81 ? 401 LEU A C   1 
ATOM   1320 O  O   . LEU A 1 159 ? 9.897   0.668   -11.820 1.00 20.11 ? 401 LEU A O   1 
ATOM   1321 C  CB  . LEU A 1 159 ? 7.535   2.104   -9.981  1.00 19.35 ? 401 LEU A CB  1 
ATOM   1322 C  CG  . LEU A 1 159 ? 6.658   3.351   -9.857  1.00 19.34 ? 401 LEU A CG  1 
ATOM   1323 C  CD1 . LEU A 1 159 ? 6.518   3.714   -8.382  1.00 21.06 ? 401 LEU A CD1 1 
ATOM   1324 C  CD2 . LEU A 1 159 ? 7.262   4.513   -10.641 1.00 21.49 ? 401 LEU A CD2 1 
ATOM   1325 N  N   . LEU A 1 160 ? 8.408   -0.744  -10.910 1.00 20.13 ? 402 LEU A N   1 
ATOM   1326 C  CA  . LEU A 1 160 ? 9.367   -1.842  -10.866 1.00 21.75 ? 402 LEU A CA  1 
ATOM   1327 C  C   . LEU A 1 160 ? 9.868   -2.202  -12.257 1.00 21.36 ? 402 LEU A C   1 
ATOM   1328 O  O   . LEU A 1 160 ? 11.044  -2.534  -12.435 1.00 22.89 ? 402 LEU A O   1 
ATOM   1329 C  CB  . LEU A 1 160 ? 8.738   -3.074  -10.221 1.00 20.21 ? 402 LEU A CB  1 
ATOM   1330 C  CG  . LEU A 1 160 ? 8.337   -2.939  -8.753  1.00 22.07 ? 402 LEU A CG  1 
ATOM   1331 C  CD1 . LEU A 1 160 ? 7.698   -4.234  -8.299  1.00 22.25 ? 402 LEU A CD1 1 
ATOM   1332 C  CD2 . LEU A 1 160 ? 9.563   -2.610  -7.903  1.00 24.30 ? 402 LEU A CD2 1 
ATOM   1333 N  N   . GLN A 1 161 ? 8.975   -2.143  -13.238 1.00 20.81 ? 403 GLN A N   1 
ATOM   1334 C  CA  . GLN A 1 161 ? 9.336   -2.471  -14.612 1.00 23.00 ? 403 GLN A CA  1 
ATOM   1335 C  C   . GLN A 1 161 ? 10.177  -1.376  -15.267 1.00 25.14 ? 403 GLN A C   1 
ATOM   1336 O  O   . GLN A 1 161 ? 10.686  -1.553  -16.377 1.00 25.25 ? 403 GLN A O   1 
ATOM   1337 C  CB  . GLN A 1 161 ? 8.070   -2.758  -15.426 1.00 21.75 ? 403 GLN A CB  1 
ATOM   1338 C  CG  . GLN A 1 161 ? 7.464   -4.124  -15.097 1.00 24.27 ? 403 GLN A CG  1 
ATOM   1339 C  CD  . GLN A 1 161 ? 6.010   -4.269  -15.510 1.00 25.05 ? 403 GLN A CD  1 
ATOM   1340 O  OE1 . GLN A 1 161 ? 5.531   -3.573  -16.403 1.00 27.31 ? 403 GLN A OE1 1 
ATOM   1341 N  NE2 . GLN A 1 161 ? 5.303   -5.195  -14.867 1.00 25.72 ? 403 GLN A NE2 1 
ATOM   1342 N  N   . GLU A 1 162 ? 10.332  -0.251  -14.574 1.00 25.05 ? 404 GLU A N   1 
ATOM   1343 C  CA  . GLU A 1 162 ? 11.135  0.854   -15.093 1.00 27.80 ? 404 GLU A CA  1 
ATOM   1344 C  C   . GLU A 1 162 ? 12.555  0.811   -14.532 1.00 28.70 ? 404 GLU A C   1 
ATOM   1345 O  O   . GLU A 1 162 ? 13.417  1.583   -14.951 1.00 30.09 ? 404 GLU A O   1 
ATOM   1346 C  CB  . GLU A 1 162 ? 10.494  2.203   -14.743 1.00 27.62 ? 404 GLU A CB  1 
ATOM   1347 C  CG  . GLU A 1 162 ? 9.117   2.418   -15.339 1.00 30.52 ? 404 GLU A CG  1 
ATOM   1348 C  CD  . GLU A 1 162 ? 8.511   3.749   -14.927 1.00 31.58 ? 404 GLU A CD  1 
ATOM   1349 O  OE1 . GLU A 1 162 ? 8.669   4.139   -13.754 1.00 35.44 ? 404 GLU A OE1 1 
ATOM   1350 O  OE2 . GLU A 1 162 ? 7.869   4.396   -15.776 1.00 33.94 ? 404 GLU A OE2 1 
ATOM   1351 N  N   . VAL A 1 163 ? 12.796  -0.084  -13.579 1.00 29.59 ? 405 VAL A N   1 
ATOM   1352 C  CA  . VAL A 1 163 ? 14.123  -0.215  -12.985 1.00 31.20 ? 405 VAL A CA  1 
ATOM   1353 C  C   . VAL A 1 163 ? 15.029  -0.957  -13.962 1.00 33.29 ? 405 VAL A C   1 
ATOM   1354 O  O   . VAL A 1 163 ? 14.769  -2.109  -14.309 1.00 33.69 ? 405 VAL A O   1 
ATOM   1355 C  CB  . VAL A 1 163 ? 14.078  -0.996  -11.653 1.00 29.81 ? 405 VAL A CB  1 
ATOM   1356 C  CG1 . VAL A 1 163 ? 15.494  -1.161  -11.093 1.00 30.16 ? 405 VAL A CG1 1 
ATOM   1357 C  CG2 . VAL A 1 163 ? 13.205  -0.258  -10.650 1.00 29.58 ? 405 VAL A CG2 1 
ATOM   1358 N  N   . GLU A 1 164 ? 16.088  -0.285  -14.406 1.00 35.16 ? 406 GLU A N   1 
ATOM   1359 C  CA  . GLU A 1 164 ? 17.040  -0.861  -15.350 1.00 37.64 ? 406 GLU A CA  1 
ATOM   1360 C  C   . GLU A 1 164 ? 18.104  -1.655  -14.598 1.00 37.16 ? 406 GLU A C   1 
ATOM   1361 O  O   . GLU A 1 164 ? 19.018  -1.078  -14.004 1.00 37.33 ? 406 GLU A O   1 
ATOM   1362 C  CB  . GLU A 1 164 ? 17.701  0.255   -16.161 1.00 40.14 ? 406 GLU A CB  1 
ATOM   1363 C  CG  . GLU A 1 164 ? 16.724  1.125   -16.941 1.00 45.23 ? 406 GLU A CG  1 
ATOM   1364 C  CD  . GLU A 1 164 ? 16.390  0.559   -18.311 1.00 48.57 ? 406 GLU A CD  1 
ATOM   1365 O  OE1 . GLU A 1 164 ? 16.012  -0.631  -18.397 1.00 50.48 ? 406 GLU A OE1 1 
ATOM   1366 O  OE2 . GLU A 1 164 ? 16.505  1.310   -19.307 1.00 50.10 ? 406 GLU A OE2 1 
ATOM   1367 N  N   . HIS A 1 165 ? 17.979  -2.978  -14.625 1.00 38.11 ? 407 HIS A N   1 
ATOM   1368 C  CA  . HIS A 1 165 ? 18.924  -3.855  -13.935 1.00 38.75 ? 407 HIS A CA  1 
ATOM   1369 C  C   . HIS A 1 165 ? 20.200  -4.068  -14.737 1.00 40.96 ? 407 HIS A C   1 
ATOM   1370 O  O   . HIS A 1 165 ? 20.246  -3.789  -15.935 1.00 40.00 ? 407 HIS A O   1 
ATOM   1371 C  CB  . HIS A 1 165 ? 18.265  -5.205  -13.647 1.00 36.21 ? 407 HIS A CB  1 
ATOM   1372 C  CG  . HIS A 1 165 ? 16.999  -5.097  -12.858 1.00 32.15 ? 407 HIS A CG  1 
ATOM   1373 N  ND1 . HIS A 1 165 ? 16.972  -4.638  -11.559 1.00 32.88 ? 407 HIS A ND1 1 
ATOM   1374 C  CD2 . HIS A 1 165 ? 15.713  -5.357  -13.193 1.00 30.26 ? 407 HIS A CD2 1 
ATOM   1375 C  CE1 . HIS A 1 165 ? 15.722  -4.618  -11.128 1.00 31.26 ? 407 HIS A CE1 1 
ATOM   1376 N  NE2 . HIS A 1 165 ? 14.939  -5.049  -12.101 1.00 27.79 ? 407 HIS A NE2 1 
ATOM   1377 N  N   . HIS A 1 166 ? 21.234  -4.561  -14.063 1.00 44.26 ? 408 HIS A N   1 
ATOM   1378 C  CA  . HIS A 1 166 ? 22.522  -4.819  -14.697 1.00 48.31 ? 408 HIS A CA  1 
ATOM   1379 C  C   . HIS A 1 166 ? 22.574  -6.266  -15.173 1.00 49.86 ? 408 HIS A C   1 
ATOM   1380 O  O   . HIS A 1 166 ? 22.994  -7.156  -14.434 1.00 50.20 ? 408 HIS A O   1 
ATOM   1381 C  CB  . HIS A 1 166 ? 23.661  -4.570  -13.703 1.00 50.09 ? 408 HIS A CB  1 
ATOM   1382 C  CG  . HIS A 1 166 ? 23.574  -3.252  -12.998 1.00 52.24 ? 408 HIS A CG  1 
ATOM   1383 N  ND1 . HIS A 1 166 ? 23.612  -2.045  -13.664 1.00 53.32 ? 408 HIS A ND1 1 
ATOM   1384 C  CD2 . HIS A 1 166 ? 23.458  -2.952  -11.683 1.00 53.43 ? 408 HIS A CD2 1 
ATOM   1385 C  CE1 . HIS A 1 166 ? 23.524  -1.060  -12.790 1.00 53.88 ? 408 HIS A CE1 1 
ATOM   1386 N  NE2 . HIS A 1 166 ? 23.430  -1.581  -11.580 1.00 54.06 ? 408 HIS A NE2 1 
ATOM   1387 N  N   . HIS A 1 167 ? 22.145  -6.494  -16.409 1.00 51.99 ? 409 HIS A N   1 
ATOM   1388 C  CA  . HIS A 1 167 ? 22.136  -7.835  -16.982 1.00 54.03 ? 409 HIS A CA  1 
ATOM   1389 C  C   . HIS A 1 167 ? 23.509  -8.262  -17.488 1.00 55.54 ? 409 HIS A C   1 
ATOM   1390 O  O   . HIS A 1 167 ? 24.206  -7.491  -18.150 1.00 55.12 ? 409 HIS A O   1 
ATOM   1391 C  CB  . HIS A 1 167 ? 21.126  -7.901  -18.130 1.00 53.66 ? 409 HIS A CB  1 
ATOM   1392 C  CG  . HIS A 1 167 ? 19.698  -7.824  -17.686 1.00 53.83 ? 409 HIS A CG  1 
ATOM   1393 N  ND1 . HIS A 1 167 ? 19.063  -8.861  -17.037 1.00 53.59 ? 409 HIS A ND1 1 
ATOM   1394 C  CD2 . HIS A 1 167 ? 18.784  -6.832  -17.791 1.00 53.84 ? 409 HIS A CD2 1 
ATOM   1395 C  CE1 . HIS A 1 167 ? 17.819  -8.512  -16.764 1.00 53.62 ? 409 HIS A CE1 1 
ATOM   1396 N  NE2 . HIS A 1 167 ? 17.624  -7.285  -17.212 1.00 53.65 ? 409 HIS A NE2 1 
ATOM   1397 N  N   . HIS A 1 168 ? 23.891  -9.494  -17.167 1.00 57.59 ? 410 HIS A N   1 
ATOM   1398 C  CA  . HIS A 1 168 ? 25.173  -10.038 -17.602 1.00 59.75 ? 410 HIS A CA  1 
ATOM   1399 C  C   . HIS A 1 168 ? 24.987  -10.787 -18.908 1.00 60.70 ? 410 HIS A C   1 
ATOM   1400 O  O   . HIS A 1 168 ? 25.527  -10.318 -19.932 1.00 61.75 ? 410 HIS A O   1 
ATOM   1401 C  CB  . HIS A 1 168 ? 25.734  -10.998 -16.555 1.00 60.39 ? 410 HIS A CB  1 
ATOM   1402 C  CG  . HIS A 1 168 ? 26.216  -10.322 -15.310 1.00 61.74 ? 410 HIS A CG  1 
ATOM   1403 N  ND1 . HIS A 1 168 ? 26.741  -11.016 -14.241 1.00 62.50 ? 410 HIS A ND1 1 
ATOM   1404 C  CD2 . HIS A 1 168 ? 26.258  -9.013  -14.968 1.00 62.12 ? 410 HIS A CD2 1 
ATOM   1405 C  CE1 . HIS A 1 168 ? 27.087  -10.163 -13.293 1.00 62.48 ? 410 HIS A CE1 1 
ATOM   1406 N  NE2 . HIS A 1 168 ? 26.804  -8.941  -13.709 1.00 62.27 ? 410 HIS A NE2 1 
HETATM 1407 S  S   . SO4 B 2 .   ? -8.084  -6.675  22.956  1.00 54.58 ? 413 SO4 A S   1 
HETATM 1408 O  O1  . SO4 B 2 .   ? -7.970  -6.165  21.575  1.00 56.56 ? 413 SO4 A O1  1 
HETATM 1409 O  O2  . SO4 B 2 .   ? -6.769  -6.604  23.615  1.00 54.48 ? 413 SO4 A O2  1 
HETATM 1410 O  O3  . SO4 B 2 .   ? -8.551  -8.076  22.935  1.00 56.14 ? 413 SO4 A O3  1 
HETATM 1411 O  O4  . SO4 B 2 .   ? -9.060  -5.853  23.699  1.00 56.31 ? 413 SO4 A O4  1 
HETATM 1412 S  S   . SO4 C 2 .   ? -18.078 6.016   -7.888  1.00 66.43 ? 414 SO4 A S   1 
HETATM 1413 O  O1  . SO4 C 2 .   ? -18.593 6.458   -9.200  1.00 64.95 ? 414 SO4 A O1  1 
HETATM 1414 O  O2  . SO4 C 2 .   ? -17.405 4.710   -8.041  1.00 65.02 ? 414 SO4 A O2  1 
HETATM 1415 O  O3  . SO4 C 2 .   ? -19.198 5.887   -6.936  1.00 65.37 ? 414 SO4 A O3  1 
HETATM 1416 O  O4  . SO4 C 2 .   ? -17.113 7.011   -7.377  1.00 65.20 ? 414 SO4 A O4  1 
HETATM 1417 S  S   . SO4 D 2 .   ? -4.648  -6.508  -6.467  1.00 67.13 ? 415 SO4 A S   1 
HETATM 1418 O  O1  . SO4 D 2 .   ? -3.386  -6.477  -7.231  1.00 66.44 ? 415 SO4 A O1  1 
HETATM 1419 O  O2  . SO4 D 2 .   ? -5.440  -5.299  -6.769  1.00 65.82 ? 415 SO4 A O2  1 
HETATM 1420 O  O3  . SO4 D 2 .   ? -4.346  -6.546  -5.020  1.00 66.21 ? 415 SO4 A O3  1 
HETATM 1421 O  O4  . SO4 D 2 .   ? -5.419  -7.711  -6.842  1.00 65.96 ? 415 SO4 A O4  1 
HETATM 1422 O  O   . HOH E 3 .   ? -3.885  18.497  10.703  1.00 16.35 ? 416 HOH A O   1 
HETATM 1423 O  O   . HOH E 3 .   ? -7.533  16.608  12.493  1.00 19.63 ? 417 HOH A O   1 
HETATM 1424 O  O   . HOH E 3 .   ? -2.834  16.651  22.428  1.00 20.53 ? 418 HOH A O   1 
HETATM 1425 O  O   . HOH E 3 .   ? 2.538   13.596  -16.555 1.00 22.17 ? 419 HOH A O   1 
HETATM 1426 O  O   . HOH E 3 .   ? -7.661  -7.937  27.891  1.00 24.83 ? 420 HOH A O   1 
HETATM 1427 O  O   . HOH E 3 .   ? -0.113  -3.862  -4.596  1.00 27.96 ? 421 HOH A O   1 
HETATM 1428 O  O   . HOH E 3 .   ? -2.507  2.112   0.524   1.00 20.50 ? 422 HOH A O   1 
HETATM 1429 O  O   . HOH E 3 .   ? 0.106   2.930   2.201   1.00 26.40 ? 423 HOH A O   1 
HETATM 1430 O  O   . HOH E 3 .   ? -2.660  -3.335  -4.336  1.00 22.89 ? 424 HOH A O   1 
HETATM 1431 O  O   . HOH E 3 .   ? -19.054 10.382  -2.767  1.00 22.36 ? 425 HOH A O   1 
HETATM 1432 O  O   . HOH E 3 .   ? -9.317  -16.123 -7.958  1.00 25.80 ? 426 HOH A O   1 
HETATM 1433 O  O   . HOH E 3 .   ? -4.951  -9.248  22.109  1.00 29.36 ? 427 HOH A O   1 
HETATM 1434 O  O   . HOH E 3 .   ? -6.186  5.150   11.994  1.00 32.77 ? 428 HOH A O   1 
HETATM 1435 O  O   . HOH E 3 .   ? 3.179   6.967   -18.124 1.00 27.82 ? 429 HOH A O   1 
HETATM 1436 O  O   . HOH E 3 .   ? -2.907  4.260   7.894   1.00 36.22 ? 430 HOH A O   1 
HETATM 1437 O  O   . HOH E 3 .   ? 1.400   12.866  20.583  1.00 30.84 ? 431 HOH A O   1 
HETATM 1438 O  O   . HOH E 3 .   ? -25.412 -4.511  -7.306  1.00 27.62 ? 432 HOH A O   1 
HETATM 1439 O  O   . HOH E 3 .   ? -3.293  2.114   29.207  1.00 31.18 ? 433 HOH A O   1 
HETATM 1440 O  O   . HOH E 3 .   ? 6.326   2.851   8.262   1.00 33.27 ? 434 HOH A O   1 
HETATM 1441 O  O   . HOH E 3 .   ? 6.886   -2.716  2.513   1.00 39.19 ? 435 HOH A O   1 
HETATM 1442 O  O   . HOH E 3 .   ? -7.635  -0.786  -0.909  1.00 29.43 ? 436 HOH A O   1 
HETATM 1443 O  O   . HOH E 3 .   ? 3.720   2.442   7.210   1.00 28.28 ? 437 HOH A O   1 
HETATM 1444 O  O   . HOH E 3 .   ? -7.572  7.970   -5.440  1.00 28.53 ? 438 HOH A O   1 
HETATM 1445 O  O   . HOH E 3 .   ? -5.614  11.319  21.598  1.00 27.15 ? 439 HOH A O   1 
HETATM 1446 O  O   . HOH E 3 .   ? -6.054  5.387   -17.869 1.00 31.95 ? 440 HOH A O   1 
HETATM 1447 O  O   . HOH E 3 .   ? -8.558  -6.022  -12.678 1.00 31.27 ? 441 HOH A O   1 
HETATM 1448 O  O   . HOH E 3 .   ? -2.833  8.862   20.195  1.00 26.75 ? 442 HOH A O   1 
HETATM 1449 O  O   . HOH E 3 .   ? -9.478  16.537  18.948  1.00 33.48 ? 443 HOH A O   1 
HETATM 1450 O  O   . HOH E 3 .   ? -22.927 5.551   -2.292  1.00 36.89 ? 444 HOH A O   1 
HETATM 1451 O  O   . HOH E 3 .   ? 6.827   9.648   8.066   1.00 39.60 ? 445 HOH A O   1 
HETATM 1452 O  O   . HOH E 3 .   ? -23.012 2.655   -1.648  1.00 34.66 ? 446 HOH A O   1 
HETATM 1453 O  O   . HOH E 3 .   ? 4.665   10.469  18.841  1.00 28.05 ? 447 HOH A O   1 
HETATM 1454 O  O   . HOH E 3 .   ? -26.576 -10.044 -10.542 1.00 45.19 ? 448 HOH A O   1 
HETATM 1455 O  O   . HOH E 3 .   ? -15.612 9.171   -0.482  1.00 32.02 ? 449 HOH A O   1 
HETATM 1456 O  O   . HOH E 3 .   ? -20.874 2.174   1.043   1.00 33.52 ? 450 HOH A O   1 
HETATM 1457 O  O   . HOH E 3 .   ? 6.390   15.229  5.915   1.00 34.23 ? 451 HOH A O   1 
HETATM 1458 O  O   . HOH E 3 .   ? 5.994   -1.755  -18.098 1.00 38.76 ? 452 HOH A O   1 
HETATM 1459 O  O   . HOH E 3 .   ? 1.271   -1.804  -14.308 1.00 40.55 ? 453 HOH A O   1 
HETATM 1460 O  O   . HOH E 3 .   ? 2.854   18.869  12.777  1.00 42.96 ? 454 HOH A O   1 
HETATM 1461 O  O   . HOH E 3 .   ? 10.811  12.350  -7.156  1.00 30.90 ? 455 HOH A O   1 
HETATM 1462 O  O   . HOH E 3 .   ? -22.514 1.252   -8.627  1.00 49.18 ? 456 HOH A O   1 
HETATM 1463 O  O   . HOH E 3 .   ? 0.261   16.925  20.059  1.00 39.30 ? 457 HOH A O   1 
HETATM 1464 O  O   . HOH E 3 .   ? -22.630 -8.105  4.287   1.00 58.02 ? 458 HOH A O   1 
HETATM 1465 O  O   . HOH E 3 .   ? -12.556 5.324   17.643  1.00 38.27 ? 459 HOH A O   1 
HETATM 1466 O  O   . HOH E 3 .   ? -14.918 -0.360  -18.515 1.00 44.27 ? 460 HOH A O   1 
HETATM 1467 O  O   . HOH E 3 .   ? -13.555 -16.377 -9.876  1.00 36.65 ? 461 HOH A O   1 
HETATM 1468 O  O   . HOH E 3 .   ? -22.594 -16.390 -3.684  1.00 34.53 ? 462 HOH A O   1 
HETATM 1469 O  O   . HOH E 3 .   ? 12.296  -4.775  -11.673 1.00 31.12 ? 463 HOH A O   1 
HETATM 1470 O  O   . HOH E 3 .   ? -15.779 7.953   -4.869  1.00 38.68 ? 464 HOH A O   1 
HETATM 1471 O  O   . HOH E 3 .   ? -0.178  15.316  23.304  1.00 53.82 ? 465 HOH A O   1 
HETATM 1472 O  O   . HOH E 3 .   ? -3.768  3.115   2.866   1.00 35.87 ? 466 HOH A O   1 
HETATM 1473 O  O   . HOH E 3 .   ? -8.721  2.993   22.568  1.00 37.31 ? 467 HOH A O   1 
HETATM 1474 O  O   . HOH E 3 .   ? -16.253 -18.280 -5.706  1.00 29.82 ? 468 HOH A O   1 
HETATM 1475 O  O   . HOH E 3 .   ? -9.282  5.560   -11.220 1.00 32.64 ? 469 HOH A O   1 
HETATM 1476 O  O   . HOH E 3 .   ? -4.667  9.118   -9.095  1.00 28.82 ? 470 HOH A O   1 
HETATM 1477 O  O   . HOH E 3 .   ? 7.454   2.863   5.033   1.00 29.87 ? 471 HOH A O   1 
HETATM 1478 O  O   . HOH E 3 .   ? 9.186   11.849  4.113   1.00 35.15 ? 472 HOH A O   1 
HETATM 1479 O  O   . HOH E 3 .   ? 11.009  14.180  0.631   1.00 54.83 ? 473 HOH A O   1 
HETATM 1480 O  O   . HOH E 3 .   ? -2.098  19.163  21.832  1.00 23.28 ? 474 HOH A O   1 
HETATM 1481 O  O   . HOH E 3 .   ? -3.923  6.295   6.321   1.00 36.78 ? 475 HOH A O   1 
HETATM 1482 O  O   . HOH E 3 .   ? -16.904 11.365  -1.420  1.00 30.61 ? 476 HOH A O   1 
HETATM 1483 O  O   . HOH E 3 .   ? -15.261 -18.460 -8.257  1.00 36.09 ? 477 HOH A O   1 
HETATM 1484 O  O   . HOH E 3 .   ? -26.134 -11.447 -7.672  1.00 40.63 ? 478 HOH A O   1 
HETATM 1485 O  O   . HOH E 3 .   ? 6.584   -13.061 -8.003  1.00 37.74 ? 479 HOH A O   1 
HETATM 1486 O  O   . HOH E 3 .   ? -0.561  15.354  -10.611 1.00 37.45 ? 480 HOH A O   1 
HETATM 1487 O  O   . HOH E 3 .   ? -22.651 2.061   -4.539  1.00 37.82 ? 481 HOH A O   1 
HETATM 1488 O  O   . HOH E 3 .   ? 4.464   14.817  -15.128 1.00 34.51 ? 482 HOH A O   1 
HETATM 1489 O  O   . HOH E 3 .   ? -21.428 -16.264 -10.587 1.00 32.40 ? 483 HOH A O   1 
HETATM 1490 O  O   . HOH E 3 .   ? -11.124 -17.452 -9.893  1.00 56.52 ? 484 HOH A O   1 
HETATM 1491 O  O   . HOH E 3 .   ? -14.438 -20.513 -1.567  1.00 33.61 ? 485 HOH A O   1 
HETATM 1492 O  O   . HOH E 3 .   ? -6.085  -0.892  13.293  1.00 35.97 ? 486 HOH A O   1 
HETATM 1493 O  O   . HOH E 3 .   ? -4.657  3.797   10.133  1.00 44.57 ? 487 HOH A O   1 
HETATM 1494 O  O   . HOH E 3 .   ? -4.392  -0.034  30.322  1.00 41.15 ? 488 HOH A O   1 
HETATM 1495 O  O   . HOH E 3 .   ? -5.049  -1.621  -0.761  1.00 31.79 ? 489 HOH A O   1 
HETATM 1496 O  O   . HOH E 3 .   ? -26.628 -2.139  -7.710  1.00 37.07 ? 490 HOH A O   1 
HETATM 1497 O  O   . HOH E 3 .   ? -26.105 -5.674  -10.143 1.00 44.94 ? 491 HOH A O   1 
HETATM 1498 O  O   . HOH E 3 .   ? -10.006 -2.840  -19.472 1.00 46.63 ? 492 HOH A O   1 
HETATM 1499 O  O   . HOH E 3 .   ? 8.605   -8.503  22.040  1.00 55.10 ? 493 HOH A O   1 
HETATM 1500 O  O   . HOH E 3 .   ? 7.102   3.351   -18.032 1.00 42.24 ? 494 HOH A O   1 
HETATM 1501 O  O   . HOH E 3 .   ? 8.552   2.715   11.184  1.00 43.00 ? 495 HOH A O   1 
HETATM 1502 O  O   . HOH E 3 .   ? 13.283  -4.345  -15.265 1.00 31.63 ? 496 HOH A O   1 
HETATM 1503 O  O   . HOH E 3 .   ? -3.479  12.900  -4.167  1.00 26.55 ? 497 HOH A O   1 
HETATM 1504 O  O   . HOH E 3 .   ? -18.759 -3.026  2.562   1.00 41.52 ? 498 HOH A O   1 
HETATM 1505 O  O   . HOH E 3 .   ? -2.948  1.595   11.171  1.00 40.41 ? 499 HOH A O   1 
HETATM 1506 O  O   . HOH E 3 .   ? 5.868   9.190   16.876  1.00 33.01 ? 500 HOH A O   1 
HETATM 1507 O  O   . HOH E 3 .   ? -23.382 -9.502  -10.763 1.00 49.40 ? 501 HOH A O   1 
HETATM 1508 O  O   . HOH E 3 .   ? 4.025   4.594   -16.947 1.00 33.81 ? 502 HOH A O   1 
HETATM 1509 O  O   . HOH E 3 .   ? 1.823   16.059  -10.344 1.00 36.63 ? 503 HOH A O   1 
HETATM 1510 O  O   . HOH E 3 .   ? -11.599 2.949   15.160  1.00 37.92 ? 504 HOH A O   1 
HETATM 1511 O  O   . HOH E 3 .   ? -1.865  1.605   3.710   1.00 57.41 ? 505 HOH A O   1 
HETATM 1512 O  O   . HOH E 3 .   ? -11.073 8.162   11.214  1.00 32.81 ? 506 HOH A O   1 
HETATM 1513 O  O   . HOH E 3 .   ? 6.292   16.777  -1.405  1.00 47.75 ? 507 HOH A O   1 
HETATM 1514 O  O   . HOH E 3 .   ? -9.370  9.398   -17.590 1.00 45.23 ? 508 HOH A O   1 
HETATM 1515 O  O   . HOH E 3 .   ? -11.018 14.536  19.478  1.00 46.69 ? 509 HOH A O   1 
HETATM 1516 O  O   . HOH E 3 .   ? -4.830  -5.735  -9.538  1.00 40.43 ? 510 HOH A O   1 
HETATM 1517 O  O   . HOH E 3 .   ? 9.603   7.511   6.019   1.00 36.97 ? 511 HOH A O   1 
HETATM 1518 O  O   . HOH E 3 .   ? -0.081  20.019  23.263  1.00 47.39 ? 512 HOH A O   1 
HETATM 1519 O  O   . HOH E 3 .   ? -16.440 0.134   5.557   1.00 41.58 ? 513 HOH A O   1 
HETATM 1520 O  O   . HOH E 3 .   ? -17.210 -1.912  -18.571 1.00 48.82 ? 514 HOH A O   1 
HETATM 1521 O  O   . HOH E 3 .   ? -9.234  -5.975  27.749  1.00 48.67 ? 515 HOH A O   1 
HETATM 1522 O  O   . HOH E 3 .   ? -5.814  8.330   -11.441 1.00 38.40 ? 516 HOH A O   1 
HETATM 1523 O  O   . HOH E 3 .   ? 2.484   -8.108  -3.820  1.00 47.59 ? 517 HOH A O   1 
HETATM 1524 O  O   . HOH E 3 .   ? -7.110  -9.089  25.209  1.00 38.87 ? 518 HOH A O   1 
HETATM 1525 O  O   . HOH E 3 .   ? 3.949   -0.990  -20.024 1.00 41.79 ? 519 HOH A O   1 
HETATM 1526 O  O   . HOH E 3 .   ? 2.082   -0.110  5.949   1.00 45.80 ? 520 HOH A O   1 
HETATM 1527 O  O   . HOH E 3 .   ? -14.917 2.806   -12.984 1.00 41.99 ? 521 HOH A O   1 
HETATM 1528 O  O   . HOH E 3 .   ? -7.677  5.374   -19.777 1.00 34.94 ? 522 HOH A O   1 
HETATM 1529 O  O   . HOH E 3 .   ? -21.079 -10.633 5.759   1.00 49.73 ? 523 HOH A O   1 
HETATM 1530 O  O   . HOH E 3 .   ? 5.296   10.124  23.590  1.00 43.34 ? 524 HOH A O   1 
HETATM 1531 O  O   . HOH E 3 .   ? 7.592   2.593   13.515  1.00 60.49 ? 525 HOH A O   1 
HETATM 1532 O  O   . HOH E 3 .   ? 16.272  2.732   -13.113 1.00 40.97 ? 526 HOH A O   1 
HETATM 1533 O  O   . HOH E 3 .   ? -5.071  -11.020 25.054  1.00 45.56 ? 527 HOH A O   1 
HETATM 1534 O  O   . HOH E 3 .   ? 7.781   -3.663  -19.478 1.00 44.82 ? 528 HOH A O   1 
HETATM 1535 O  O   . HOH E 3 .   ? -13.752 -14.503 -13.889 1.00 51.00 ? 529 HOH A O   1 
HETATM 1536 O  O   . HOH E 3 .   ? -6.986  4.977   21.891  1.00 48.31 ? 530 HOH A O   1 
HETATM 1537 O  O   . HOH E 3 .   ? 12.212  -12.510 -3.060  1.00 66.42 ? 531 HOH A O   1 
HETATM 1538 O  O   . HOH E 3 .   ? 0.962   13.532  16.848  1.00 52.42 ? 532 HOH A O   1 
HETATM 1539 O  O   . HOH E 3 .   ? 11.310  8.177   -12.865 1.00 51.72 ? 533 HOH A O   1 
HETATM 1540 O  O   . HOH E 3 .   ? 15.832  0.892   -1.255  1.00 43.37 ? 534 HOH A O   1 
HETATM 1541 O  O   . HOH E 3 .   ? 2.726   16.374  -2.037  1.00 36.75 ? 535 HOH A O   1 
HETATM 1542 O  O   . HOH E 3 .   ? 7.217   12.330  -7.116  1.00 51.46 ? 536 HOH A O   1 
HETATM 1543 O  O   . HOH E 3 .   ? -9.573  3.813   12.432  1.00 46.80 ? 537 HOH A O   1 
HETATM 1544 O  O   . HOH E 3 .   ? 13.303  11.522  -9.878  1.00 40.81 ? 538 HOH A O   1 
HETATM 1545 O  O   . HOH E 3 .   ? 13.137  1.426   -18.082 1.00 51.25 ? 539 HOH A O   1 
HETATM 1546 O  O   . HOH E 3 .   ? -10.907 -3.217  1.226   1.00 50.81 ? 540 HOH A O   1 
HETATM 1547 O  O   . HOH E 3 .   ? -9.576  6.714   -18.885 1.00 47.11 ? 541 HOH A O   1 
HETATM 1548 O  O   . HOH E 3 .   ? -15.516 2.673   -16.835 1.00 39.87 ? 542 HOH A O   1 
HETATM 1549 O  O   . HOH E 3 .   ? 1.166   -3.899  -2.521  1.00 51.05 ? 543 HOH A O   1 
HETATM 1550 O  O   . HOH E 3 .   ? -6.610  -3.166  12.239  1.00 49.29 ? 544 HOH A O   1 
HETATM 1551 O  O   . HOH E 3 .   ? -0.806  -1.876  -15.885 1.00 46.12 ? 545 HOH A O   1 
HETATM 1552 O  O   . HOH E 3 .   ? -12.231 10.638  15.875  1.00 48.24 ? 546 HOH A O   1 
HETATM 1553 O  O   . HOH E 3 .   ? -12.675 -19.957 -12.261 1.00 46.04 ? 547 HOH A O   1 
HETATM 1554 O  O   . HOH E 3 .   ? -2.066  -10.870 24.903  1.00 54.04 ? 548 HOH A O   1 
HETATM 1555 O  O   . HOH E 3 .   ? 1.570   -6.578  -13.400 1.00 52.04 ? 549 HOH A O   1 
HETATM 1556 O  O   . HOH E 3 .   ? -5.936  5.325   8.041   1.00 50.83 ? 550 HOH A O   1 
HETATM 1557 O  O   . HOH E 3 .   ? -13.019 0.399   20.718  1.00 47.12 ? 551 HOH A O   1 
HETATM 1558 O  O   . HOH E 3 .   ? -3.229  -6.178  -1.060  1.00 53.79 ? 552 HOH A O   1 
HETATM 1559 O  O   . HOH E 3 .   ? 3.231   -4.101  15.714  1.00 43.46 ? 553 HOH A O   1 
HETATM 1560 O  O   . HOH E 3 .   ? 19.240  1.250   -0.394  1.00 47.66 ? 554 HOH A O   1 
HETATM 1561 O  O   . HOH E 3 .   ? 6.080   -16.195 -9.112  1.00 47.81 ? 555 HOH A O   1 
HETATM 1562 O  O   . HOH E 3 .   ? -14.297 7.105   19.041  1.00 53.44 ? 556 HOH A O   1 
HETATM 1563 O  O   . HOH E 3 .   ? 0.778   17.066  -8.086  1.00 52.79 ? 557 HOH A O   1 
HETATM 1564 O  O   . HOH E 3 .   ? 4.743   -7.477  -2.149  1.00 53.67 ? 558 HOH A O   1 
HETATM 1565 O  O   . HOH E 3 .   ? 21.496  -0.285  -15.160 1.00 47.19 ? 559 HOH A O   1 
HETATM 1566 O  O   . HOH E 3 .   ? 12.708  -7.000  3.160   1.00 54.48 ? 560 HOH A O   1 
HETATM 1567 O  O   . HOH E 3 .   ? -11.536 5.708   -12.385 1.00 46.86 ? 561 HOH A O   1 
HETATM 1568 O  O   . HOH E 3 .   ? 8.733   2.506   15.832  1.00 53.13 ? 562 HOH A O   1 
HETATM 1569 O  O   . HOH E 3 .   ? 12.034  -8.997  -6.223  1.00 53.71 ? 563 HOH A O   1 
HETATM 1570 O  O   . HOH E 3 .   ? 1.981   15.519  0.274   1.00 56.81 ? 564 HOH A O   1 
HETATM 1571 O  O   . HOH E 3 .   ? -3.810  -3.955  11.014  1.00 56.35 ? 565 HOH A O   1 
HETATM 1572 O  O   . HOH E 3 .   ? 6.930   8.578   -12.864 1.00 65.04 ? 566 HOH A O   1 
HETATM 1573 O  O   . HOH E 3 .   ? -22.379 -8.877  -13.379 1.00 67.79 ? 567 HOH A O   1 
HETATM 1574 O  O   . HOH E 3 .   ? 0.739   -7.355  -9.659  1.00 44.21 ? 568 HOH A O   1 
HETATM 1575 O  O   . HOH E 3 .   ? -2.764  -3.562  -16.657 1.00 50.52 ? 569 HOH A O   1 
HETATM 1576 O  O   . HOH E 3 .   ? -2.824  -9.653  18.161  1.00 54.76 ? 570 HOH A O   1 
HETATM 1577 O  O   . HOH E 3 .   ? -25.064 2.893   -4.637  1.00 62.48 ? 571 HOH A O   1 
HETATM 1578 O  O   . HOH E 3 .   ? -14.290 2.962   -19.077 1.00 49.65 ? 572 HOH A O   1 
HETATM 1579 O  O   . HOH E 3 .   ? -18.624 -1.790  -10.553 1.00 51.48 ? 573 HOH A O   1 
HETATM 1580 O  O   . HOH E 3 .   ? -5.036  -5.179  -13.016 1.00 58.07 ? 574 HOH A O   1 
HETATM 1581 O  O   . HOH E 3 .   ? 10.812  5.219   4.739   1.00 58.33 ? 575 HOH A O   1 
HETATM 1582 O  O   . HOH E 3 .   ? 22.074  -7.486  -7.214  1.00 52.96 ? 576 HOH A O   1 
HETATM 1583 O  O   . HOH E 3 .   ? -14.119 6.362   -11.940 1.00 54.88 ? 577 HOH A O   1 
HETATM 1584 O  O   . HOH E 3 .   ? -7.304  -16.655 -10.119 1.00 57.68 ? 578 HOH A O   1 
HETATM 1585 O  O   . HOH E 3 .   ? -11.795 -4.211  11.823  1.00 63.26 ? 579 HOH A O   1 
HETATM 1586 O  O   . HOH E 3 .   ? 3.970   16.329  11.817  1.00 73.45 ? 580 HOH A O   1 
HETATM 1587 O  O   . HOH E 3 .   ? 15.775  -15.409 -6.372  1.00 61.07 ? 581 HOH A O   1 
HETATM 1588 O  O   . HOH E 3 .   ? -21.085 5.095   -9.004  1.00 50.17 ? 582 HOH A O   1 
HETATM 1589 O  O   . HOH E 3 .   ? -13.073 -20.863 -7.900  1.00 55.74 ? 583 HOH A O   1 
HETATM 1590 O  O   . HOH E 3 .   ? -12.115 15.040  21.732  1.00 56.81 ? 584 HOH A O   1 
HETATM 1591 O  O   . HOH E 3 .   ? 2.083   -0.901  13.936  1.00 54.13 ? 585 HOH A O   1 
HETATM 1592 O  O   . HOH E 3 .   ? 3.008   -5.564  -2.141  1.00 51.68 ? 586 HOH A O   1 
HETATM 1593 O  O   . HOH E 3 .   ? 8.599   3.578   19.613  1.00 58.66 ? 587 HOH A O   1 
HETATM 1594 O  O   . HOH E 3 .   ? -12.752 -7.321  21.366  1.00 55.04 ? 588 HOH A O   1 
HETATM 1595 O  O   . HOH E 3 .   ? 12.620  -3.336  6.138   1.00 51.30 ? 589 HOH A O   1 
HETATM 1596 O  O   . HOH E 3 .   ? 10.363  0.509   28.351  1.00 56.87 ? 590 HOH A O   1 
HETATM 1597 O  O   . HOH E 3 .   ? -8.797  11.606  20.367  1.00 54.43 ? 591 HOH A O   1 
HETATM 1598 O  O   . HOH E 3 .   ? -18.925 0.650   -17.651 1.00 55.85 ? 592 HOH A O   1 
HETATM 1599 O  O   . HOH E 3 .   ? -21.219 -16.334 -14.070 1.00 67.79 ? 593 HOH A O   1 
HETATM 1600 O  O   . HOH E 3 .   ? -22.760 -2.938  5.763   1.00 64.61 ? 594 HOH A O   1 
HETATM 1601 O  O   . HOH E 3 .   ? 18.887  -12.943 -20.073 1.00 57.47 ? 595 HOH A O   1 
HETATM 1602 O  O   . HOH E 3 .   ? 10.047  6.479   11.113  1.00 76.84 ? 596 HOH A O   1 
HETATM 1603 O  O   . HOH E 3 .   ? -14.543 3.818   18.590  1.00 57.55 ? 597 HOH A O   1 
HETATM 1604 O  O   . HOH E 3 .   ? 11.725  -3.096  23.356  1.00 63.10 ? 598 HOH A O   1 
HETATM 1605 O  O   . HOH E 3 .   ? -7.402  -8.163  -11.618 1.00 58.04 ? 599 HOH A O   1 
HETATM 1606 O  O   . HOH E 3 .   ? 5.468   13.380  -5.326  1.00 64.65 ? 600 HOH A O   1 
HETATM 1607 O  O   . HOH E 3 .   ? -0.290  -10.148 16.744  1.00 52.49 ? 601 HOH A O   1 
HETATM 1608 O  O   . HOH E 3 .   ? -17.971 2.452   -10.955 1.00 47.00 ? 602 HOH A O   1 
HETATM 1609 O  O   . HOH E 3 .   ? -13.516 -2.143  21.905  1.00 51.39 ? 603 HOH A O   1 
HETATM 1610 O  O   . HOH E 3 .   ? 14.915  -6.077  1.367   1.00 59.05 ? 604 HOH A O   1 
HETATM 1611 O  O   . HOH E 3 .   ? -0.073  -4.405  -14.249 1.00 74.70 ? 605 HOH A O   1 
HETATM 1612 O  O   . HOH E 3 .   ? -16.929 -20.408 -3.793  1.00 50.79 ? 606 HOH A O   1 
HETATM 1613 O  O   . HOH E 3 .   ? 11.735  10.362  -11.493 1.00 58.65 ? 607 HOH A O   1 
HETATM 1614 O  O   . HOH E 3 .   ? -17.025 -1.782  7.176   1.00 65.98 ? 608 HOH A O   1 
HETATM 1615 O  O   . HOH E 3 .   ? 2.158   8.125   28.584  1.00 50.43 ? 609 HOH A O   1 
HETATM 1616 O  O   . HOH E 3 .   ? -6.976  -12.165 18.224  1.00 58.88 ? 610 HOH A O   1 
HETATM 1617 O  O   . HOH E 3 .   ? -18.311 -8.796  -15.811 1.00 60.66 ? 611 HOH A O   1 
HETATM 1618 O  O   . HOH E 3 .   ? 2.459   20.231  18.683  1.00 66.81 ? 612 HOH A O   1 
HETATM 1619 O  O   . HOH E 3 .   ? 11.333  -4.907  2.265   1.00 52.11 ? 613 HOH A O   1 
HETATM 1620 O  O   . HOH E 3 .   ? -22.724 -2.717  2.931   1.00 68.43 ? 614 HOH A O   1 
HETATM 1621 O  O   . HOH E 3 .   ? -2.384  -5.673  -12.003 1.00 61.58 ? 615 HOH A O   1 
HETATM 1622 O  O   . HOH E 3 .   ? -13.768 -1.979  -20.356 1.00 63.23 ? 616 HOH A O   1 
HETATM 1623 O  O   . HOH E 3 .   ? 15.451  4.956   -14.490 1.00 64.56 ? 617 HOH A O   1 
HETATM 1624 O  O   . HOH E 3 .   ? 5.812   17.512  24.313  1.00 68.81 ? 618 HOH A O   1 
HETATM 1625 O  O   . HOH E 3 .   ? 8.245   -3.628  13.267  1.00 56.11 ? 619 HOH A O   1 
HETATM 1626 O  O   . HOH E 3 .   ? 9.211   5.444   13.547  1.00 60.36 ? 620 HOH A O   1 
HETATM 1627 O  O   . HOH E 3 .   ? -6.172  0.993   31.804  1.00 78.06 ? 621 HOH A O   1 
HETATM 1628 O  O   . HOH E 3 .   ? -28.982 -9.180  5.466   1.00 72.59 ? 622 HOH A O   1 
HETATM 1629 O  O   . HOH E 3 .   ? 14.136  19.514  -0.940  1.00 50.64 ? 623 HOH A O   1 
# 
